data_4MO7
# 
_entry.id   4MO7 
# 
_audit_conform.dict_name       mmcif_pdbx.dic 
_audit_conform.dict_version    5.403 
_audit_conform.dict_location   http://mmcif.pdb.org/dictionaries/ascii/mmcif_pdbx.dic 
# 
loop_
_database_2.database_id 
_database_2.database_code 
_database_2.pdbx_database_accession 
_database_2.pdbx_DOI 
PDB   4MO7         pdb_00004mo7 10.2210/pdb4mo7/pdb 
RCSB  RCSB082157   ?            ?                   
WWPDB D_1000082157 ?            ?                   
# 
loop_
_pdbx_audit_revision_history.ordinal 
_pdbx_audit_revision_history.data_content_type 
_pdbx_audit_revision_history.major_revision 
_pdbx_audit_revision_history.minor_revision 
_pdbx_audit_revision_history.revision_date 
_pdbx_audit_revision_history.part_number 
1 'Structure model' 1 0 2014-02-05 ? 
2 'Structure model' 1 1 2025-03-26 ? 
# 
_pdbx_audit_revision_details.ordinal             1 
_pdbx_audit_revision_details.revision_ordinal    1 
_pdbx_audit_revision_details.data_content_type   'Structure model' 
_pdbx_audit_revision_details.provider            repository 
_pdbx_audit_revision_details.type                'Initial release' 
_pdbx_audit_revision_details.description         ? 
_pdbx_audit_revision_details.details             ? 
# 
loop_
_pdbx_audit_revision_group.ordinal 
_pdbx_audit_revision_group.revision_ordinal 
_pdbx_audit_revision_group.data_content_type 
_pdbx_audit_revision_group.group 
1 2 'Structure model' 'Data collection'      
2 2 'Structure model' 'Database references'  
3 2 'Structure model' 'Derived calculations' 
4 2 'Structure model' 'Structure summary'    
# 
loop_
_pdbx_audit_revision_category.ordinal 
_pdbx_audit_revision_category.revision_ordinal 
_pdbx_audit_revision_category.data_content_type 
_pdbx_audit_revision_category.category 
1 2 'Structure model' chem_comp_atom            
2 2 'Structure model' chem_comp_bond            
3 2 'Structure model' database_2                
4 2 'Structure model' pdbx_entry_details        
5 2 'Structure model' pdbx_modification_feature 
6 2 'Structure model' struct_conn               
7 2 'Structure model' struct_ref_seq_dif        
8 2 'Structure model' struct_site               
# 
loop_
_pdbx_audit_revision_item.ordinal 
_pdbx_audit_revision_item.revision_ordinal 
_pdbx_audit_revision_item.data_content_type 
_pdbx_audit_revision_item.item 
1 2 'Structure model' '_database_2.pdbx_DOI'                
2 2 'Structure model' '_database_2.pdbx_database_accession' 
3 2 'Structure model' '_struct_conn.pdbx_leaving_atom_flag' 
4 2 'Structure model' '_struct_ref_seq_dif.details'         
5 2 'Structure model' '_struct_site.pdbx_auth_asym_id'      
6 2 'Structure model' '_struct_site.pdbx_auth_comp_id'      
7 2 'Structure model' '_struct_site.pdbx_auth_seq_id'       
# 
_pdbx_database_status.status_code                     REL 
_pdbx_database_status.entry_id                        4MO7 
_pdbx_database_status.recvd_initial_deposition_date   2013-09-11 
_pdbx_database_status.deposit_site                    RCSB 
_pdbx_database_status.process_site                    RCSB 
_pdbx_database_status.status_code_sf                  REL 
_pdbx_database_status.status_code_mr                  ? 
_pdbx_database_status.SG_entry                        ? 
_pdbx_database_status.status_code_cs                  ? 
_pdbx_database_status.methods_development_category    ? 
_pdbx_database_status.pdb_format_compatible           Y 
_pdbx_database_status.status_code_nmr_data            ? 
# 
loop_
_audit_author.name 
_audit_author.pdbx_ordinal 
'Liu, L.H.' 1 
'Chen, H.'  2 
'Li, H.M.'  3 
# 
_citation.id                        primary 
_citation.title                     
;Pfit is a structurally novel Crohn's disease-associated superantigen.
;
_citation.journal_abbrev            'Plos Pathog.' 
_citation.journal_volume            9 
_citation.page_first                e1003837 
_citation.page_last                 e1003837 
_citation.year                      2013 
_citation.journal_id_ASTM           ? 
_citation.country                   US 
_citation.journal_id_ISSN           1553-7366 
_citation.journal_id_CSD            ? 
_citation.book_publisher            ? 
_citation.pdbx_database_id_PubMed   24385909 
_citation.pdbx_database_id_DOI      10.1371/journal.ppat.1003837 
# 
loop_
_citation_author.citation_id 
_citation_author.name 
_citation_author.ordinal 
_citation_author.identifier_ORCID 
primary 'Liu, L.'       1  ? 
primary 'Chen, H.'      2  ? 
primary 'Brecher, M.B.' 3  ? 
primary 'Li, Z.'        4  ? 
primary 'Wei, B.'       5  ? 
primary 'Nandi, B.'     6  ? 
primary 'Zhang, J.'     7  ? 
primary 'Ling, H.'      8  ? 
primary 'Winslow, G.'   9  ? 
primary 'Braun, J.'     10 ? 
primary 'Li, H.'        11 ? 
# 
loop_
_entity.id 
_entity.type 
_entity.src_method 
_entity.pdbx_description 
_entity.formula_weight 
_entity.pdbx_number_of_molecules 
_entity.pdbx_ec 
_entity.pdbx_mutation 
_entity.pdbx_fragment 
_entity.details 
1 polymer     man 'Transcriptional regulator I2' 23637.109 1   ? ? ? ? 
2 non-polymer syn 'MAGNESIUM ION'                24.305    1   ? ? ? ? 
3 non-polymer syn BETA-MERCAPTOETHANOL           78.133    1   ? ? ? ? 
4 water       nat water                          18.015    111 ? ? ? ? 
# 
_entity_poly.entity_id                      1 
_entity_poly.type                           'polypeptide(L)' 
_entity_poly.nstd_linkage                   no 
_entity_poly.nstd_monomer                   yes 
_entity_poly.pdbx_seq_one_letter_code       
;GPLGSMDEHKALGVMRTMVDSGQLTDPESARGKLLQTAAHLFRNKGFERTTVRDLASAVGIQSGSIFHHFKSKDEILRAV
MEETIHYNTAMMRASLEEASTVRERVLALIR(CME)ELQSIMGGSGEAMAVLVYEWRSLSAEGQAHVLALRDVYEQIWLQ
VLGEAKAAGYIRGDVFITRRFLTGALSWTTTWFRAQGSLTLEELAEEALLMVLKSD
;
_entity_poly.pdbx_seq_one_letter_code_can   
;GPLGSMDEHKALGVMRTMVDSGQLTDPESARGKLLQTAAHLFRNKGFERTTVRDLASAVGIQSGSIFHHFKSKDEILRAV
MEETIHYNTAMMRASLEEASTVRERVLALIRCELQSIMGGSGEAMAVLVYEWRSLSAEGQAHVLALRDVYEQIWLQVLGE
AKAAGYIRGDVFITRRFLTGALSWTTTWFRAQGSLTLEELAEEALLMVLKSD
;
_entity_poly.pdbx_strand_id                 A 
_entity_poly.pdbx_target_identifier         ? 
# 
loop_
_pdbx_entity_nonpoly.entity_id 
_pdbx_entity_nonpoly.name 
_pdbx_entity_nonpoly.comp_id 
2 'MAGNESIUM ION'      MG  
3 BETA-MERCAPTOETHANOL BME 
4 water                HOH 
# 
loop_
_entity_poly_seq.entity_id 
_entity_poly_seq.num 
_entity_poly_seq.mon_id 
_entity_poly_seq.hetero 
1 1   GLY n 
1 2   PRO n 
1 3   LEU n 
1 4   GLY n 
1 5   SER n 
1 6   MET n 
1 7   ASP n 
1 8   GLU n 
1 9   HIS n 
1 10  LYS n 
1 11  ALA n 
1 12  LEU n 
1 13  GLY n 
1 14  VAL n 
1 15  MET n 
1 16  ARG n 
1 17  THR n 
1 18  MET n 
1 19  VAL n 
1 20  ASP n 
1 21  SER n 
1 22  GLY n 
1 23  GLN n 
1 24  LEU n 
1 25  THR n 
1 26  ASP n 
1 27  PRO n 
1 28  GLU n 
1 29  SER n 
1 30  ALA n 
1 31  ARG n 
1 32  GLY n 
1 33  LYS n 
1 34  LEU n 
1 35  LEU n 
1 36  GLN n 
1 37  THR n 
1 38  ALA n 
1 39  ALA n 
1 40  HIS n 
1 41  LEU n 
1 42  PHE n 
1 43  ARG n 
1 44  ASN n 
1 45  LYS n 
1 46  GLY n 
1 47  PHE n 
1 48  GLU n 
1 49  ARG n 
1 50  THR n 
1 51  THR n 
1 52  VAL n 
1 53  ARG n 
1 54  ASP n 
1 55  LEU n 
1 56  ALA n 
1 57  SER n 
1 58  ALA n 
1 59  VAL n 
1 60  GLY n 
1 61  ILE n 
1 62  GLN n 
1 63  SER n 
1 64  GLY n 
1 65  SER n 
1 66  ILE n 
1 67  PHE n 
1 68  HIS n 
1 69  HIS n 
1 70  PHE n 
1 71  LYS n 
1 72  SER n 
1 73  LYS n 
1 74  ASP n 
1 75  GLU n 
1 76  ILE n 
1 77  LEU n 
1 78  ARG n 
1 79  ALA n 
1 80  VAL n 
1 81  MET n 
1 82  GLU n 
1 83  GLU n 
1 84  THR n 
1 85  ILE n 
1 86  HIS n 
1 87  TYR n 
1 88  ASN n 
1 89  THR n 
1 90  ALA n 
1 91  MET n 
1 92  MET n 
1 93  ARG n 
1 94  ALA n 
1 95  SER n 
1 96  LEU n 
1 97  GLU n 
1 98  GLU n 
1 99  ALA n 
1 100 SER n 
1 101 THR n 
1 102 VAL n 
1 103 ARG n 
1 104 GLU n 
1 105 ARG n 
1 106 VAL n 
1 107 LEU n 
1 108 ALA n 
1 109 LEU n 
1 110 ILE n 
1 111 ARG n 
1 112 CME n 
1 113 GLU n 
1 114 LEU n 
1 115 GLN n 
1 116 SER n 
1 117 ILE n 
1 118 MET n 
1 119 GLY n 
1 120 GLY n 
1 121 SER n 
1 122 GLY n 
1 123 GLU n 
1 124 ALA n 
1 125 MET n 
1 126 ALA n 
1 127 VAL n 
1 128 LEU n 
1 129 VAL n 
1 130 TYR n 
1 131 GLU n 
1 132 TRP n 
1 133 ARG n 
1 134 SER n 
1 135 LEU n 
1 136 SER n 
1 137 ALA n 
1 138 GLU n 
1 139 GLY n 
1 140 GLN n 
1 141 ALA n 
1 142 HIS n 
1 143 VAL n 
1 144 LEU n 
1 145 ALA n 
1 146 LEU n 
1 147 ARG n 
1 148 ASP n 
1 149 VAL n 
1 150 TYR n 
1 151 GLU n 
1 152 GLN n 
1 153 ILE n 
1 154 TRP n 
1 155 LEU n 
1 156 GLN n 
1 157 VAL n 
1 158 LEU n 
1 159 GLY n 
1 160 GLU n 
1 161 ALA n 
1 162 LYS n 
1 163 ALA n 
1 164 ALA n 
1 165 GLY n 
1 166 TYR n 
1 167 ILE n 
1 168 ARG n 
1 169 GLY n 
1 170 ASP n 
1 171 VAL n 
1 172 PHE n 
1 173 ILE n 
1 174 THR n 
1 175 ARG n 
1 176 ARG n 
1 177 PHE n 
1 178 LEU n 
1 179 THR n 
1 180 GLY n 
1 181 ALA n 
1 182 LEU n 
1 183 SER n 
1 184 TRP n 
1 185 THR n 
1 186 THR n 
1 187 THR n 
1 188 TRP n 
1 189 PHE n 
1 190 ARG n 
1 191 ALA n 
1 192 GLN n 
1 193 GLY n 
1 194 SER n 
1 195 LEU n 
1 196 THR n 
1 197 LEU n 
1 198 GLU n 
1 199 GLU n 
1 200 LEU n 
1 201 ALA n 
1 202 GLU n 
1 203 GLU n 
1 204 ALA n 
1 205 LEU n 
1 206 LEU n 
1 207 MET n 
1 208 VAL n 
1 209 LEU n 
1 210 LYS n 
1 211 SER n 
1 212 ASP n 
# 
_entity_src_gen.entity_id                          1 
_entity_src_gen.pdbx_src_id                        1 
_entity_src_gen.pdbx_alt_source_flag               sample 
_entity_src_gen.pdbx_seq_type                      ? 
_entity_src_gen.pdbx_beg_seq_num                   ? 
_entity_src_gen.pdbx_end_seq_num                   ? 
_entity_src_gen.gene_src_common_name               ? 
_entity_src_gen.gene_src_genus                     ? 
_entity_src_gen.pdbx_gene_src_gene                 'pfiT, PflA506_3695' 
_entity_src_gen.gene_src_species                   ? 
_entity_src_gen.gene_src_strain                    ? 
_entity_src_gen.gene_src_tissue                    ? 
_entity_src_gen.gene_src_tissue_fraction           ? 
_entity_src_gen.gene_src_details                   ? 
_entity_src_gen.pdbx_gene_src_fragment             ? 
_entity_src_gen.pdbx_gene_src_scientific_name      'Pseudomonas fluorescens A506' 
_entity_src_gen.pdbx_gene_src_ncbi_taxonomy_id     1037911 
_entity_src_gen.pdbx_gene_src_variant              ? 
_entity_src_gen.pdbx_gene_src_cell_line            ? 
_entity_src_gen.pdbx_gene_src_atcc                 ? 
_entity_src_gen.pdbx_gene_src_organ                ? 
_entity_src_gen.pdbx_gene_src_organelle            ? 
_entity_src_gen.pdbx_gene_src_cell                 ? 
_entity_src_gen.pdbx_gene_src_cellular_location    ? 
_entity_src_gen.host_org_common_name               ? 
_entity_src_gen.pdbx_host_org_scientific_name      'Escherichia coli' 
_entity_src_gen.pdbx_host_org_ncbi_taxonomy_id     469008 
_entity_src_gen.host_org_genus                     ? 
_entity_src_gen.pdbx_host_org_gene                 ? 
_entity_src_gen.pdbx_host_org_organ                ? 
_entity_src_gen.host_org_species                   ? 
_entity_src_gen.pdbx_host_org_tissue               ? 
_entity_src_gen.pdbx_host_org_tissue_fraction      ? 
_entity_src_gen.pdbx_host_org_strain               'BL21(DE3)' 
_entity_src_gen.pdbx_host_org_variant              ? 
_entity_src_gen.pdbx_host_org_cell_line            ? 
_entity_src_gen.pdbx_host_org_atcc                 ? 
_entity_src_gen.pdbx_host_org_culture_collection   ? 
_entity_src_gen.pdbx_host_org_cell                 ? 
_entity_src_gen.pdbx_host_org_organelle            ? 
_entity_src_gen.pdbx_host_org_cellular_location    ? 
_entity_src_gen.pdbx_host_org_vector_type          Plasmid 
_entity_src_gen.pdbx_host_org_vector               ? 
_entity_src_gen.host_org_details                   ? 
_entity_src_gen.expression_system_id               ? 
_entity_src_gen.plasmid_name                       pGEX-6P-1 
_entity_src_gen.plasmid_details                    ? 
_entity_src_gen.pdbx_description                   ? 
# 
loop_
_chem_comp.id 
_chem_comp.type 
_chem_comp.mon_nstd_flag 
_chem_comp.name 
_chem_comp.pdbx_synonyms 
_chem_comp.formula 
_chem_comp.formula_weight 
ALA 'L-peptide linking' y ALANINE                            ? 'C3 H7 N O2'     89.093  
ARG 'L-peptide linking' y ARGININE                           ? 'C6 H15 N4 O2 1' 175.209 
ASN 'L-peptide linking' y ASPARAGINE                         ? 'C4 H8 N2 O3'    132.118 
ASP 'L-peptide linking' y 'ASPARTIC ACID'                    ? 'C4 H7 N O4'     133.103 
BME non-polymer         . BETA-MERCAPTOETHANOL               ? 'C2 H6 O S'      78.133  
CME 'L-peptide linking' n 'S,S-(2-HYDROXYETHYL)THIOCYSTEINE' ? 'C5 H11 N O3 S2' 197.276 
GLN 'L-peptide linking' y GLUTAMINE                          ? 'C5 H10 N2 O3'   146.144 
GLU 'L-peptide linking' y 'GLUTAMIC ACID'                    ? 'C5 H9 N O4'     147.129 
GLY 'peptide linking'   y GLYCINE                            ? 'C2 H5 N O2'     75.067  
HIS 'L-peptide linking' y HISTIDINE                          ? 'C6 H10 N3 O2 1' 156.162 
HOH non-polymer         . WATER                              ? 'H2 O'           18.015  
ILE 'L-peptide linking' y ISOLEUCINE                         ? 'C6 H13 N O2'    131.173 
LEU 'L-peptide linking' y LEUCINE                            ? 'C6 H13 N O2'    131.173 
LYS 'L-peptide linking' y LYSINE                             ? 'C6 H15 N2 O2 1' 147.195 
MET 'L-peptide linking' y METHIONINE                         ? 'C5 H11 N O2 S'  149.211 
MG  non-polymer         . 'MAGNESIUM ION'                    ? 'Mg 2'           24.305  
PHE 'L-peptide linking' y PHENYLALANINE                      ? 'C9 H11 N O2'    165.189 
PRO 'L-peptide linking' y PROLINE                            ? 'C5 H9 N O2'     115.130 
SER 'L-peptide linking' y SERINE                             ? 'C3 H7 N O3'     105.093 
THR 'L-peptide linking' y THREONINE                          ? 'C4 H9 N O3'     119.119 
TRP 'L-peptide linking' y TRYPTOPHAN                         ? 'C11 H12 N2 O2'  204.225 
TYR 'L-peptide linking' y TYROSINE                           ? 'C9 H11 N O3'    181.189 
VAL 'L-peptide linking' y VALINE                             ? 'C5 H11 N O2'    117.146 
# 
loop_
_pdbx_poly_seq_scheme.asym_id 
_pdbx_poly_seq_scheme.entity_id 
_pdbx_poly_seq_scheme.seq_id 
_pdbx_poly_seq_scheme.mon_id 
_pdbx_poly_seq_scheme.ndb_seq_num 
_pdbx_poly_seq_scheme.pdb_seq_num 
_pdbx_poly_seq_scheme.auth_seq_num 
_pdbx_poly_seq_scheme.pdb_mon_id 
_pdbx_poly_seq_scheme.auth_mon_id 
_pdbx_poly_seq_scheme.pdb_strand_id 
_pdbx_poly_seq_scheme.pdb_ins_code 
_pdbx_poly_seq_scheme.hetero 
A 1 1   GLY 1   -13 ?   ?   ?   A . n 
A 1 2   PRO 2   -12 ?   ?   ?   A . n 
A 1 3   LEU 3   -11 ?   ?   ?   A . n 
A 1 4   GLY 4   -10 ?   ?   ?   A . n 
A 1 5   SER 5   -9  ?   ?   ?   A . n 
A 1 6   MET 6   -8  ?   ?   ?   A . n 
A 1 7   ASP 7   -7  ?   ?   ?   A . n 
A 1 8   GLU 8   -6  ?   ?   ?   A . n 
A 1 9   HIS 9   -5  ?   ?   ?   A . n 
A 1 10  LYS 10  -4  ?   ?   ?   A . n 
A 1 11  ALA 11  -3  ?   ?   ?   A . n 
A 1 12  LEU 12  -2  ?   ?   ?   A . n 
A 1 13  GLY 13  -1  ?   ?   ?   A . n 
A 1 14  VAL 14  0   ?   ?   ?   A . n 
A 1 15  MET 15  1   ?   ?   ?   A . n 
A 1 16  ARG 16  2   ?   ?   ?   A . n 
A 1 17  THR 17  3   ?   ?   ?   A . n 
A 1 18  MET 18  4   ?   ?   ?   A . n 
A 1 19  VAL 19  5   ?   ?   ?   A . n 
A 1 20  ASP 20  6   ?   ?   ?   A . n 
A 1 21  SER 21  7   ?   ?   ?   A . n 
A 1 22  GLY 22  8   ?   ?   ?   A . n 
A 1 23  GLN 23  9   ?   ?   ?   A . n 
A 1 24  LEU 24  10  ?   ?   ?   A . n 
A 1 25  THR 25  11  11  THR THR A . n 
A 1 26  ASP 26  12  12  ASP ASP A . n 
A 1 27  PRO 27  13  13  PRO PRO A . n 
A 1 28  GLU 28  14  14  GLU GLU A . n 
A 1 29  SER 29  15  15  SER SER A . n 
A 1 30  ALA 30  16  16  ALA ALA A . n 
A 1 31  ARG 31  17  17  ARG ARG A . n 
A 1 32  GLY 32  18  18  GLY GLY A . n 
A 1 33  LYS 33  19  19  LYS LYS A . n 
A 1 34  LEU 34  20  20  LEU LEU A . n 
A 1 35  LEU 35  21  21  LEU LEU A . n 
A 1 36  GLN 36  22  22  GLN GLN A . n 
A 1 37  THR 37  23  23  THR THR A . n 
A 1 38  ALA 38  24  24  ALA ALA A . n 
A 1 39  ALA 39  25  25  ALA ALA A . n 
A 1 40  HIS 40  26  26  HIS HIS A . n 
A 1 41  LEU 41  27  27  LEU LEU A . n 
A 1 42  PHE 42  28  28  PHE PHE A . n 
A 1 43  ARG 43  29  29  ARG ARG A . n 
A 1 44  ASN 44  30  30  ASN ASN A . n 
A 1 45  LYS 45  31  31  LYS LYS A . n 
A 1 46  GLY 46  32  32  GLY GLY A . n 
A 1 47  PHE 47  33  33  PHE PHE A . n 
A 1 48  GLU 48  34  34  GLU GLU A . n 
A 1 49  ARG 49  35  35  ARG ARG A . n 
A 1 50  THR 50  36  36  THR THR A . n 
A 1 51  THR 51  37  37  THR THR A . n 
A 1 52  VAL 52  38  38  VAL VAL A . n 
A 1 53  ARG 53  39  39  ARG ARG A . n 
A 1 54  ASP 54  40  40  ASP ASP A . n 
A 1 55  LEU 55  41  41  LEU LEU A . n 
A 1 56  ALA 56  42  42  ALA ALA A . n 
A 1 57  SER 57  43  43  SER SER A . n 
A 1 58  ALA 58  44  44  ALA ALA A . n 
A 1 59  VAL 59  45  45  VAL VAL A . n 
A 1 60  GLY 60  46  46  GLY GLY A . n 
A 1 61  ILE 61  47  47  ILE ILE A . n 
A 1 62  GLN 62  48  48  GLN GLN A . n 
A 1 63  SER 63  49  49  SER SER A . n 
A 1 64  GLY 64  50  50  GLY GLY A . n 
A 1 65  SER 65  51  51  SER SER A . n 
A 1 66  ILE 66  52  52  ILE ILE A . n 
A 1 67  PHE 67  53  53  PHE PHE A . n 
A 1 68  HIS 68  54  54  HIS HIS A . n 
A 1 69  HIS 69  55  55  HIS HIS A . n 
A 1 70  PHE 70  56  56  PHE PHE A . n 
A 1 71  LYS 71  57  57  LYS LYS A . n 
A 1 72  SER 72  58  58  SER SER A . n 
A 1 73  LYS 73  59  59  LYS LYS A . n 
A 1 74  ASP 74  60  60  ASP ASP A . n 
A 1 75  GLU 75  61  61  GLU GLU A . n 
A 1 76  ILE 76  62  62  ILE ILE A . n 
A 1 77  LEU 77  63  63  LEU LEU A . n 
A 1 78  ARG 78  64  64  ARG ARG A . n 
A 1 79  ALA 79  65  65  ALA ALA A . n 
A 1 80  VAL 80  66  66  VAL VAL A . n 
A 1 81  MET 81  67  67  MET MET A . n 
A 1 82  GLU 82  68  68  GLU GLU A . n 
A 1 83  GLU 83  69  69  GLU GLU A . n 
A 1 84  THR 84  70  70  THR THR A . n 
A 1 85  ILE 85  71  71  ILE ILE A . n 
A 1 86  HIS 86  72  72  HIS HIS A . n 
A 1 87  TYR 87  73  73  TYR TYR A . n 
A 1 88  ASN 88  74  74  ASN ASN A . n 
A 1 89  THR 89  75  75  THR THR A . n 
A 1 90  ALA 90  76  76  ALA ALA A . n 
A 1 91  MET 91  77  77  MET MET A . n 
A 1 92  MET 92  78  78  MET MET A . n 
A 1 93  ARG 93  79  79  ARG ARG A . n 
A 1 94  ALA 94  80  80  ALA ALA A . n 
A 1 95  SER 95  81  81  SER SER A . n 
A 1 96  LEU 96  82  82  LEU LEU A . n 
A 1 97  GLU 97  83  83  GLU GLU A . n 
A 1 98  GLU 98  84  84  GLU GLU A . n 
A 1 99  ALA 99  85  85  ALA ALA A . n 
A 1 100 SER 100 86  86  SER SER A . n 
A 1 101 THR 101 87  87  THR THR A . n 
A 1 102 VAL 102 88  88  VAL VAL A . n 
A 1 103 ARG 103 89  89  ARG ARG A . n 
A 1 104 GLU 104 90  90  GLU GLU A . n 
A 1 105 ARG 105 91  91  ARG ARG A . n 
A 1 106 VAL 106 92  92  VAL VAL A . n 
A 1 107 LEU 107 93  93  LEU LEU A . n 
A 1 108 ALA 108 94  94  ALA ALA A . n 
A 1 109 LEU 109 95  95  LEU LEU A . n 
A 1 110 ILE 110 96  96  ILE ILE A . n 
A 1 111 ARG 111 97  97  ARG ARG A . n 
A 1 112 CME 112 98  98  CME CME A . n 
A 1 113 GLU 113 99  99  GLU GLU A . n 
A 1 114 LEU 114 100 100 LEU LEU A . n 
A 1 115 GLN 115 101 101 GLN GLN A . n 
A 1 116 SER 116 102 102 SER SER A . n 
A 1 117 ILE 117 103 103 ILE ILE A . n 
A 1 118 MET 118 104 104 MET MET A . n 
A 1 119 GLY 119 105 105 GLY GLY A . n 
A 1 120 GLY 120 106 106 GLY GLY A . n 
A 1 121 SER 121 107 107 SER SER A . n 
A 1 122 GLY 122 108 108 GLY GLY A . n 
A 1 123 GLU 123 109 109 GLU GLU A . n 
A 1 124 ALA 124 110 110 ALA ALA A . n 
A 1 125 MET 125 111 111 MET MET A . n 
A 1 126 ALA 126 112 112 ALA ALA A . n 
A 1 127 VAL 127 113 113 VAL VAL A . n 
A 1 128 LEU 128 114 114 LEU LEU A . n 
A 1 129 VAL 129 115 115 VAL VAL A . n 
A 1 130 TYR 130 116 116 TYR TYR A . n 
A 1 131 GLU 131 117 117 GLU GLU A . n 
A 1 132 TRP 132 118 118 TRP TRP A . n 
A 1 133 ARG 133 119 119 ARG ARG A . n 
A 1 134 SER 134 120 120 SER SER A . n 
A 1 135 LEU 135 121 121 LEU LEU A . n 
A 1 136 SER 136 122 122 SER SER A . n 
A 1 137 ALA 137 123 123 ALA ALA A . n 
A 1 138 GLU 138 124 124 GLU GLU A . n 
A 1 139 GLY 139 125 125 GLY GLY A . n 
A 1 140 GLN 140 126 126 GLN GLN A . n 
A 1 141 ALA 141 127 127 ALA ALA A . n 
A 1 142 HIS 142 128 128 HIS HIS A . n 
A 1 143 VAL 143 129 129 VAL VAL A . n 
A 1 144 LEU 144 130 130 LEU LEU A . n 
A 1 145 ALA 145 131 131 ALA ALA A . n 
A 1 146 LEU 146 132 132 LEU LEU A . n 
A 1 147 ARG 147 133 133 ARG ARG A . n 
A 1 148 ASP 148 134 134 ASP ASP A . n 
A 1 149 VAL 149 135 135 VAL VAL A . n 
A 1 150 TYR 150 136 136 TYR TYR A . n 
A 1 151 GLU 151 137 137 GLU GLU A . n 
A 1 152 GLN 152 138 138 GLN GLN A . n 
A 1 153 ILE 153 139 139 ILE ILE A . n 
A 1 154 TRP 154 140 140 TRP TRP A . n 
A 1 155 LEU 155 141 141 LEU LEU A . n 
A 1 156 GLN 156 142 142 GLN GLN A . n 
A 1 157 VAL 157 143 143 VAL VAL A . n 
A 1 158 LEU 158 144 144 LEU LEU A . n 
A 1 159 GLY 159 145 145 GLY GLY A . n 
A 1 160 GLU 160 146 146 GLU GLU A . n 
A 1 161 ALA 161 147 147 ALA ALA A . n 
A 1 162 LYS 162 148 148 LYS LYS A . n 
A 1 163 ALA 163 149 149 ALA ALA A . n 
A 1 164 ALA 164 150 150 ALA ALA A . n 
A 1 165 GLY 165 151 151 GLY GLY A . n 
A 1 166 TYR 166 152 152 TYR TYR A . n 
A 1 167 ILE 167 153 153 ILE ILE A . n 
A 1 168 ARG 168 154 154 ARG ARG A . n 
A 1 169 GLY 169 155 155 GLY GLY A . n 
A 1 170 ASP 170 156 156 ASP ASP A . n 
A 1 171 VAL 171 157 157 VAL VAL A . n 
A 1 172 PHE 172 158 158 PHE PHE A . n 
A 1 173 ILE 173 159 159 ILE ILE A . n 
A 1 174 THR 174 160 160 THR THR A . n 
A 1 175 ARG 175 161 161 ARG ARG A . n 
A 1 176 ARG 176 162 162 ARG ARG A . n 
A 1 177 PHE 177 163 163 PHE PHE A . n 
A 1 178 LEU 178 164 164 LEU LEU A . n 
A 1 179 THR 179 165 165 THR THR A . n 
A 1 180 GLY 180 166 166 GLY GLY A . n 
A 1 181 ALA 181 167 167 ALA ALA A . n 
A 1 182 LEU 182 168 168 LEU LEU A . n 
A 1 183 SER 183 169 169 SER SER A . n 
A 1 184 TRP 184 170 170 TRP TRP A . n 
A 1 185 THR 185 171 171 THR THR A . n 
A 1 186 THR 186 172 172 THR THR A . n 
A 1 187 THR 187 173 173 THR THR A . n 
A 1 188 TRP 188 174 174 TRP TRP A . n 
A 1 189 PHE 189 175 175 PHE PHE A . n 
A 1 190 ARG 190 176 176 ARG ARG A . n 
A 1 191 ALA 191 177 177 ALA ALA A . n 
A 1 192 GLN 192 178 178 GLN GLN A . n 
A 1 193 GLY 193 179 179 GLY GLY A . n 
A 1 194 SER 194 180 180 SER SER A . n 
A 1 195 LEU 195 181 181 LEU LEU A . n 
A 1 196 THR 196 182 182 THR THR A . n 
A 1 197 LEU 197 183 183 LEU LEU A . n 
A 1 198 GLU 198 184 184 GLU GLU A . n 
A 1 199 GLU 199 185 185 GLU GLU A . n 
A 1 200 LEU 200 186 186 LEU LEU A . n 
A 1 201 ALA 201 187 187 ALA ALA A . n 
A 1 202 GLU 202 188 188 GLU GLU A . n 
A 1 203 GLU 203 189 189 GLU GLU A . n 
A 1 204 ALA 204 190 190 ALA ALA A . n 
A 1 205 LEU 205 191 191 LEU LEU A . n 
A 1 206 LEU 206 192 192 LEU LEU A . n 
A 1 207 MET 207 193 193 MET MET A . n 
A 1 208 VAL 208 194 194 VAL VAL A . n 
A 1 209 LEU 209 195 195 LEU LEU A . n 
A 1 210 LYS 210 196 196 LYS LYS A . n 
A 1 211 SER 211 197 197 SER SER A . n 
A 1 212 ASP 212 198 198 ASP ASP A . n 
# 
loop_
_pdbx_nonpoly_scheme.asym_id 
_pdbx_nonpoly_scheme.entity_id 
_pdbx_nonpoly_scheme.mon_id 
_pdbx_nonpoly_scheme.ndb_seq_num 
_pdbx_nonpoly_scheme.pdb_seq_num 
_pdbx_nonpoly_scheme.auth_seq_num 
_pdbx_nonpoly_scheme.pdb_mon_id 
_pdbx_nonpoly_scheme.auth_mon_id 
_pdbx_nonpoly_scheme.pdb_strand_id 
_pdbx_nonpoly_scheme.pdb_ins_code 
B 2 MG  1   201 1   MG  MG  A . 
C 3 BME 1   202 1   BME BME A . 
D 4 HOH 1   301 1   HOH HOH A . 
D 4 HOH 2   302 2   HOH HOH A . 
D 4 HOH 3   303 3   HOH HOH A . 
D 4 HOH 4   304 4   HOH HOH A . 
D 4 HOH 5   305 5   HOH HOH A . 
D 4 HOH 6   306 6   HOH HOH A . 
D 4 HOH 7   307 7   HOH HOH A . 
D 4 HOH 8   308 8   HOH HOH A . 
D 4 HOH 9   309 9   HOH HOH A . 
D 4 HOH 10  310 10  HOH HOH A . 
D 4 HOH 11  311 11  HOH HOH A . 
D 4 HOH 12  312 12  HOH HOH A . 
D 4 HOH 13  313 13  HOH HOH A . 
D 4 HOH 14  314 14  HOH HOH A . 
D 4 HOH 15  315 15  HOH HOH A . 
D 4 HOH 16  316 16  HOH HOH A . 
D 4 HOH 17  317 17  HOH HOH A . 
D 4 HOH 18  318 18  HOH HOH A . 
D 4 HOH 19  319 19  HOH HOH A . 
D 4 HOH 20  320 20  HOH HOH A . 
D 4 HOH 21  321 21  HOH HOH A . 
D 4 HOH 22  322 22  HOH HOH A . 
D 4 HOH 23  323 23  HOH HOH A . 
D 4 HOH 24  324 24  HOH HOH A . 
D 4 HOH 25  325 25  HOH HOH A . 
D 4 HOH 26  326 26  HOH HOH A . 
D 4 HOH 27  327 27  HOH HOH A . 
D 4 HOH 28  328 28  HOH HOH A . 
D 4 HOH 29  329 29  HOH HOH A . 
D 4 HOH 30  330 30  HOH HOH A . 
D 4 HOH 31  331 31  HOH HOH A . 
D 4 HOH 32  332 32  HOH HOH A . 
D 4 HOH 33  333 33  HOH HOH A . 
D 4 HOH 34  334 34  HOH HOH A . 
D 4 HOH 35  335 35  HOH HOH A . 
D 4 HOH 36  336 36  HOH HOH A . 
D 4 HOH 37  337 37  HOH HOH A . 
D 4 HOH 38  338 38  HOH HOH A . 
D 4 HOH 39  339 39  HOH HOH A . 
D 4 HOH 40  340 40  HOH HOH A . 
D 4 HOH 41  341 41  HOH HOH A . 
D 4 HOH 42  342 42  HOH HOH A . 
D 4 HOH 43  343 43  HOH HOH A . 
D 4 HOH 44  344 44  HOH HOH A . 
D 4 HOH 45  345 45  HOH HOH A . 
D 4 HOH 46  346 46  HOH HOH A . 
D 4 HOH 47  347 47  HOH HOH A . 
D 4 HOH 48  348 48  HOH HOH A . 
D 4 HOH 49  349 49  HOH HOH A . 
D 4 HOH 50  350 50  HOH HOH A . 
D 4 HOH 51  351 51  HOH HOH A . 
D 4 HOH 52  352 52  HOH HOH A . 
D 4 HOH 53  353 53  HOH HOH A . 
D 4 HOH 54  354 54  HOH HOH A . 
D 4 HOH 55  355 55  HOH HOH A . 
D 4 HOH 56  356 56  HOH HOH A . 
D 4 HOH 57  357 57  HOH HOH A . 
D 4 HOH 58  358 58  HOH HOH A . 
D 4 HOH 59  359 59  HOH HOH A . 
D 4 HOH 60  360 60  HOH HOH A . 
D 4 HOH 61  361 61  HOH HOH A . 
D 4 HOH 62  362 62  HOH HOH A . 
D 4 HOH 63  363 63  HOH HOH A . 
D 4 HOH 64  364 64  HOH HOH A . 
D 4 HOH 65  365 65  HOH HOH A . 
D 4 HOH 66  366 66  HOH HOH A . 
D 4 HOH 67  367 67  HOH HOH A . 
D 4 HOH 68  368 68  HOH HOH A . 
D 4 HOH 69  369 69  HOH HOH A . 
D 4 HOH 70  370 70  HOH HOH A . 
D 4 HOH 71  371 71  HOH HOH A . 
D 4 HOH 72  372 72  HOH HOH A . 
D 4 HOH 73  373 73  HOH HOH A . 
D 4 HOH 74  374 74  HOH HOH A . 
D 4 HOH 75  375 75  HOH HOH A . 
D 4 HOH 76  376 76  HOH HOH A . 
D 4 HOH 77  377 77  HOH HOH A . 
D 4 HOH 78  378 78  HOH HOH A . 
D 4 HOH 79  379 79  HOH HOH A . 
D 4 HOH 80  380 80  HOH HOH A . 
D 4 HOH 81  381 81  HOH HOH A . 
D 4 HOH 82  382 82  HOH HOH A . 
D 4 HOH 83  383 83  HOH HOH A . 
D 4 HOH 84  384 84  HOH HOH A . 
D 4 HOH 85  385 85  HOH HOH A . 
D 4 HOH 86  386 86  HOH HOH A . 
D 4 HOH 87  387 87  HOH HOH A . 
D 4 HOH 88  388 88  HOH HOH A . 
D 4 HOH 89  389 89  HOH HOH A . 
D 4 HOH 90  390 90  HOH HOH A . 
D 4 HOH 91  391 91  HOH HOH A . 
D 4 HOH 92  392 92  HOH HOH A . 
D 4 HOH 93  393 93  HOH HOH A . 
D 4 HOH 94  394 94  HOH HOH A . 
D 4 HOH 95  395 95  HOH HOH A . 
D 4 HOH 96  396 96  HOH HOH A . 
D 4 HOH 97  397 97  HOH HOH A . 
D 4 HOH 98  398 98  HOH HOH A . 
D 4 HOH 99  399 99  HOH HOH A . 
D 4 HOH 100 400 100 HOH HOH A . 
D 4 HOH 101 401 101 HOH HOH A . 
D 4 HOH 102 402 102 HOH HOH A . 
D 4 HOH 103 403 103 HOH HOH A . 
D 4 HOH 104 404 104 HOH HOH A . 
D 4 HOH 105 405 105 HOH HOH A . 
D 4 HOH 106 406 106 HOH HOH A . 
D 4 HOH 107 407 107 HOH HOH A . 
D 4 HOH 108 408 108 HOH HOH A . 
D 4 HOH 109 409 109 HOH HOH A . 
D 4 HOH 110 410 110 HOH HOH A . 
D 4 HOH 111 411 111 HOH HOH A . 
# 
loop_
_software.name 
_software.classification 
_software.version 
_software.citation_id 
_software.pdbx_ordinal 
CBASS    'data collection' .                            ? 1 
PHENIX   'model building'  '(phenix.refine: 1.7.3_928)' ? 2 
PHENIX   refinement        '(phenix.refine: 1.7.3_928)' ? 3 
HKL-2000 'data reduction'  .                            ? 4 
HKL-2000 'data scaling'    .                            ? 5 
PHENIX   phasing           1.7.3_928                    ? 6 
# 
_cell.entry_id           4MO7 
_cell.length_a           37.226 
_cell.length_b           93.661 
_cell.length_c           53.557 
_cell.angle_alpha        90.00 
_cell.angle_beta         109.82 
_cell.angle_gamma        90.00 
_cell.Z_PDB              4 
_cell.pdbx_unique_axis   ? 
_cell.length_a_esd       ? 
_cell.length_b_esd       ? 
_cell.length_c_esd       ? 
_cell.angle_alpha_esd    ? 
_cell.angle_beta_esd     ? 
_cell.angle_gamma_esd    ? 
# 
_symmetry.entry_id                         4MO7 
_symmetry.space_group_name_H-M             'C 1 2 1' 
_symmetry.pdbx_full_space_group_name_H-M   ? 
_symmetry.cell_setting                     ? 
_symmetry.Int_Tables_number                5 
_symmetry.space_group_name_Hall            ? 
# 
_exptl.entry_id          4MO7 
_exptl.method            'X-RAY DIFFRACTION' 
_exptl.crystals_number   1 
# 
_exptl_crystal.id                    1 
_exptl_crystal.density_meas          ? 
_exptl_crystal.density_Matthews      1.86 
_exptl_crystal.density_percent_sol   33.80 
_exptl_crystal.description           ? 
_exptl_crystal.F_000                 ? 
_exptl_crystal.preparation           ? 
# 
_exptl_crystal_grow.crystal_id      1 
_exptl_crystal_grow.method          'VAPOR DIFFUSION, HANGING DROP' 
_exptl_crystal_grow.temp            298 
_exptl_crystal_grow.temp_details    ? 
_exptl_crystal_grow.pH              8 
_exptl_crystal_grow.pdbx_details    
;4-8% PEG 3350, 0.1 M Tris, 0.2 M ammonium acetate, 5 mM MgCl2, 5 mM DTT, 5% isopropanol, and 5% glycerol, VAPOR DIFFUSION, HANGING DROP, temperature 298K
;
_exptl_crystal_grow.pdbx_pH_range   ? 
# 
_diffrn.id                     1 
_diffrn.ambient_temp           100 
_diffrn.ambient_temp_details   ? 
_diffrn.crystal_id             1 
# 
_diffrn_detector.diffrn_id              1 
_diffrn_detector.detector               CCD 
_diffrn_detector.type                   'ADSC QUANTUM 4' 
_diffrn_detector.pdbx_collection_date   2005-02-11 
_diffrn_detector.details                ? 
# 
_diffrn_radiation.diffrn_id                        1 
_diffrn_radiation.wavelength_id                    1 
_diffrn_radiation.pdbx_monochromatic_or_laue_m_l   M 
_diffrn_radiation.monochromator                    mirror 
_diffrn_radiation.pdbx_diffrn_protocol             'SINGLE WAVELENGTH' 
_diffrn_radiation.pdbx_scattering_type             x-ray 
# 
_diffrn_radiation_wavelength.id           1 
_diffrn_radiation_wavelength.wavelength   1.04023 
_diffrn_radiation_wavelength.wt           1.0 
# 
_diffrn_source.diffrn_id                   1 
_diffrn_source.source                      SYNCHROTRON 
_diffrn_source.type                        'NSLS BEAMLINE X4A' 
_diffrn_source.pdbx_synchrotron_site       NSLS 
_diffrn_source.pdbx_synchrotron_beamline   X4A 
_diffrn_source.pdbx_wavelength             ? 
_diffrn_source.pdbx_wavelength_list        1.04023 
# 
_reflns.entry_id                     4MO7 
_reflns.observed_criterion_sigma_I   1 
_reflns.observed_criterion_sigma_F   1 
_reflns.d_resolution_low             50 
_reflns.d_resolution_high            1.7 
_reflns.number_obs                   18843 
_reflns.number_all                   57293 
_reflns.percent_possible_obs         99.6 
_reflns.pdbx_Rmerge_I_obs            0.049 
_reflns.pdbx_Rsym_value              0.049 
_reflns.pdbx_netI_over_sigmaI        30.3 
_reflns.B_iso_Wilson_estimate        ? 
_reflns.pdbx_redundancy              3 
_reflns.R_free_details               ? 
_reflns.limit_h_max                  ? 
_reflns.limit_h_min                  ? 
_reflns.limit_k_max                  ? 
_reflns.limit_k_min                  ? 
_reflns.limit_l_max                  ? 
_reflns.limit_l_min                  ? 
_reflns.observed_criterion_F_max     ? 
_reflns.observed_criterion_F_min     ? 
_reflns.pdbx_chi_squared             ? 
_reflns.pdbx_scaling_rejects         ? 
_reflns.pdbx_ordinal                 1 
_reflns.pdbx_diffrn_id               1 
# 
_reflns_shell.d_res_high             1.7 
_reflns_shell.d_res_low              1.76 
_reflns_shell.percent_possible_all   98.8 
_reflns_shell.Rmerge_I_obs           .556 
_reflns_shell.pdbx_Rsym_value        .556 
_reflns_shell.meanI_over_sigI_obs    2.7 
_reflns_shell.pdbx_redundancy        2.8 
_reflns_shell.percent_possible_obs   ? 
_reflns_shell.number_unique_all      1851 
_reflns_shell.number_measured_all    ? 
_reflns_shell.number_measured_obs    ? 
_reflns_shell.number_unique_obs      ? 
_reflns_shell.pdbx_chi_squared       ? 
_reflns_shell.pdbx_ordinal           1 
_reflns_shell.pdbx_diffrn_id         1 
# 
_refine.entry_id                                 4MO7 
_refine.ls_number_reflns_obs                     18840 
_refine.ls_number_reflns_all                     18840 
_refine.pdbx_ls_sigma_I                          ? 
_refine.pdbx_ls_sigma_F                          1.35 
_refine.pdbx_data_cutoff_high_absF               ? 
_refine.pdbx_data_cutoff_low_absF                ? 
_refine.pdbx_data_cutoff_high_rms_absF           ? 
_refine.ls_d_res_low                             25.192 
_refine.ls_d_res_high                            1.701 
_refine.ls_percent_reflns_obs                    99.32 
_refine.ls_R_factor_obs                          0.1908 
_refine.ls_R_factor_all                          ? 
_refine.ls_R_factor_R_work                       0.1886 
_refine.ls_R_factor_R_free                       0.2341 
_refine.ls_R_factor_R_free_error                 ? 
_refine.ls_R_factor_R_free_error_details         ? 
_refine.ls_percent_reflns_R_free                 4.98 
_refine.ls_number_reflns_R_free                  938 
_refine.ls_number_parameters                     ? 
_refine.ls_number_restraints                     ? 
_refine.occupancy_min                            ? 
_refine.occupancy_max                            ? 
_refine.correlation_coeff_Fo_to_Fc               ? 
_refine.correlation_coeff_Fo_to_Fc_free          ? 
_refine.B_iso_mean                               ? 
_refine.aniso_B[1][1]                            -1.3004 
_refine.aniso_B[2][2]                            -0.3717 
_refine.aniso_B[3][3]                            1.6721 
_refine.aniso_B[1][2]                            0.0000 
_refine.aniso_B[1][3]                            -1.3445 
_refine.aniso_B[2][3]                            -0.0000 
_refine.solvent_model_details                    'FLAT BULK SOLVENT MODEL' 
_refine.solvent_model_param_ksol                 0.404 
_refine.solvent_model_param_bsol                 61.804 
_refine.pdbx_solvent_vdw_probe_radii             1.00 
_refine.pdbx_solvent_ion_probe_radii             ? 
_refine.pdbx_solvent_shrinkage_radii             0.73 
_refine.pdbx_ls_cross_valid_method               ? 
_refine.details                                  ? 
_refine.pdbx_starting_model                      ? 
_refine.pdbx_method_to_determine_struct          SAD 
_refine.pdbx_isotropic_thermal_model             ? 
_refine.pdbx_stereochemistry_target_values       ML 
_refine.pdbx_stereochem_target_val_spec_case     ? 
_refine.pdbx_R_Free_selection_details            RANDOM 
_refine.pdbx_overall_ESU_R                       ? 
_refine.pdbx_overall_ESU_R_Free                  ? 
_refine.overall_SU_ML                            0.27 
_refine.pdbx_overall_phase_error                 24.75 
_refine.overall_SU_B                             ? 
_refine.overall_SU_R_Cruickshank_DPI             ? 
_refine.ls_redundancy_reflns_obs                 ? 
_refine.B_iso_min                                ? 
_refine.B_iso_max                                ? 
_refine.overall_SU_R_free                        ? 
_refine.ls_wR_factor_R_free                      ? 
_refine.ls_wR_factor_R_work                      ? 
_refine.overall_FOM_free_R_set                   ? 
_refine.overall_FOM_work_R_set                   ? 
_refine.pdbx_diffrn_id                           1 
_refine.pdbx_refine_id                           'X-RAY DIFFRACTION' 
_refine.pdbx_TLS_residual_ADP_flag               ? 
_refine.pdbx_overall_SU_R_free_Cruickshank_DPI   ? 
_refine.pdbx_overall_SU_R_Blow_DPI               ? 
_refine.pdbx_overall_SU_R_free_Blow_DPI          ? 
# 
_refine_hist.pdbx_refine_id                   'X-RAY DIFFRACTION' 
_refine_hist.cycle_id                         LAST 
_refine_hist.pdbx_number_atoms_protein        1482 
_refine_hist.pdbx_number_atoms_nucleic_acid   0 
_refine_hist.pdbx_number_atoms_ligand         5 
_refine_hist.number_atoms_solvent             111 
_refine_hist.number_atoms_total               1598 
_refine_hist.d_res_high                       1.701 
_refine_hist.d_res_low                        25.192 
# 
loop_
_refine_ls_restr.type 
_refine_ls_restr.dev_ideal 
_refine_ls_restr.dev_ideal_target 
_refine_ls_restr.weight 
_refine_ls_restr.number 
_refine_ls_restr.pdbx_restraint_function 
_refine_ls_restr.pdbx_refine_id 
f_bond_d           0.016  ? ? 1568 ? 'X-RAY DIFFRACTION' 
f_angle_d          1.572  ? ? 2121 ? 'X-RAY DIFFRACTION' 
f_dihedral_angle_d 15.408 ? ? 581  ? 'X-RAY DIFFRACTION' 
f_chiral_restr     0.105  ? ? 239  ? 'X-RAY DIFFRACTION' 
f_plane_restr      0.006  ? ? 273  ? 'X-RAY DIFFRACTION' 
# 
loop_
_refine_ls_shell.pdbx_total_number_of_bins_used 
_refine_ls_shell.d_res_high 
_refine_ls_shell.d_res_low 
_refine_ls_shell.number_reflns_R_work 
_refine_ls_shell.R_factor_R_work 
_refine_ls_shell.percent_reflns_obs 
_refine_ls_shell.R_factor_R_free 
_refine_ls_shell.R_factor_R_free_error 
_refine_ls_shell.percent_reflns_R_free 
_refine_ls_shell.number_reflns_R_free 
_refine_ls_shell.number_reflns_all 
_refine_ls_shell.R_factor_all 
_refine_ls_shell.number_reflns_obs 
_refine_ls_shell.redundancy_reflns_obs 
_refine_ls_shell.pdbx_refine_id 
. 1.7006 1.7902  2505 0.3054 97.00  0.3851 . . 134 . . . . 'X-RAY DIFFRACTION' 
. 1.7902 1.9024  2545 0.2441 100.00 0.3442 . . 130 . . . . 'X-RAY DIFFRACTION' 
. 1.9024 2.0492  2559 0.2084 100.00 0.2450 . . 137 . . . . 'X-RAY DIFFRACTION' 
. 2.0492 2.2553  2565 0.1811 100.00 0.2367 . . 130 . . . . 'X-RAY DIFFRACTION' 
. 2.2553 2.5813  2558 0.1705 100.00 0.2304 . . 138 . . . . 'X-RAY DIFFRACTION' 
. 2.5813 3.2511  2580 0.1731 100.00 0.2070 . . 138 . . . . 'X-RAY DIFFRACTION' 
. 3.2511 25.1943 2590 0.1806 99.00  0.2140 . . 131 . . . . 'X-RAY DIFFRACTION' 
# 
_struct.entry_id                  4MO7 
_struct.title                     'Crystal structure of superantigen PfiT' 
_struct.pdbx_model_details        ? 
_struct.pdbx_CASP_flag            ? 
_struct.pdbx_model_type_details   ? 
# 
_struct_keywords.entry_id        4MO7 
_struct_keywords.pdbx_keywords   TRANSCRIPTION 
_struct_keywords.text            'TetR, Superantigen, Transcription' 
# 
loop_
_struct_asym.id 
_struct_asym.pdbx_blank_PDB_chainid_flag 
_struct_asym.pdbx_modified 
_struct_asym.entity_id 
_struct_asym.details 
A N N 1 ? 
B N N 2 ? 
C N N 3 ? 
D N N 4 ? 
# 
_struct_ref.id                         1 
_struct_ref.db_name                    UNP 
_struct_ref.db_code                    I2BPL4_PSEFL 
_struct_ref.pdbx_db_accession          I2BPL4 
_struct_ref.entity_id                  1 
_struct_ref.pdbx_seq_one_letter_code   
;MDEHKALGVMRTMVDSGQLTDPESARGKLLQTAAHLFRNKGFERTTVRDLASAVGIQSGSIFHHFKSKDEILRAVMEETI
HYNTAMMRASLEEASTVRERVLALIRCELQSIMGGSGEAMAVLVYEWRSLSAEGQAHVLALRDVYEQIWLQVLGEAKAAG
YIRGDVFITRRFLTGALSWTTTWFRAQGSLTLEELAEEALLMVLKSD
;
_struct_ref.pdbx_align_begin           1 
_struct_ref.pdbx_db_isoform            ? 
# 
_struct_ref_seq.align_id                      1 
_struct_ref_seq.ref_id                        1 
_struct_ref_seq.pdbx_PDB_id_code              4MO7 
_struct_ref_seq.pdbx_strand_id                A 
_struct_ref_seq.seq_align_beg                 6 
_struct_ref_seq.pdbx_seq_align_beg_ins_code   ? 
_struct_ref_seq.seq_align_end                 212 
_struct_ref_seq.pdbx_seq_align_end_ins_code   ? 
_struct_ref_seq.pdbx_db_accession             I2BPL4 
_struct_ref_seq.db_align_beg                  1 
_struct_ref_seq.pdbx_db_align_beg_ins_code    ? 
_struct_ref_seq.db_align_end                  207 
_struct_ref_seq.pdbx_db_align_end_ins_code    ? 
_struct_ref_seq.pdbx_auth_seq_align_beg       -8 
_struct_ref_seq.pdbx_auth_seq_align_end       198 
# 
loop_
_struct_ref_seq_dif.align_id 
_struct_ref_seq_dif.pdbx_pdb_id_code 
_struct_ref_seq_dif.mon_id 
_struct_ref_seq_dif.pdbx_pdb_strand_id 
_struct_ref_seq_dif.seq_num 
_struct_ref_seq_dif.pdbx_pdb_ins_code 
_struct_ref_seq_dif.pdbx_seq_db_name 
_struct_ref_seq_dif.pdbx_seq_db_accession_code 
_struct_ref_seq_dif.db_mon_id 
_struct_ref_seq_dif.pdbx_seq_db_seq_num 
_struct_ref_seq_dif.details 
_struct_ref_seq_dif.pdbx_auth_seq_num 
_struct_ref_seq_dif.pdbx_ordinal 
1 4MO7 GLY A 1 ? UNP I2BPL4 ? ? 'expression tag' -13 1 
1 4MO7 PRO A 2 ? UNP I2BPL4 ? ? 'expression tag' -12 2 
1 4MO7 LEU A 3 ? UNP I2BPL4 ? ? 'expression tag' -11 3 
1 4MO7 GLY A 4 ? UNP I2BPL4 ? ? 'expression tag' -10 4 
1 4MO7 SER A 5 ? UNP I2BPL4 ? ? 'expression tag' -9  5 
# 
_pdbx_struct_assembly.id                   1 
_pdbx_struct_assembly.details              author_and_software_defined_assembly 
_pdbx_struct_assembly.method_details       PISA 
_pdbx_struct_assembly.oligomeric_details   dimeric 
_pdbx_struct_assembly.oligomeric_count     2 
# 
loop_
_pdbx_struct_assembly_prop.biol_id 
_pdbx_struct_assembly_prop.type 
_pdbx_struct_assembly_prop.value 
_pdbx_struct_assembly_prop.details 
1 'ABSA (A^2)' 2390  ? 
1 MORE         -18   ? 
1 'SSA (A^2)'  18800 ? 
# 
_pdbx_struct_assembly_gen.assembly_id       1 
_pdbx_struct_assembly_gen.oper_expression   1,2 
_pdbx_struct_assembly_gen.asym_id_list      A,B,C,D 
# 
loop_
_pdbx_struct_oper_list.id 
_pdbx_struct_oper_list.type 
_pdbx_struct_oper_list.name 
_pdbx_struct_oper_list.symmetry_operation 
_pdbx_struct_oper_list.matrix[1][1] 
_pdbx_struct_oper_list.matrix[1][2] 
_pdbx_struct_oper_list.matrix[1][3] 
_pdbx_struct_oper_list.vector[1] 
_pdbx_struct_oper_list.matrix[2][1] 
_pdbx_struct_oper_list.matrix[2][2] 
_pdbx_struct_oper_list.matrix[2][3] 
_pdbx_struct_oper_list.vector[2] 
_pdbx_struct_oper_list.matrix[3][1] 
_pdbx_struct_oper_list.matrix[3][2] 
_pdbx_struct_oper_list.matrix[3][3] 
_pdbx_struct_oper_list.vector[3] 
1 'identity operation'         1_555 x,y,z       1.0000000000  0.0000000000  0.0000000000 0.0000000000   0.0000000000  1.0000000000 0.0000000000  0.0000000000  0.0000000000 0.0000000000  1.0000000000  0.0000000000  
2 'crystal symmetry operation' 2_857 -x+3,y,-z+2 -0.4379321522 -0.8330669422 0.3379569497 -21.9522838348 -0.8330669422 0.2347273251 -0.5009017395 -5.5224272192 0.3379569497 -0.5009017395 -0.7967951729 22.8967665256 
# 
_struct_biol.id        1 
_struct_biol.details   ? 
# 
loop_
_struct_conf.conf_type_id 
_struct_conf.id 
_struct_conf.pdbx_PDB_helix_id 
_struct_conf.beg_label_comp_id 
_struct_conf.beg_label_asym_id 
_struct_conf.beg_label_seq_id 
_struct_conf.pdbx_beg_PDB_ins_code 
_struct_conf.end_label_comp_id 
_struct_conf.end_label_asym_id 
_struct_conf.end_label_seq_id 
_struct_conf.pdbx_end_PDB_ins_code 
_struct_conf.beg_auth_comp_id 
_struct_conf.beg_auth_asym_id 
_struct_conf.beg_auth_seq_id 
_struct_conf.end_auth_comp_id 
_struct_conf.end_auth_asym_id 
_struct_conf.end_auth_seq_id 
_struct_conf.pdbx_PDB_helix_class 
_struct_conf.details 
_struct_conf.pdbx_PDB_helix_length 
HELX_P HELX_P1  1  SER A 29  ? GLY A 46  ? SER A 15  GLY A 32  1 ? 18 
HELX_P HELX_P2  2  THR A 51  ? GLY A 60  ? THR A 37  GLY A 46  1 ? 10 
HELX_P HELX_P3  3  GLN A 62  ? HIS A 69  ? GLN A 48  HIS A 55  5 ? 8  
HELX_P HELX_P4  4  SER A 72  ? GLU A 98  ? SER A 58  GLU A 84  1 ? 27 
HELX_P HELX_P5  5  THR A 101 ? MET A 118 ? THR A 87  MET A 104 1 ? 18 
HELX_P HELX_P6  6  SER A 121 ? GLU A 131 ? SER A 107 GLU A 117 1 ? 11 
HELX_P HELX_P7  7  TRP A 132 ? LEU A 135 ? TRP A 118 LEU A 121 5 ? 4  
HELX_P HELX_P8  8  SER A 136 ? ALA A 164 ? SER A 122 ALA A 150 1 ? 29 
HELX_P HELX_P9  9  ASP A 170 ? TRP A 184 ? ASP A 156 TRP A 170 1 ? 15 
HELX_P HELX_P10 10 THR A 185 ? THR A 187 ? THR A 171 THR A 173 5 ? 3  
HELX_P HELX_P11 11 TRP A 188 ? GLY A 193 ? TRP A 174 GLY A 179 1 ? 6  
HELX_P HELX_P12 12 THR A 196 ? LEU A 209 ? THR A 182 LEU A 195 1 ? 14 
# 
_struct_conf_type.id          HELX_P 
_struct_conf_type.criteria    ? 
_struct_conf_type.reference   ? 
# 
loop_
_struct_conn.id 
_struct_conn.conn_type_id 
_struct_conn.pdbx_leaving_atom_flag 
_struct_conn.pdbx_PDB_id 
_struct_conn.ptnr1_label_asym_id 
_struct_conn.ptnr1_label_comp_id 
_struct_conn.ptnr1_label_seq_id 
_struct_conn.ptnr1_label_atom_id 
_struct_conn.pdbx_ptnr1_label_alt_id 
_struct_conn.pdbx_ptnr1_PDB_ins_code 
_struct_conn.pdbx_ptnr1_standard_comp_id 
_struct_conn.ptnr1_symmetry 
_struct_conn.ptnr2_label_asym_id 
_struct_conn.ptnr2_label_comp_id 
_struct_conn.ptnr2_label_seq_id 
_struct_conn.ptnr2_label_atom_id 
_struct_conn.pdbx_ptnr2_label_alt_id 
_struct_conn.pdbx_ptnr2_PDB_ins_code 
_struct_conn.ptnr1_auth_asym_id 
_struct_conn.ptnr1_auth_comp_id 
_struct_conn.ptnr1_auth_seq_id 
_struct_conn.ptnr2_auth_asym_id 
_struct_conn.ptnr2_auth_comp_id 
_struct_conn.ptnr2_auth_seq_id 
_struct_conn.ptnr2_symmetry 
_struct_conn.pdbx_ptnr3_label_atom_id 
_struct_conn.pdbx_ptnr3_label_seq_id 
_struct_conn.pdbx_ptnr3_label_comp_id 
_struct_conn.pdbx_ptnr3_label_asym_id 
_struct_conn.pdbx_ptnr3_label_alt_id 
_struct_conn.pdbx_ptnr3_PDB_ins_code 
_struct_conn.details 
_struct_conn.pdbx_dist_value 
_struct_conn.pdbx_value_order 
_struct_conn.pdbx_role 
covale1 covale both ? A ARG 111 C  ? ? ? 1_555 A CME 112 N ? ? A ARG 97  A CME 98  1_555 ? ? ? ? ? ? ? 1.339 ? ? 
covale2 covale both ? A CME 112 C  ? ? ? 1_555 A GLU 113 N ? ? A CME 98  A GLU 99  1_555 ? ? ? ? ? ? ? 1.336 ? ? 
metalc1 metalc ?    ? B MG  .   MG ? ? ? 1_555 D HOH .   O ? ? A MG  201 A HOH 387 1_555 ? ? ? ? ? ? ? 2.646 ? ? 
metalc2 metalc ?    ? B MG  .   MG ? ? ? 1_555 D HOH .   O ? ? A MG  201 A HOH 411 1_555 ? ? ? ? ? ? ? 2.948 ? ? 
# 
loop_
_struct_conn_type.id 
_struct_conn_type.criteria 
_struct_conn_type.reference 
covale ? ? 
metalc ? ? 
# 
_pdbx_struct_conn_angle.id                    1 
_pdbx_struct_conn_angle.ptnr1_label_atom_id   O 
_pdbx_struct_conn_angle.ptnr1_label_alt_id    ? 
_pdbx_struct_conn_angle.ptnr1_label_asym_id   D 
_pdbx_struct_conn_angle.ptnr1_label_comp_id   HOH 
_pdbx_struct_conn_angle.ptnr1_label_seq_id    . 
_pdbx_struct_conn_angle.ptnr1_auth_atom_id    ? 
_pdbx_struct_conn_angle.ptnr1_auth_asym_id    A 
_pdbx_struct_conn_angle.ptnr1_auth_comp_id    HOH 
_pdbx_struct_conn_angle.ptnr1_auth_seq_id     387 
_pdbx_struct_conn_angle.ptnr1_PDB_ins_code    ? 
_pdbx_struct_conn_angle.ptnr1_symmetry        1_555 
_pdbx_struct_conn_angle.ptnr2_label_atom_id   MG 
_pdbx_struct_conn_angle.ptnr2_label_alt_id    ? 
_pdbx_struct_conn_angle.ptnr2_label_asym_id   B 
_pdbx_struct_conn_angle.ptnr2_label_comp_id   MG 
_pdbx_struct_conn_angle.ptnr2_label_seq_id    . 
_pdbx_struct_conn_angle.ptnr2_auth_atom_id    ? 
_pdbx_struct_conn_angle.ptnr2_auth_asym_id    A 
_pdbx_struct_conn_angle.ptnr2_auth_comp_id    MG 
_pdbx_struct_conn_angle.ptnr2_auth_seq_id     201 
_pdbx_struct_conn_angle.ptnr2_PDB_ins_code    ? 
_pdbx_struct_conn_angle.ptnr2_symmetry        1_555 
_pdbx_struct_conn_angle.ptnr3_label_atom_id   O 
_pdbx_struct_conn_angle.ptnr3_label_alt_id    ? 
_pdbx_struct_conn_angle.ptnr3_label_asym_id   D 
_pdbx_struct_conn_angle.ptnr3_label_comp_id   HOH 
_pdbx_struct_conn_angle.ptnr3_label_seq_id    . 
_pdbx_struct_conn_angle.ptnr3_auth_atom_id    ? 
_pdbx_struct_conn_angle.ptnr3_auth_asym_id    A 
_pdbx_struct_conn_angle.ptnr3_auth_comp_id    HOH 
_pdbx_struct_conn_angle.ptnr3_auth_seq_id     411 
_pdbx_struct_conn_angle.ptnr3_PDB_ins_code    ? 
_pdbx_struct_conn_angle.ptnr3_symmetry        1_555 
_pdbx_struct_conn_angle.value                 79.7 
_pdbx_struct_conn_angle.value_esd             ? 
# 
_pdbx_modification_feature.ordinal                            1 
_pdbx_modification_feature.label_comp_id                      CME 
_pdbx_modification_feature.label_asym_id                      A 
_pdbx_modification_feature.label_seq_id                       112 
_pdbx_modification_feature.label_alt_id                       ? 
_pdbx_modification_feature.modified_residue_label_comp_id     . 
_pdbx_modification_feature.modified_residue_label_asym_id     . 
_pdbx_modification_feature.modified_residue_label_seq_id      . 
_pdbx_modification_feature.modified_residue_label_alt_id      . 
_pdbx_modification_feature.auth_comp_id                       CME 
_pdbx_modification_feature.auth_asym_id                       A 
_pdbx_modification_feature.auth_seq_id                        98 
_pdbx_modification_feature.PDB_ins_code                       ? 
_pdbx_modification_feature.symmetry                           1_555 
_pdbx_modification_feature.modified_residue_auth_comp_id      . 
_pdbx_modification_feature.modified_residue_auth_asym_id      . 
_pdbx_modification_feature.modified_residue_auth_seq_id       . 
_pdbx_modification_feature.modified_residue_PDB_ins_code      . 
_pdbx_modification_feature.modified_residue_symmetry          . 
_pdbx_modification_feature.comp_id_linking_atom               . 
_pdbx_modification_feature.modified_residue_id_linking_atom   . 
_pdbx_modification_feature.modified_residue_id                CYS 
_pdbx_modification_feature.ref_pcm_id                         1 
_pdbx_modification_feature.ref_comp_id                        CME 
_pdbx_modification_feature.type                               Beta-mercaptoethanol 
_pdbx_modification_feature.category                           'Named protein modification' 
# 
loop_
_struct_site.id 
_struct_site.pdbx_evidence_code 
_struct_site.pdbx_auth_asym_id 
_struct_site.pdbx_auth_comp_id 
_struct_site.pdbx_auth_seq_id 
_struct_site.pdbx_auth_ins_code 
_struct_site.pdbx_num_residues 
_struct_site.details 
AC1 Software A MG  201 ? 3 'BINDING SITE FOR RESIDUE MG A 201'  
AC2 Software A BME 202 ? 1 'BINDING SITE FOR RESIDUE BME A 202' 
# 
loop_
_struct_site_gen.id 
_struct_site_gen.site_id 
_struct_site_gen.pdbx_num_res 
_struct_site_gen.label_comp_id 
_struct_site_gen.label_asym_id 
_struct_site_gen.label_seq_id 
_struct_site_gen.pdbx_auth_ins_code 
_struct_site_gen.auth_comp_id 
_struct_site_gen.auth_asym_id 
_struct_site_gen.auth_seq_id 
_struct_site_gen.label_atom_id 
_struct_site_gen.label_alt_id 
_struct_site_gen.symmetry 
_struct_site_gen.details 
1 AC1 3 HIS A 40  ? HIS A 26  . ? 1_555 ? 
2 AC1 3 HOH D .   ? HOH A 387 . ? 1_555 ? 
3 AC1 3 HOH D .   ? HOH A 411 . ? 1_555 ? 
4 AC2 1 GLN A 156 ? GLN A 142 . ? 1_555 ? 
# 
_pdbx_entry_details.entry_id                   4MO7 
_pdbx_entry_details.compound_details           ? 
_pdbx_entry_details.source_details             ? 
_pdbx_entry_details.nonpolymer_details         ? 
_pdbx_entry_details.sequence_details           ? 
_pdbx_entry_details.has_ligand_of_interest     ? 
_pdbx_entry_details.has_protein_modification   Y 
# 
_pdbx_validate_symm_contact.id                1 
_pdbx_validate_symm_contact.PDB_model_num     1 
_pdbx_validate_symm_contact.auth_atom_id_1    O 
_pdbx_validate_symm_contact.auth_asym_id_1    A 
_pdbx_validate_symm_contact.auth_comp_id_1    HOH 
_pdbx_validate_symm_contact.auth_seq_id_1     363 
_pdbx_validate_symm_contact.PDB_ins_code_1    ? 
_pdbx_validate_symm_contact.label_alt_id_1    ? 
_pdbx_validate_symm_contact.site_symmetry_1   1_555 
_pdbx_validate_symm_contact.auth_atom_id_2    O 
_pdbx_validate_symm_contact.auth_asym_id_2    A 
_pdbx_validate_symm_contact.auth_comp_id_2    HOH 
_pdbx_validate_symm_contact.auth_seq_id_2     365 
_pdbx_validate_symm_contact.PDB_ins_code_2    ? 
_pdbx_validate_symm_contact.label_alt_id_2    ? 
_pdbx_validate_symm_contact.site_symmetry_2   2_757 
_pdbx_validate_symm_contact.dist              2.13 
# 
_pdbx_validate_rmsd_angle.id                         1 
_pdbx_validate_rmsd_angle.PDB_model_num              1 
_pdbx_validate_rmsd_angle.auth_atom_id_1             C 
_pdbx_validate_rmsd_angle.auth_asym_id_1             A 
_pdbx_validate_rmsd_angle.auth_comp_id_1             ASP 
_pdbx_validate_rmsd_angle.auth_seq_id_1              12 
_pdbx_validate_rmsd_angle.PDB_ins_code_1             ? 
_pdbx_validate_rmsd_angle.label_alt_id_1             ? 
_pdbx_validate_rmsd_angle.auth_atom_id_2             N 
_pdbx_validate_rmsd_angle.auth_asym_id_2             A 
_pdbx_validate_rmsd_angle.auth_comp_id_2             PRO 
_pdbx_validate_rmsd_angle.auth_seq_id_2              13 
_pdbx_validate_rmsd_angle.PDB_ins_code_2             ? 
_pdbx_validate_rmsd_angle.label_alt_id_2             ? 
_pdbx_validate_rmsd_angle.auth_atom_id_3             CA 
_pdbx_validate_rmsd_angle.auth_asym_id_3             A 
_pdbx_validate_rmsd_angle.auth_comp_id_3             PRO 
_pdbx_validate_rmsd_angle.auth_seq_id_3              13 
_pdbx_validate_rmsd_angle.PDB_ins_code_3             ? 
_pdbx_validate_rmsd_angle.label_alt_id_3             ? 
_pdbx_validate_rmsd_angle.angle_value                128.60 
_pdbx_validate_rmsd_angle.angle_target_value         119.30 
_pdbx_validate_rmsd_angle.angle_deviation            9.30 
_pdbx_validate_rmsd_angle.angle_standard_deviation   1.50 
_pdbx_validate_rmsd_angle.linker_flag                Y 
# 
loop_
_pdbx_validate_torsion.id 
_pdbx_validate_torsion.PDB_model_num 
_pdbx_validate_torsion.auth_comp_id 
_pdbx_validate_torsion.auth_asym_id 
_pdbx_validate_torsion.auth_seq_id 
_pdbx_validate_torsion.PDB_ins_code 
_pdbx_validate_torsion.label_alt_id 
_pdbx_validate_torsion.phi 
_pdbx_validate_torsion.psi 
1 1 SER A 107 ? ? 61.08   -10.10 
2 1 TRP A 174 ? ? -141.25 -16.37 
# 
_pdbx_struct_mod_residue.id               1 
_pdbx_struct_mod_residue.label_asym_id    A 
_pdbx_struct_mod_residue.label_comp_id    CME 
_pdbx_struct_mod_residue.label_seq_id     112 
_pdbx_struct_mod_residue.auth_asym_id     A 
_pdbx_struct_mod_residue.auth_comp_id     CME 
_pdbx_struct_mod_residue.auth_seq_id      98 
_pdbx_struct_mod_residue.PDB_ins_code     ? 
_pdbx_struct_mod_residue.parent_comp_id   CYS 
_pdbx_struct_mod_residue.details          'S,S-(2-HYDROXYETHYL)THIOCYSTEINE' 
# 
loop_
_pdbx_struct_special_symmetry.id 
_pdbx_struct_special_symmetry.PDB_model_num 
_pdbx_struct_special_symmetry.auth_asym_id 
_pdbx_struct_special_symmetry.auth_comp_id 
_pdbx_struct_special_symmetry.auth_seq_id 
_pdbx_struct_special_symmetry.PDB_ins_code 
_pdbx_struct_special_symmetry.label_asym_id 
_pdbx_struct_special_symmetry.label_comp_id 
_pdbx_struct_special_symmetry.label_seq_id 
1 1 A MG  201 ? B MG  . 
2 1 A HOH 357 ? D HOH . 
3 1 A HOH 384 ? D HOH . 
4 1 A HOH 388 ? D HOH . 
# 
loop_
_pdbx_unobs_or_zero_occ_residues.id 
_pdbx_unobs_or_zero_occ_residues.PDB_model_num 
_pdbx_unobs_or_zero_occ_residues.polymer_flag 
_pdbx_unobs_or_zero_occ_residues.occupancy_flag 
_pdbx_unobs_or_zero_occ_residues.auth_asym_id 
_pdbx_unobs_or_zero_occ_residues.auth_comp_id 
_pdbx_unobs_or_zero_occ_residues.auth_seq_id 
_pdbx_unobs_or_zero_occ_residues.PDB_ins_code 
_pdbx_unobs_or_zero_occ_residues.label_asym_id 
_pdbx_unobs_or_zero_occ_residues.label_comp_id 
_pdbx_unobs_or_zero_occ_residues.label_seq_id 
1  1 Y 1 A GLY -13 ? A GLY 1  
2  1 Y 1 A PRO -12 ? A PRO 2  
3  1 Y 1 A LEU -11 ? A LEU 3  
4  1 Y 1 A GLY -10 ? A GLY 4  
5  1 Y 1 A SER -9  ? A SER 5  
6  1 Y 1 A MET -8  ? A MET 6  
7  1 Y 1 A ASP -7  ? A ASP 7  
8  1 Y 1 A GLU -6  ? A GLU 8  
9  1 Y 1 A HIS -5  ? A HIS 9  
10 1 Y 1 A LYS -4  ? A LYS 10 
11 1 Y 1 A ALA -3  ? A ALA 11 
12 1 Y 1 A LEU -2  ? A LEU 12 
13 1 Y 1 A GLY -1  ? A GLY 13 
14 1 Y 1 A VAL 0   ? A VAL 14 
15 1 Y 1 A MET 1   ? A MET 15 
16 1 Y 1 A ARG 2   ? A ARG 16 
17 1 Y 1 A THR 3   ? A THR 17 
18 1 Y 1 A MET 4   ? A MET 18 
19 1 Y 1 A VAL 5   ? A VAL 19 
20 1 Y 1 A ASP 6   ? A ASP 20 
21 1 Y 1 A SER 7   ? A SER 21 
22 1 Y 1 A GLY 8   ? A GLY 22 
23 1 Y 1 A GLN 9   ? A GLN 23 
24 1 Y 1 A LEU 10  ? A LEU 24 
# 
loop_
_chem_comp_atom.comp_id 
_chem_comp_atom.atom_id 
_chem_comp_atom.type_symbol 
_chem_comp_atom.pdbx_aromatic_flag 
_chem_comp_atom.pdbx_stereo_config 
_chem_comp_atom.pdbx_ordinal 
ALA N    N  N N 1   
ALA CA   C  N S 2   
ALA C    C  N N 3   
ALA O    O  N N 4   
ALA CB   C  N N 5   
ALA OXT  O  N N 6   
ALA H    H  N N 7   
ALA H2   H  N N 8   
ALA HA   H  N N 9   
ALA HB1  H  N N 10  
ALA HB2  H  N N 11  
ALA HB3  H  N N 12  
ALA HXT  H  N N 13  
ARG N    N  N N 14  
ARG CA   C  N S 15  
ARG C    C  N N 16  
ARG O    O  N N 17  
ARG CB   C  N N 18  
ARG CG   C  N N 19  
ARG CD   C  N N 20  
ARG NE   N  N N 21  
ARG CZ   C  N N 22  
ARG NH1  N  N N 23  
ARG NH2  N  N N 24  
ARG OXT  O  N N 25  
ARG H    H  N N 26  
ARG H2   H  N N 27  
ARG HA   H  N N 28  
ARG HB2  H  N N 29  
ARG HB3  H  N N 30  
ARG HG2  H  N N 31  
ARG HG3  H  N N 32  
ARG HD2  H  N N 33  
ARG HD3  H  N N 34  
ARG HE   H  N N 35  
ARG HH11 H  N N 36  
ARG HH12 H  N N 37  
ARG HH21 H  N N 38  
ARG HH22 H  N N 39  
ARG HXT  H  N N 40  
ASN N    N  N N 41  
ASN CA   C  N S 42  
ASN C    C  N N 43  
ASN O    O  N N 44  
ASN CB   C  N N 45  
ASN CG   C  N N 46  
ASN OD1  O  N N 47  
ASN ND2  N  N N 48  
ASN OXT  O  N N 49  
ASN H    H  N N 50  
ASN H2   H  N N 51  
ASN HA   H  N N 52  
ASN HB2  H  N N 53  
ASN HB3  H  N N 54  
ASN HD21 H  N N 55  
ASN HD22 H  N N 56  
ASN HXT  H  N N 57  
ASP N    N  N N 58  
ASP CA   C  N S 59  
ASP C    C  N N 60  
ASP O    O  N N 61  
ASP CB   C  N N 62  
ASP CG   C  N N 63  
ASP OD1  O  N N 64  
ASP OD2  O  N N 65  
ASP OXT  O  N N 66  
ASP H    H  N N 67  
ASP H2   H  N N 68  
ASP HA   H  N N 69  
ASP HB2  H  N N 70  
ASP HB3  H  N N 71  
ASP HD2  H  N N 72  
ASP HXT  H  N N 73  
BME C1   C  N N 74  
BME C2   C  N N 75  
BME O1   O  N N 76  
BME S2   S  N N 77  
BME H11  H  N N 78  
BME H12  H  N N 79  
BME H21  H  N N 80  
BME H22  H  N N 81  
BME HO1  H  N N 82  
BME HS2  H  N N 83  
CME N    N  N N 84  
CME CA   C  N R 85  
CME CB   C  N N 86  
CME SG   S  N N 87  
CME SD   S  N N 88  
CME CE   C  N N 89  
CME CZ   C  N N 90  
CME OH   O  N N 91  
CME C    C  N N 92  
CME O    O  N N 93  
CME OXT  O  N N 94  
CME H    H  N N 95  
CME H2   H  N N 96  
CME HA   H  N N 97  
CME HB2  H  N N 98  
CME HB3  H  N N 99  
CME HE2  H  N N 100 
CME HE3  H  N N 101 
CME HZ2  H  N N 102 
CME HZ3  H  N N 103 
CME HH   H  N N 104 
CME HXT  H  N N 105 
GLN N    N  N N 106 
GLN CA   C  N S 107 
GLN C    C  N N 108 
GLN O    O  N N 109 
GLN CB   C  N N 110 
GLN CG   C  N N 111 
GLN CD   C  N N 112 
GLN OE1  O  N N 113 
GLN NE2  N  N N 114 
GLN OXT  O  N N 115 
GLN H    H  N N 116 
GLN H2   H  N N 117 
GLN HA   H  N N 118 
GLN HB2  H  N N 119 
GLN HB3  H  N N 120 
GLN HG2  H  N N 121 
GLN HG3  H  N N 122 
GLN HE21 H  N N 123 
GLN HE22 H  N N 124 
GLN HXT  H  N N 125 
GLU N    N  N N 126 
GLU CA   C  N S 127 
GLU C    C  N N 128 
GLU O    O  N N 129 
GLU CB   C  N N 130 
GLU CG   C  N N 131 
GLU CD   C  N N 132 
GLU OE1  O  N N 133 
GLU OE2  O  N N 134 
GLU OXT  O  N N 135 
GLU H    H  N N 136 
GLU H2   H  N N 137 
GLU HA   H  N N 138 
GLU HB2  H  N N 139 
GLU HB3  H  N N 140 
GLU HG2  H  N N 141 
GLU HG3  H  N N 142 
GLU HE2  H  N N 143 
GLU HXT  H  N N 144 
GLY N    N  N N 145 
GLY CA   C  N N 146 
GLY C    C  N N 147 
GLY O    O  N N 148 
GLY OXT  O  N N 149 
GLY H    H  N N 150 
GLY H2   H  N N 151 
GLY HA2  H  N N 152 
GLY HA3  H  N N 153 
GLY HXT  H  N N 154 
HIS N    N  N N 155 
HIS CA   C  N S 156 
HIS C    C  N N 157 
HIS O    O  N N 158 
HIS CB   C  N N 159 
HIS CG   C  Y N 160 
HIS ND1  N  Y N 161 
HIS CD2  C  Y N 162 
HIS CE1  C  Y N 163 
HIS NE2  N  Y N 164 
HIS OXT  O  N N 165 
HIS H    H  N N 166 
HIS H2   H  N N 167 
HIS HA   H  N N 168 
HIS HB2  H  N N 169 
HIS HB3  H  N N 170 
HIS HD1  H  N N 171 
HIS HD2  H  N N 172 
HIS HE1  H  N N 173 
HIS HE2  H  N N 174 
HIS HXT  H  N N 175 
HOH O    O  N N 176 
HOH H1   H  N N 177 
HOH H2   H  N N 178 
ILE N    N  N N 179 
ILE CA   C  N S 180 
ILE C    C  N N 181 
ILE O    O  N N 182 
ILE CB   C  N S 183 
ILE CG1  C  N N 184 
ILE CG2  C  N N 185 
ILE CD1  C  N N 186 
ILE OXT  O  N N 187 
ILE H    H  N N 188 
ILE H2   H  N N 189 
ILE HA   H  N N 190 
ILE HB   H  N N 191 
ILE HG12 H  N N 192 
ILE HG13 H  N N 193 
ILE HG21 H  N N 194 
ILE HG22 H  N N 195 
ILE HG23 H  N N 196 
ILE HD11 H  N N 197 
ILE HD12 H  N N 198 
ILE HD13 H  N N 199 
ILE HXT  H  N N 200 
LEU N    N  N N 201 
LEU CA   C  N S 202 
LEU C    C  N N 203 
LEU O    O  N N 204 
LEU CB   C  N N 205 
LEU CG   C  N N 206 
LEU CD1  C  N N 207 
LEU CD2  C  N N 208 
LEU OXT  O  N N 209 
LEU H    H  N N 210 
LEU H2   H  N N 211 
LEU HA   H  N N 212 
LEU HB2  H  N N 213 
LEU HB3  H  N N 214 
LEU HG   H  N N 215 
LEU HD11 H  N N 216 
LEU HD12 H  N N 217 
LEU HD13 H  N N 218 
LEU HD21 H  N N 219 
LEU HD22 H  N N 220 
LEU HD23 H  N N 221 
LEU HXT  H  N N 222 
LYS N    N  N N 223 
LYS CA   C  N S 224 
LYS C    C  N N 225 
LYS O    O  N N 226 
LYS CB   C  N N 227 
LYS CG   C  N N 228 
LYS CD   C  N N 229 
LYS CE   C  N N 230 
LYS NZ   N  N N 231 
LYS OXT  O  N N 232 
LYS H    H  N N 233 
LYS H2   H  N N 234 
LYS HA   H  N N 235 
LYS HB2  H  N N 236 
LYS HB3  H  N N 237 
LYS HG2  H  N N 238 
LYS HG3  H  N N 239 
LYS HD2  H  N N 240 
LYS HD3  H  N N 241 
LYS HE2  H  N N 242 
LYS HE3  H  N N 243 
LYS HZ1  H  N N 244 
LYS HZ2  H  N N 245 
LYS HZ3  H  N N 246 
LYS HXT  H  N N 247 
MET N    N  N N 248 
MET CA   C  N S 249 
MET C    C  N N 250 
MET O    O  N N 251 
MET CB   C  N N 252 
MET CG   C  N N 253 
MET SD   S  N N 254 
MET CE   C  N N 255 
MET OXT  O  N N 256 
MET H    H  N N 257 
MET H2   H  N N 258 
MET HA   H  N N 259 
MET HB2  H  N N 260 
MET HB3  H  N N 261 
MET HG2  H  N N 262 
MET HG3  H  N N 263 
MET HE1  H  N N 264 
MET HE2  H  N N 265 
MET HE3  H  N N 266 
MET HXT  H  N N 267 
MG  MG   MG N N 268 
PHE N    N  N N 269 
PHE CA   C  N S 270 
PHE C    C  N N 271 
PHE O    O  N N 272 
PHE CB   C  N N 273 
PHE CG   C  Y N 274 
PHE CD1  C  Y N 275 
PHE CD2  C  Y N 276 
PHE CE1  C  Y N 277 
PHE CE2  C  Y N 278 
PHE CZ   C  Y N 279 
PHE OXT  O  N N 280 
PHE H    H  N N 281 
PHE H2   H  N N 282 
PHE HA   H  N N 283 
PHE HB2  H  N N 284 
PHE HB3  H  N N 285 
PHE HD1  H  N N 286 
PHE HD2  H  N N 287 
PHE HE1  H  N N 288 
PHE HE2  H  N N 289 
PHE HZ   H  N N 290 
PHE HXT  H  N N 291 
PRO N    N  N N 292 
PRO CA   C  N S 293 
PRO C    C  N N 294 
PRO O    O  N N 295 
PRO CB   C  N N 296 
PRO CG   C  N N 297 
PRO CD   C  N N 298 
PRO OXT  O  N N 299 
PRO H    H  N N 300 
PRO HA   H  N N 301 
PRO HB2  H  N N 302 
PRO HB3  H  N N 303 
PRO HG2  H  N N 304 
PRO HG3  H  N N 305 
PRO HD2  H  N N 306 
PRO HD3  H  N N 307 
PRO HXT  H  N N 308 
SER N    N  N N 309 
SER CA   C  N S 310 
SER C    C  N N 311 
SER O    O  N N 312 
SER CB   C  N N 313 
SER OG   O  N N 314 
SER OXT  O  N N 315 
SER H    H  N N 316 
SER H2   H  N N 317 
SER HA   H  N N 318 
SER HB2  H  N N 319 
SER HB3  H  N N 320 
SER HG   H  N N 321 
SER HXT  H  N N 322 
THR N    N  N N 323 
THR CA   C  N S 324 
THR C    C  N N 325 
THR O    O  N N 326 
THR CB   C  N R 327 
THR OG1  O  N N 328 
THR CG2  C  N N 329 
THR OXT  O  N N 330 
THR H    H  N N 331 
THR H2   H  N N 332 
THR HA   H  N N 333 
THR HB   H  N N 334 
THR HG1  H  N N 335 
THR HG21 H  N N 336 
THR HG22 H  N N 337 
THR HG23 H  N N 338 
THR HXT  H  N N 339 
TRP N    N  N N 340 
TRP CA   C  N S 341 
TRP C    C  N N 342 
TRP O    O  N N 343 
TRP CB   C  N N 344 
TRP CG   C  Y N 345 
TRP CD1  C  Y N 346 
TRP CD2  C  Y N 347 
TRP NE1  N  Y N 348 
TRP CE2  C  Y N 349 
TRP CE3  C  Y N 350 
TRP CZ2  C  Y N 351 
TRP CZ3  C  Y N 352 
TRP CH2  C  Y N 353 
TRP OXT  O  N N 354 
TRP H    H  N N 355 
TRP H2   H  N N 356 
TRP HA   H  N N 357 
TRP HB2  H  N N 358 
TRP HB3  H  N N 359 
TRP HD1  H  N N 360 
TRP HE1  H  N N 361 
TRP HE3  H  N N 362 
TRP HZ2  H  N N 363 
TRP HZ3  H  N N 364 
TRP HH2  H  N N 365 
TRP HXT  H  N N 366 
TYR N    N  N N 367 
TYR CA   C  N S 368 
TYR C    C  N N 369 
TYR O    O  N N 370 
TYR CB   C  N N 371 
TYR CG   C  Y N 372 
TYR CD1  C  Y N 373 
TYR CD2  C  Y N 374 
TYR CE1  C  Y N 375 
TYR CE2  C  Y N 376 
TYR CZ   C  Y N 377 
TYR OH   O  N N 378 
TYR OXT  O  N N 379 
TYR H    H  N N 380 
TYR H2   H  N N 381 
TYR HA   H  N N 382 
TYR HB2  H  N N 383 
TYR HB3  H  N N 384 
TYR HD1  H  N N 385 
TYR HD2  H  N N 386 
TYR HE1  H  N N 387 
TYR HE2  H  N N 388 
TYR HH   H  N N 389 
TYR HXT  H  N N 390 
VAL N    N  N N 391 
VAL CA   C  N S 392 
VAL C    C  N N 393 
VAL O    O  N N 394 
VAL CB   C  N N 395 
VAL CG1  C  N N 396 
VAL CG2  C  N N 397 
VAL OXT  O  N N 398 
VAL H    H  N N 399 
VAL H2   H  N N 400 
VAL HA   H  N N 401 
VAL HB   H  N N 402 
VAL HG11 H  N N 403 
VAL HG12 H  N N 404 
VAL HG13 H  N N 405 
VAL HG21 H  N N 406 
VAL HG22 H  N N 407 
VAL HG23 H  N N 408 
VAL HXT  H  N N 409 
# 
loop_
_chem_comp_bond.comp_id 
_chem_comp_bond.atom_id_1 
_chem_comp_bond.atom_id_2 
_chem_comp_bond.value_order 
_chem_comp_bond.pdbx_aromatic_flag 
_chem_comp_bond.pdbx_stereo_config 
_chem_comp_bond.pdbx_ordinal 
ALA N   CA   sing N N 1   
ALA N   H    sing N N 2   
ALA N   H2   sing N N 3   
ALA CA  C    sing N N 4   
ALA CA  CB   sing N N 5   
ALA CA  HA   sing N N 6   
ALA C   O    doub N N 7   
ALA C   OXT  sing N N 8   
ALA CB  HB1  sing N N 9   
ALA CB  HB2  sing N N 10  
ALA CB  HB3  sing N N 11  
ALA OXT HXT  sing N N 12  
ARG N   CA   sing N N 13  
ARG N   H    sing N N 14  
ARG N   H2   sing N N 15  
ARG CA  C    sing N N 16  
ARG CA  CB   sing N N 17  
ARG CA  HA   sing N N 18  
ARG C   O    doub N N 19  
ARG C   OXT  sing N N 20  
ARG CB  CG   sing N N 21  
ARG CB  HB2  sing N N 22  
ARG CB  HB3  sing N N 23  
ARG CG  CD   sing N N 24  
ARG CG  HG2  sing N N 25  
ARG CG  HG3  sing N N 26  
ARG CD  NE   sing N N 27  
ARG CD  HD2  sing N N 28  
ARG CD  HD3  sing N N 29  
ARG NE  CZ   sing N N 30  
ARG NE  HE   sing N N 31  
ARG CZ  NH1  sing N N 32  
ARG CZ  NH2  doub N N 33  
ARG NH1 HH11 sing N N 34  
ARG NH1 HH12 sing N N 35  
ARG NH2 HH21 sing N N 36  
ARG NH2 HH22 sing N N 37  
ARG OXT HXT  sing N N 38  
ASN N   CA   sing N N 39  
ASN N   H    sing N N 40  
ASN N   H2   sing N N 41  
ASN CA  C    sing N N 42  
ASN CA  CB   sing N N 43  
ASN CA  HA   sing N N 44  
ASN C   O    doub N N 45  
ASN C   OXT  sing N N 46  
ASN CB  CG   sing N N 47  
ASN CB  HB2  sing N N 48  
ASN CB  HB3  sing N N 49  
ASN CG  OD1  doub N N 50  
ASN CG  ND2  sing N N 51  
ASN ND2 HD21 sing N N 52  
ASN ND2 HD22 sing N N 53  
ASN OXT HXT  sing N N 54  
ASP N   CA   sing N N 55  
ASP N   H    sing N N 56  
ASP N   H2   sing N N 57  
ASP CA  C    sing N N 58  
ASP CA  CB   sing N N 59  
ASP CA  HA   sing N N 60  
ASP C   O    doub N N 61  
ASP C   OXT  sing N N 62  
ASP CB  CG   sing N N 63  
ASP CB  HB2  sing N N 64  
ASP CB  HB3  sing N N 65  
ASP CG  OD1  doub N N 66  
ASP CG  OD2  sing N N 67  
ASP OD2 HD2  sing N N 68  
ASP OXT HXT  sing N N 69  
BME C1  C2   sing N N 70  
BME C1  O1   sing N N 71  
BME C1  H11  sing N N 72  
BME C1  H12  sing N N 73  
BME C2  S2   sing N N 74  
BME C2  H21  sing N N 75  
BME C2  H22  sing N N 76  
BME O1  HO1  sing N N 77  
BME S2  HS2  sing N N 78  
CME N   CA   sing N N 79  
CME N   H    sing N N 80  
CME N   H2   sing N N 81  
CME CA  CB   sing N N 82  
CME CA  C    sing N N 83  
CME CA  HA   sing N N 84  
CME CB  SG   sing N N 85  
CME CB  HB2  sing N N 86  
CME CB  HB3  sing N N 87  
CME SG  SD   sing N N 88  
CME SD  CE   sing N N 89  
CME CE  CZ   sing N N 90  
CME CE  HE2  sing N N 91  
CME CE  HE3  sing N N 92  
CME CZ  OH   sing N N 93  
CME CZ  HZ2  sing N N 94  
CME CZ  HZ3  sing N N 95  
CME OH  HH   sing N N 96  
CME C   O    doub N N 97  
CME C   OXT  sing N N 98  
CME OXT HXT  sing N N 99  
GLN N   CA   sing N N 100 
GLN N   H    sing N N 101 
GLN N   H2   sing N N 102 
GLN CA  C    sing N N 103 
GLN CA  CB   sing N N 104 
GLN CA  HA   sing N N 105 
GLN C   O    doub N N 106 
GLN C   OXT  sing N N 107 
GLN CB  CG   sing N N 108 
GLN CB  HB2  sing N N 109 
GLN CB  HB3  sing N N 110 
GLN CG  CD   sing N N 111 
GLN CG  HG2  sing N N 112 
GLN CG  HG3  sing N N 113 
GLN CD  OE1  doub N N 114 
GLN CD  NE2  sing N N 115 
GLN NE2 HE21 sing N N 116 
GLN NE2 HE22 sing N N 117 
GLN OXT HXT  sing N N 118 
GLU N   CA   sing N N 119 
GLU N   H    sing N N 120 
GLU N   H2   sing N N 121 
GLU CA  C    sing N N 122 
GLU CA  CB   sing N N 123 
GLU CA  HA   sing N N 124 
GLU C   O    doub N N 125 
GLU C   OXT  sing N N 126 
GLU CB  CG   sing N N 127 
GLU CB  HB2  sing N N 128 
GLU CB  HB3  sing N N 129 
GLU CG  CD   sing N N 130 
GLU CG  HG2  sing N N 131 
GLU CG  HG3  sing N N 132 
GLU CD  OE1  doub N N 133 
GLU CD  OE2  sing N N 134 
GLU OE2 HE2  sing N N 135 
GLU OXT HXT  sing N N 136 
GLY N   CA   sing N N 137 
GLY N   H    sing N N 138 
GLY N   H2   sing N N 139 
GLY CA  C    sing N N 140 
GLY CA  HA2  sing N N 141 
GLY CA  HA3  sing N N 142 
GLY C   O    doub N N 143 
GLY C   OXT  sing N N 144 
GLY OXT HXT  sing N N 145 
HIS N   CA   sing N N 146 
HIS N   H    sing N N 147 
HIS N   H2   sing N N 148 
HIS CA  C    sing N N 149 
HIS CA  CB   sing N N 150 
HIS CA  HA   sing N N 151 
HIS C   O    doub N N 152 
HIS C   OXT  sing N N 153 
HIS CB  CG   sing N N 154 
HIS CB  HB2  sing N N 155 
HIS CB  HB3  sing N N 156 
HIS CG  ND1  sing Y N 157 
HIS CG  CD2  doub Y N 158 
HIS ND1 CE1  doub Y N 159 
HIS ND1 HD1  sing N N 160 
HIS CD2 NE2  sing Y N 161 
HIS CD2 HD2  sing N N 162 
HIS CE1 NE2  sing Y N 163 
HIS CE1 HE1  sing N N 164 
HIS NE2 HE2  sing N N 165 
HIS OXT HXT  sing N N 166 
HOH O   H1   sing N N 167 
HOH O   H2   sing N N 168 
ILE N   CA   sing N N 169 
ILE N   H    sing N N 170 
ILE N   H2   sing N N 171 
ILE CA  C    sing N N 172 
ILE CA  CB   sing N N 173 
ILE CA  HA   sing N N 174 
ILE C   O    doub N N 175 
ILE C   OXT  sing N N 176 
ILE CB  CG1  sing N N 177 
ILE CB  CG2  sing N N 178 
ILE CB  HB   sing N N 179 
ILE CG1 CD1  sing N N 180 
ILE CG1 HG12 sing N N 181 
ILE CG1 HG13 sing N N 182 
ILE CG2 HG21 sing N N 183 
ILE CG2 HG22 sing N N 184 
ILE CG2 HG23 sing N N 185 
ILE CD1 HD11 sing N N 186 
ILE CD1 HD12 sing N N 187 
ILE CD1 HD13 sing N N 188 
ILE OXT HXT  sing N N 189 
LEU N   CA   sing N N 190 
LEU N   H    sing N N 191 
LEU N   H2   sing N N 192 
LEU CA  C    sing N N 193 
LEU CA  CB   sing N N 194 
LEU CA  HA   sing N N 195 
LEU C   O    doub N N 196 
LEU C   OXT  sing N N 197 
LEU CB  CG   sing N N 198 
LEU CB  HB2  sing N N 199 
LEU CB  HB3  sing N N 200 
LEU CG  CD1  sing N N 201 
LEU CG  CD2  sing N N 202 
LEU CG  HG   sing N N 203 
LEU CD1 HD11 sing N N 204 
LEU CD1 HD12 sing N N 205 
LEU CD1 HD13 sing N N 206 
LEU CD2 HD21 sing N N 207 
LEU CD2 HD22 sing N N 208 
LEU CD2 HD23 sing N N 209 
LEU OXT HXT  sing N N 210 
LYS N   CA   sing N N 211 
LYS N   H    sing N N 212 
LYS N   H2   sing N N 213 
LYS CA  C    sing N N 214 
LYS CA  CB   sing N N 215 
LYS CA  HA   sing N N 216 
LYS C   O    doub N N 217 
LYS C   OXT  sing N N 218 
LYS CB  CG   sing N N 219 
LYS CB  HB2  sing N N 220 
LYS CB  HB3  sing N N 221 
LYS CG  CD   sing N N 222 
LYS CG  HG2  sing N N 223 
LYS CG  HG3  sing N N 224 
LYS CD  CE   sing N N 225 
LYS CD  HD2  sing N N 226 
LYS CD  HD3  sing N N 227 
LYS CE  NZ   sing N N 228 
LYS CE  HE2  sing N N 229 
LYS CE  HE3  sing N N 230 
LYS NZ  HZ1  sing N N 231 
LYS NZ  HZ2  sing N N 232 
LYS NZ  HZ3  sing N N 233 
LYS OXT HXT  sing N N 234 
MET N   CA   sing N N 235 
MET N   H    sing N N 236 
MET N   H2   sing N N 237 
MET CA  C    sing N N 238 
MET CA  CB   sing N N 239 
MET CA  HA   sing N N 240 
MET C   O    doub N N 241 
MET C   OXT  sing N N 242 
MET CB  CG   sing N N 243 
MET CB  HB2  sing N N 244 
MET CB  HB3  sing N N 245 
MET CG  SD   sing N N 246 
MET CG  HG2  sing N N 247 
MET CG  HG3  sing N N 248 
MET SD  CE   sing N N 249 
MET CE  HE1  sing N N 250 
MET CE  HE2  sing N N 251 
MET CE  HE3  sing N N 252 
MET OXT HXT  sing N N 253 
PHE N   CA   sing N N 254 
PHE N   H    sing N N 255 
PHE N   H2   sing N N 256 
PHE CA  C    sing N N 257 
PHE CA  CB   sing N N 258 
PHE CA  HA   sing N N 259 
PHE C   O    doub N N 260 
PHE C   OXT  sing N N 261 
PHE CB  CG   sing N N 262 
PHE CB  HB2  sing N N 263 
PHE CB  HB3  sing N N 264 
PHE CG  CD1  doub Y N 265 
PHE CG  CD2  sing Y N 266 
PHE CD1 CE1  sing Y N 267 
PHE CD1 HD1  sing N N 268 
PHE CD2 CE2  doub Y N 269 
PHE CD2 HD2  sing N N 270 
PHE CE1 CZ   doub Y N 271 
PHE CE1 HE1  sing N N 272 
PHE CE2 CZ   sing Y N 273 
PHE CE2 HE2  sing N N 274 
PHE CZ  HZ   sing N N 275 
PHE OXT HXT  sing N N 276 
PRO N   CA   sing N N 277 
PRO N   CD   sing N N 278 
PRO N   H    sing N N 279 
PRO CA  C    sing N N 280 
PRO CA  CB   sing N N 281 
PRO CA  HA   sing N N 282 
PRO C   O    doub N N 283 
PRO C   OXT  sing N N 284 
PRO CB  CG   sing N N 285 
PRO CB  HB2  sing N N 286 
PRO CB  HB3  sing N N 287 
PRO CG  CD   sing N N 288 
PRO CG  HG2  sing N N 289 
PRO CG  HG3  sing N N 290 
PRO CD  HD2  sing N N 291 
PRO CD  HD3  sing N N 292 
PRO OXT HXT  sing N N 293 
SER N   CA   sing N N 294 
SER N   H    sing N N 295 
SER N   H2   sing N N 296 
SER CA  C    sing N N 297 
SER CA  CB   sing N N 298 
SER CA  HA   sing N N 299 
SER C   O    doub N N 300 
SER C   OXT  sing N N 301 
SER CB  OG   sing N N 302 
SER CB  HB2  sing N N 303 
SER CB  HB3  sing N N 304 
SER OG  HG   sing N N 305 
SER OXT HXT  sing N N 306 
THR N   CA   sing N N 307 
THR N   H    sing N N 308 
THR N   H2   sing N N 309 
THR CA  C    sing N N 310 
THR CA  CB   sing N N 311 
THR CA  HA   sing N N 312 
THR C   O    doub N N 313 
THR C   OXT  sing N N 314 
THR CB  OG1  sing N N 315 
THR CB  CG2  sing N N 316 
THR CB  HB   sing N N 317 
THR OG1 HG1  sing N N 318 
THR CG2 HG21 sing N N 319 
THR CG2 HG22 sing N N 320 
THR CG2 HG23 sing N N 321 
THR OXT HXT  sing N N 322 
TRP N   CA   sing N N 323 
TRP N   H    sing N N 324 
TRP N   H2   sing N N 325 
TRP CA  C    sing N N 326 
TRP CA  CB   sing N N 327 
TRP CA  HA   sing N N 328 
TRP C   O    doub N N 329 
TRP C   OXT  sing N N 330 
TRP CB  CG   sing N N 331 
TRP CB  HB2  sing N N 332 
TRP CB  HB3  sing N N 333 
TRP CG  CD1  doub Y N 334 
TRP CG  CD2  sing Y N 335 
TRP CD1 NE1  sing Y N 336 
TRP CD1 HD1  sing N N 337 
TRP CD2 CE2  doub Y N 338 
TRP CD2 CE3  sing Y N 339 
TRP NE1 CE2  sing Y N 340 
TRP NE1 HE1  sing N N 341 
TRP CE2 CZ2  sing Y N 342 
TRP CE3 CZ3  doub Y N 343 
TRP CE3 HE3  sing N N 344 
TRP CZ2 CH2  doub Y N 345 
TRP CZ2 HZ2  sing N N 346 
TRP CZ3 CH2  sing Y N 347 
TRP CZ3 HZ3  sing N N 348 
TRP CH2 HH2  sing N N 349 
TRP OXT HXT  sing N N 350 
TYR N   CA   sing N N 351 
TYR N   H    sing N N 352 
TYR N   H2   sing N N 353 
TYR CA  C    sing N N 354 
TYR CA  CB   sing N N 355 
TYR CA  HA   sing N N 356 
TYR C   O    doub N N 357 
TYR C   OXT  sing N N 358 
TYR CB  CG   sing N N 359 
TYR CB  HB2  sing N N 360 
TYR CB  HB3  sing N N 361 
TYR CG  CD1  doub Y N 362 
TYR CG  CD2  sing Y N 363 
TYR CD1 CE1  sing Y N 364 
TYR CD1 HD1  sing N N 365 
TYR CD2 CE2  doub Y N 366 
TYR CD2 HD2  sing N N 367 
TYR CE1 CZ   doub Y N 368 
TYR CE1 HE1  sing N N 369 
TYR CE2 CZ   sing Y N 370 
TYR CE2 HE2  sing N N 371 
TYR CZ  OH   sing N N 372 
TYR OH  HH   sing N N 373 
TYR OXT HXT  sing N N 374 
VAL N   CA   sing N N 375 
VAL N   H    sing N N 376 
VAL N   H2   sing N N 377 
VAL CA  C    sing N N 378 
VAL CA  CB   sing N N 379 
VAL CA  HA   sing N N 380 
VAL C   O    doub N N 381 
VAL C   OXT  sing N N 382 
VAL CB  CG1  sing N N 383 
VAL CB  CG2  sing N N 384 
VAL CB  HB   sing N N 385 
VAL CG1 HG11 sing N N 386 
VAL CG1 HG12 sing N N 387 
VAL CG1 HG13 sing N N 388 
VAL CG2 HG21 sing N N 389 
VAL CG2 HG22 sing N N 390 
VAL CG2 HG23 sing N N 391 
VAL OXT HXT  sing N N 392 
# 
_atom_sites.entry_id                    4MO7 
_atom_sites.fract_transf_matrix[1][1]   0.00655812 
_atom_sites.fract_transf_matrix[1][2]   0.01413273 
_atom_sites.fract_transf_matrix[1][3]   0.02393027 
_atom_sites.fract_transf_matrix[2][1]   0.00566016 
_atom_sites.fract_transf_matrix[2][2]   -0.00838919 
_atom_sites.fract_transf_matrix[2][3]   0.00340331 
_atom_sites.fract_transf_matrix[3][1]   0.01678623 
_atom_sites.fract_transf_matrix[3][2]   0.01025972 
_atom_sites.fract_transf_matrix[3][3]   -0.00262746 
_atom_sites.fract_transf_vector[1]      1.337154 
_atom_sites.fract_transf_vector[2]      0.039530 
_atom_sites.fract_transf_vector[3]      1.242687 
# 
loop_
_atom_type.symbol 
C  
MG 
N  
O  
S  
# 
loop_
_atom_site.group_PDB 
_atom_site.id 
_atom_site.type_symbol 
_atom_site.label_atom_id 
_atom_site.label_alt_id 
_atom_site.label_comp_id 
_atom_site.label_asym_id 
_atom_site.label_entity_id 
_atom_site.label_seq_id 
_atom_site.pdbx_PDB_ins_code 
_atom_site.Cartn_x 
_atom_site.Cartn_y 
_atom_site.Cartn_z 
_atom_site.occupancy 
_atom_site.B_iso_or_equiv 
_atom_site.pdbx_formal_charge 
_atom_site.auth_seq_id 
_atom_site.auth_comp_id 
_atom_site.auth_asym_id 
_atom_site.auth_atom_id 
_atom_site.pdbx_PDB_model_num 
ATOM   1    N  N   . THR A 1 25  ? 6.928   4.271   -12.275 1.00 51.23 ? 11  THR A N   1 
ATOM   2    C  CA  . THR A 1 25  ? 7.194   5.187   -13.394 1.00 41.09 ? 11  THR A CA  1 
ATOM   3    C  C   . THR A 1 25  ? 8.332   6.161   -13.071 1.00 63.36 ? 11  THR A C   1 
ATOM   4    O  O   . THR A 1 25  ? 8.784   6.234   -11.927 1.00 49.60 ? 11  THR A O   1 
ATOM   5    C  CB  . THR A 1 25  ? 5.945   5.998   -13.825 1.00 60.54 ? 11  THR A CB  1 
ATOM   6    O  OG1 . THR A 1 25  ? 5.903   7.249   -13.123 1.00 54.61 ? 11  THR A OG1 1 
ATOM   7    C  CG2 . THR A 1 25  ? 4.671   5.211   -13.564 1.00 59.13 ? 11  THR A CG2 1 
ATOM   8    N  N   . ASP A 1 26  ? 8.774   6.907   -14.083 1.00 48.00 ? 12  ASP A N   1 
ATOM   9    C  CA  . ASP A 1 26  ? 9.979   7.734   -13.978 1.00 69.78 ? 12  ASP A CA  1 
ATOM   10   C  C   . ASP A 1 26  ? 9.649   9.163   -13.537 1.00 37.89 ? 12  ASP A C   1 
ATOM   11   O  O   . ASP A 1 26  ? 9.014   9.925   -14.278 1.00 44.67 ? 12  ASP A O   1 
ATOM   12   C  CB  . ASP A 1 26  ? 10.756  7.728   -15.307 1.00 73.92 ? 12  ASP A CB  1 
ATOM   13   C  CG  . ASP A 1 26  ? 11.953  8.685   -15.309 1.00 73.07 ? 12  ASP A CG  1 
ATOM   14   O  OD1 . ASP A 1 26  ? 12.496  9.011   -14.226 1.00 52.24 ? 12  ASP A OD1 1 
ATOM   15   O  OD2 . ASP A 1 26  ? 12.361  9.102   -16.416 1.00 70.02 ? 12  ASP A OD2 1 
ATOM   16   N  N   . PRO A 1 27  ? 10.100  9.523   -12.323 1.00 36.25 ? 13  PRO A N   1 
ATOM   17   C  CA  . PRO A 1 27  ? 9.871   10.778  -11.596 1.00 34.29 ? 13  PRO A CA  1 
ATOM   18   C  C   . PRO A 1 27  ? 10.200  12.010  -12.411 1.00 50.80 ? 13  PRO A C   1 
ATOM   19   O  O   . PRO A 1 27  ? 9.628   13.072  -12.135 1.00 46.50 ? 13  PRO A O   1 
ATOM   20   C  CB  . PRO A 1 27  ? 10.858  10.687  -10.433 1.00 55.29 ? 13  PRO A CB  1 
ATOM   21   C  CG  . PRO A 1 27  ? 11.039  9.244   -10.202 1.00 62.82 ? 13  PRO A CG  1 
ATOM   22   C  CD  . PRO A 1 27  ? 10.920  8.580   -11.543 1.00 44.82 ? 13  PRO A CD  1 
ATOM   23   N  N   . GLU A 1 28  ? 11.104  11.882  -13.385 1.00 44.92 ? 14  GLU A N   1 
ATOM   24   C  CA  . GLU A 1 28  ? 11.550  13.048  -14.159 1.00 56.69 ? 14  GLU A CA  1 
ATOM   25   C  C   . GLU A 1 28  ? 10.831  13.162  -15.511 1.00 50.81 ? 14  GLU A C   1 
ATOM   26   O  O   . GLU A 1 28  ? 10.767  14.251  -16.102 1.00 48.53 ? 14  GLU A O   1 
ATOM   27   C  CB  . GLU A 1 28  ? 13.082  13.079  -14.313 1.00 71.50 ? 14  GLU A CB  1 
ATOM   28   C  CG  . GLU A 1 28  ? 13.883  12.883  -12.994 1.00 69.23 ? 14  GLU A CG  1 
ATOM   29   C  CD  . GLU A 1 28  ? 14.023  14.146  -12.121 1.00 65.36 ? 14  GLU A CD  1 
ATOM   30   O  OE1 . GLU A 1 28  ? 13.432  15.205  -12.430 1.00 63.04 ? 14  GLU A OE1 1 
ATOM   31   O  OE2 . GLU A 1 28  ? 14.741  14.068  -11.104 1.00 77.99 ? 14  GLU A OE2 1 
ATOM   32   N  N   . SER A 1 29  ? 10.267  12.046  -15.975 1.00 46.86 ? 15  SER A N   1 
ATOM   33   C  CA  . SER A 1 29  ? 9.327   12.073  -17.086 1.00 48.39 ? 15  SER A CA  1 
ATOM   34   C  C   . SER A 1 29  ? 8.173   12.982  -16.689 1.00 54.36 ? 15  SER A C   1 
ATOM   35   O  O   . SER A 1 29  ? 7.901   13.151  -15.498 1.00 45.42 ? 15  SER A O   1 
ATOM   36   C  CB  . SER A 1 29  ? 8.800   10.671  -17.371 1.00 47.89 ? 15  SER A CB  1 
ATOM   37   O  OG  . SER A 1 29  ? 7.701   10.349  -16.525 1.00 48.23 ? 15  SER A OG  1 
ATOM   38   N  N   . ALA A 1 30  ? 7.505   13.587  -17.670 1.00 52.39 ? 16  ALA A N   1 
ATOM   39   C  CA  . ALA A 1 30  ? 6.403   14.496  -17.373 1.00 42.62 ? 16  ALA A CA  1 
ATOM   40   C  C   . ALA A 1 30  ? 5.236   13.729  -16.759 1.00 49.88 ? 16  ALA A C   1 
ATOM   41   O  O   . ALA A 1 30  ? 4.450   14.304  -15.997 1.00 42.70 ? 16  ALA A O   1 
ATOM   42   C  CB  . ALA A 1 30  ? 5.956   15.257  -18.617 1.00 66.66 ? 16  ALA A CB  1 
ATOM   43   N  N   . ARG A 1 31  ? 5.138   12.439  -17.100 1.00 42.76 ? 17  ARG A N   1 
ATOM   44   C  CA  . ARG A 1 31  ? 4.145   11.534  -16.501 1.00 41.19 ? 17  ARG A CA  1 
ATOM   45   C  C   . ARG A 1 31  ? 4.381   11.387  -15.004 1.00 50.91 ? 17  ARG A C   1 
ATOM   46   O  O   . ARG A 1 31  ? 3.436   11.389  -14.203 1.00 34.09 ? 17  ARG A O   1 
ATOM   47   C  CB  . ARG A 1 31  ? 4.207   10.138  -17.132 1.00 44.83 ? 17  ARG A CB  1 
ATOM   48   C  CG  . ARG A 1 31  ? 3.217   9.139   -16.493 1.00 50.06 ? 17  ARG A CG  1 
ATOM   49   C  CD  . ARG A 1 31  ? 3.470   7.671   -16.881 1.00 64.55 ? 17  ARG A CD  1 
ATOM   50   N  NE  . ARG A 1 31  ? 2.348   6.796   -16.511 1.00 37.85 ? 17  ARG A NE  1 
ATOM   51   C  CZ  . ARG A 1 31  ? 1.178   6.806   -17.145 1.00 58.14 ? 17  ARG A CZ  1 
ATOM   52   N  NH1 . ARG A 1 31  ? 0.983   7.636   -18.164 1.00 59.03 ? 17  ARG A NH1 1 
ATOM   53   N  NH2 . ARG A 1 31  ? 0.200   5.999   -16.768 1.00 52.31 ? 17  ARG A NH2 1 
ATOM   54   N  N   . GLY A 1 32  ? 5.658   11.262  -14.644 1.00 43.86 ? 18  GLY A N   1 
ATOM   55   C  CA  . GLY A 1 32  ? 6.075   11.028  -13.280 1.00 32.73 ? 18  GLY A CA  1 
ATOM   56   C  C   . GLY A 1 32  ? 5.901   12.280  -12.470 1.00 28.89 ? 18  GLY A C   1 
ATOM   57   O  O   . GLY A 1 32  ? 5.458   12.204  -11.320 1.00 27.00 ? 18  GLY A O   1 
ATOM   58   N  N   . LYS A 1 33  ? 6.243   13.429  -13.057 1.00 33.95 ? 19  LYS A N   1 
ATOM   59   C  CA  . LYS A 1 33  ? 6.061   14.700  -12.366 1.00 27.06 ? 19  LYS A CA  1 
ATOM   60   C  C   . LYS A 1 33  ? 4.583   14.918  -12.100 1.00 33.05 ? 19  LYS A C   1 
ATOM   61   O  O   . LYS A 1 33  ? 4.169   15.445  -11.048 1.00 19.87 ? 19  LYS A O   1 
ATOM   62   C  CB  . LYS A 1 33  ? 6.569   15.877  -13.214 1.00 37.52 ? 19  LYS A CB  1 
ATOM   63   C  CG  . LYS A 1 33  ? 8.080   16.128  -13.216 1.00 51.27 ? 19  LYS A CG  1 
ATOM   64   C  CD  . LYS A 1 33  ? 8.434   17.115  -14.349 1.00 35.60 ? 19  LYS A CD  1 
ATOM   65   C  CE  . LYS A 1 33  ? 9.934   17.334  -14.471 1.00 62.34 ? 19  LYS A CE  1 
ATOM   66   N  NZ  . LYS A 1 33  ? 10.221  18.306  -15.577 1.00 47.48 ? 19  LYS A NZ  1 
ATOM   67   N  N   . LEU A 1 34  ? 3.763   14.547  -13.072 1.00 24.67 ? 20  LEU A N   1 
ATOM   68   C  CA  . LEU A 1 34  ? 2.332   14.757  -12.914 1.00 26.14 ? 20  LEU A CA  1 
ATOM   69   C  C   . LEU A 1 34  ? 1.786   13.846  -11.822 1.00 15.95 ? 20  LEU A C   1 
ATOM   70   O  O   . LEU A 1 34  ? 1.039   14.312  -10.959 1.00 20.89 ? 20  LEU A O   1 
ATOM   71   C  CB  . LEU A 1 34  ? 1.617   14.490  -14.244 1.00 26.33 ? 20  LEU A CB  1 
ATOM   72   C  CG  . LEU A 1 34  ? 0.418   15.327  -14.663 1.00 25.25 ? 20  LEU A CG  1 
ATOM   73   C  CD1 . LEU A 1 34  ? 0.562   16.803  -14.495 1.00 50.63 ? 20  LEU A CD1 1 
ATOM   74   C  CD2 . LEU A 1 34  ? 0.112   15.020  -16.132 1.00 52.71 ? 20  LEU A CD2 1 
ATOM   75   N  N   . LEU A 1 35  ? 2.130   12.561  -11.872 1.00 22.40 ? 21  LEU A N   1 
ATOM   76   C  CA  . LEU A 1 35  ? 1.623   11.595  -10.897 1.00 23.55 ? 21  LEU A CA  1 
ATOM   77   C  C   . LEU A 1 35  ? 2.077   11.965  -9.497  1.00 22.42 ? 21  LEU A C   1 
ATOM   78   O  O   . LEU A 1 35  ? 1.278   11.975  -8.576  1.00 19.14 ? 21  LEU A O   1 
ATOM   79   C  CB  . LEU A 1 35  ? 2.136   10.176  -11.164 1.00 32.76 ? 21  LEU A CB  1 
ATOM   80   C  CG  . LEU A 1 35  ? 1.393   9.371   -12.202 1.00 49.35 ? 21  LEU A CG  1 
ATOM   81   C  CD1 . LEU A 1 35  ? 1.765   7.907   -12.068 1.00 38.90 ? 21  LEU A CD1 1 
ATOM   82   C  CD2 . LEU A 1 35  ? -0.087  9.623   -11.990 1.00 38.61 ? 21  LEU A CD2 1 
ATOM   83   N  N   . GLN A 1 36  ? 3.377   12.201  -9.333  1.00 21.94 ? 22  GLN A N   1 
ATOM   84   C  CA  . GLN A 1 36  ? 3.907   12.464  -7.991  1.00 22.35 ? 22  GLN A CA  1 
ATOM   85   C  C   . GLN A 1 36  ? 3.364   13.756  -7.451  1.00 18.48 ? 22  GLN A C   1 
ATOM   86   O  O   . GLN A 1 36  ? 3.106   13.858  -6.247  1.00 20.43 ? 22  GLN A O   1 
ATOM   87   C  CB  . GLN A 1 36  ? 5.419   12.595  -8.049  1.00 25.37 ? 22  GLN A CB  1 
ATOM   88   C  CG  . GLN A 1 36  ? 6.113   11.324  -8.518  1.00 24.80 ? 22  GLN A CG  1 
ATOM   89   C  CD  . GLN A 1 36  ? 6.865   10.696  -7.387  1.00 54.71 ? 22  GLN A CD  1 
ATOM   90   O  OE1 . GLN A 1 36  ? 6.417   9.701   -6.822  1.00 62.93 ? 22  GLN A OE1 1 
ATOM   91   N  NE2 . GLN A 1 36  ? 8.006   11.295  -7.017  1.00 38.25 ? 22  GLN A NE2 1 
ATOM   92   N  N   . THR A 1 37  ? 3.205   14.759  -8.314  1.00 14.19 ? 23  THR A N   1 
ATOM   93   C  CA  . THR A 1 37  ? 2.649   16.036  -7.818  1.00 17.18 ? 23  THR A CA  1 
ATOM   94   C  C   . THR A 1 37  ? 1.143   15.928  -7.543  1.00 17.41 ? 23  THR A C   1 
ATOM   95   O  O   . THR A 1 37  ? 0.667   16.471  -6.559  1.00 14.57 ? 23  THR A O   1 
ATOM   96   C  CB  . THR A 1 37  ? 2.906   17.210  -8.808  1.00 18.94 ? 23  THR A CB  1 
ATOM   97   O  OG1 . THR A 1 37  ? 4.313   17.300  -9.035  1.00 22.16 ? 23  THR A OG1 1 
ATOM   98   C  CG2 . THR A 1 37  ? 2.398   18.531  -8.218  1.00 20.13 ? 23  THR A CG2 1 
ATOM   99   N  N   . ALA A 1 38  ? 0.402   15.219  -8.411  1.00 15.61 ? 24  ALA A N   1 
ATOM   100  C  CA  . ALA A 1 38  ? -1.031  14.973  -8.170  1.00 21.37 ? 24  ALA A CA  1 
ATOM   101  C  C   . ALA A 1 38  ? -1.240  14.276  -6.836  1.00 15.06 ? 24  ALA A C   1 
ATOM   102  O  O   . ALA A 1 38  ? -2.190  14.557  -6.099  1.00 17.35 ? 24  ALA A O   1 
ATOM   103  C  CB  . ALA A 1 38  ? -1.597  14.083  -9.303  1.00 17.00 ? 24  ALA A CB  1 
ATOM   104  N  N   . ALA A 1 39  ? -0.360  13.331  -6.507  1.00 15.67 ? 25  ALA A N   1 
ATOM   105  C  CA  . ALA A 1 39  ? -0.515  12.656  -5.211  1.00 16.94 ? 25  ALA A CA  1 
ATOM   106  C  C   . ALA A 1 39  ? -0.580  13.628  -4.061  1.00 17.01 ? 25  ALA A C   1 
ATOM   107  O  O   . ALA A 1 39  ? -1.425  13.501  -3.196  1.00 19.57 ? 25  ALA A O   1 
ATOM   108  C  CB  . ALA A 1 39  ? 0.588   11.636  -4.976  1.00 15.66 ? 25  ALA A CB  1 
ATOM   109  N  N   . HIS A 1 40  ? 0.272   14.652  -4.076  1.00 16.93 ? 26  HIS A N   1 
ATOM   110  C  CA  . HIS A 1 40  ? 0.194   15.655  -3.011  1.00 19.36 ? 26  HIS A CA  1 
ATOM   111  C  C   . HIS A 1 40  ? -1.050  16.505  -3.037  1.00 17.57 ? 26  HIS A C   1 
ATOM   112  O  O   . HIS A 1 40  ? -1.662  16.719  -1.960  1.00 17.36 ? 26  HIS A O   1 
ATOM   113  C  CB  . HIS A 1 40  ? 1.408   16.561  -3.072  1.00 16.00 ? 26  HIS A CB  1 
ATOM   114  C  CG  . HIS A 1 40  ? 2.631   15.868  -2.636  1.00 16.82 ? 26  HIS A CG  1 
ATOM   115  N  ND1 . HIS A 1 40  ? 2.963   15.707  -1.303  1.00 18.53 ? 26  HIS A ND1 1 
ATOM   116  C  CD2 . HIS A 1 40  ? 3.587   15.243  -3.348  1.00 18.73 ? 26  HIS A CD2 1 
ATOM   117  C  CE1 . HIS A 1 40  ? 4.073   15.008  -1.218  1.00 20.03 ? 26  HIS A CE1 1 
ATOM   118  N  NE2 . HIS A 1 40  ? 4.469   14.719  -2.441  1.00 23.41 ? 26  HIS A NE2 1 
ATOM   119  N  N   . LEU A 1 41  ? -1.384  17.030  -4.222  1.00 15.73 ? 27  LEU A N   1 
ATOM   120  C  CA  . LEU A 1 41  ? -2.564  17.895  -4.361  1.00 17.70 ? 27  LEU A CA  1 
ATOM   121  C  C   . LEU A 1 41  ? -3.801  17.119  -3.907  1.00 16.67 ? 27  LEU A C   1 
ATOM   122  O  O   . LEU A 1 41  ? -4.582  17.600  -3.079  1.00 21.02 ? 27  LEU A O   1 
ATOM   123  C  CB  . LEU A 1 41  ? -2.727  18.395  -5.786  1.00 17.35 ? 27  LEU A CB  1 
ATOM   124  C  CG  . LEU A 1 41  ? -2.033  19.729  -6.120  1.00 26.19 ? 27  LEU A CG  1 
ATOM   125  C  CD1 . LEU A 1 41  ? -0.556  19.605  -5.799  1.00 27.78 ? 27  LEU A CD1 1 
ATOM   126  C  CD2 . LEU A 1 41  ? -2.209  20.017  -7.591  1.00 21.94 ? 27  LEU A CD2 1 
ATOM   127  N  N   . PHE A 1 42  ? -3.927  15.880  -4.359  1.00 19.74 ? 28  PHE A N   1 
ATOM   128  C  CA  . PHE A 1 42  ? -5.093  15.105  -3.957  1.00 13.62 ? 28  PHE A CA  1 
ATOM   129  C  C   . PHE A 1 42  ? -5.130  14.900  -2.455  1.00 22.92 ? 28  PHE A C   1 
ATOM   130  O  O   . PHE A 1 42  ? -6.198  14.963  -1.858  1.00 22.27 ? 28  PHE A O   1 
ATOM   131  C  CB  . PHE A 1 42  ? -5.093  13.739  -4.664  1.00 17.40 ? 28  PHE A CB  1 
ATOM   132  C  CG  . PHE A 1 42  ? -5.331  13.802  -6.136  1.00 21.00 ? 28  PHE A CG  1 
ATOM   133  C  CD1 . PHE A 1 42  ? -5.836  14.958  -6.754  1.00 19.21 ? 28  PHE A CD1 1 
ATOM   134  C  CD2 . PHE A 1 42  ? -5.017  12.699  -6.929  1.00 17.53 ? 28  PHE A CD2 1 
ATOM   135  C  CE1 . PHE A 1 42  ? -6.053  14.991  -8.100  1.00 22.41 ? 28  PHE A CE1 1 
ATOM   136  C  CE2 . PHE A 1 42  ? -5.237  12.716  -8.313  1.00 20.03 ? 28  PHE A CE2 1 
ATOM   137  C  CZ  . PHE A 1 42  ? -5.746  13.878  -8.906  1.00 16.56 ? 28  PHE A CZ  1 
ATOM   138  N  N   . ARG A 1 43  ? -3.977  14.624  -1.847  1.00 20.65 ? 29  ARG A N   1 
ATOM   139  C  CA  . ARG A 1 43  ? -3.890  14.372  -0.411  1.00 18.77 ? 29  ARG A CA  1 
ATOM   140  C  C   . ARG A 1 43  ? -4.196  15.668  0.322   1.00 23.05 ? 29  ARG A C   1 
ATOM   141  O  O   . ARG A 1 43  ? -4.964  15.667  1.295   1.00 25.80 ? 29  ARG A O   1 
ATOM   142  C  CB  . ARG A 1 43  ? -2.473  13.920  -0.041  1.00 19.19 ? 29  ARG A CB  1 
ATOM   143  C  CG  . ARG A 1 43  ? -2.226  13.876  1.485   1.00 26.74 ? 29  ARG A CG  1 
ATOM   144  C  CD  . ARG A 1 43  ? -3.256  12.983  2.181   1.00 43.52 ? 29  ARG A CD  1 
ATOM   145  N  NE  . ARG A 1 43  ? -3.069  12.948  3.642   1.00 37.09 ? 29  ARG A NE  1 
ATOM   146  C  CZ  . ARG A 1 43  ? -4.055  12.804  4.530   1.00 47.99 ? 29  ARG A CZ  1 
ATOM   147  N  NH1 . ARG A 1 43  ? -5.317  12.683  4.125   1.00 33.78 ? 29  ARG A NH1 1 
ATOM   148  N  NH2 . ARG A 1 43  ? -3.777  12.778  5.826   1.00 66.96 ? 29  ARG A NH2 1 
ATOM   149  N  N   . ASN A 1 44  ? -3.610  16.778  -0.128  1.00 24.74 ? 30  ASN A N   1 
ATOM   150  C  CA  . ASN A 1 44  ? -3.820  18.040  0.600   1.00 20.08 ? 30  ASN A CA  1 
ATOM   151  C  C   . ASN A 1 44  ? -5.223  18.578  0.478   1.00 21.94 ? 30  ASN A C   1 
ATOM   152  O  O   . ASN A 1 44  ? -5.752  19.132  1.450   1.00 31.79 ? 30  ASN A O   1 
ATOM   153  C  CB  . ASN A 1 44  ? -2.840  19.154  0.135   1.00 21.76 ? 30  ASN A CB  1 
ATOM   154  C  CG  . ASN A 1 44  ? -1.369  18.725  0.180   1.00 20.95 ? 30  ASN A CG  1 
ATOM   155  O  OD1 . ASN A 1 44  ? -0.965  17.892  0.984   1.00 25.81 ? 30  ASN A OD1 1 
ATOM   156  N  ND2 . ASN A 1 44  ? -0.562  19.282  -0.738  1.00 23.58 ? 30  ASN A ND2 1 
ATOM   157  N  N   . LYS A 1 45  ? -5.794  18.514  -0.716  1.00 24.49 ? 31  LYS A N   1 
ATOM   158  C  CA  . LYS A 1 45  ? -7.024  19.252  -0.951  1.00 20.55 ? 31  LYS A CA  1 
ATOM   159  C  C   . LYS A 1 45  ? -8.221  18.346  -1.146  1.00 37.15 ? 31  LYS A C   1 
ATOM   160  O  O   . LYS A 1 45  ? -9.353  18.812  -1.120  1.00 33.95 ? 31  LYS A O   1 
ATOM   161  C  CB  . LYS A 1 45  ? -6.893  20.117  -2.174  1.00 28.36 ? 31  LYS A CB  1 
ATOM   162  C  CG  . LYS A 1 45  ? -5.611  20.973  -2.163  1.00 28.58 ? 31  LYS A CG  1 
ATOM   163  C  CD  . LYS A 1 45  ? -5.443  21.568  -3.512  1.00 26.61 ? 31  LYS A CD  1 
ATOM   164  C  CE  . LYS A 1 45  ? -6.455  22.704  -3.687  1.00 44.18 ? 31  LYS A CE  1 
ATOM   165  N  NZ  . LYS A 1 45  ? -6.598  23.028  -5.113  1.00 43.60 ? 31  LYS A NZ  1 
ATOM   166  N  N   . GLY A 1 46  ? -7.967  17.061  -1.363  1.00 25.23 ? 32  GLY A N   1 
ATOM   167  C  CA  . GLY A 1 46  ? -9.013  16.166  -1.808  1.00 26.47 ? 32  GLY A CA  1 
ATOM   168  C  C   . GLY A 1 46  ? -9.041  16.084  -3.319  1.00 25.86 ? 32  GLY A C   1 
ATOM   169  O  O   . GLY A 1 46  ? -8.735  17.044  -4.034  1.00 23.48 ? 32  GLY A O   1 
ATOM   170  N  N   . PHE A 1 47  ? -9.477  14.937  -3.834  1.00 16.27 ? 33  PHE A N   1 
ATOM   171  C  CA  . PHE A 1 47  ? -9.506  14.751  -5.251  1.00 18.17 ? 33  PHE A CA  1 
ATOM   172  C  C   . PHE A 1 47  ? -10.531 15.684  -5.833  1.00 18.53 ? 33  PHE A C   1 
ATOM   173  O  O   . PHE A 1 47  ? -10.306 16.278  -6.889  1.00 25.12 ? 33  PHE A O   1 
ATOM   174  C  CB  . PHE A 1 47  ? -9.921  13.308  -5.551  1.00 19.37 ? 33  PHE A CB  1 
ATOM   175  C  CG  . PHE A 1 47  ? -10.105 13.005  -7.012  1.00 22.21 ? 33  PHE A CG  1 
ATOM   176  C  CD1 . PHE A 1 47  ? -9.001  12.924  -7.868  1.00 14.71 ? 33  PHE A CD1 1 
ATOM   177  C  CD2 . PHE A 1 47  ? -11.368 12.796  -7.525  1.00 24.67 ? 33  PHE A CD2 1 
ATOM   178  C  CE1 . PHE A 1 47  ? -9.162  12.619  -9.192  1.00 11.49 ? 33  PHE A CE1 1 
ATOM   179  C  CE2 . PHE A 1 47  ? -11.541 12.488  -8.899  1.00 21.42 ? 33  PHE A CE2 1 
ATOM   180  C  CZ  . PHE A 1 47  ? -10.452 12.392  -9.719  1.00 18.77 ? 33  PHE A CZ  1 
ATOM   181  N  N   . GLU A 1 48  ? -11.690 15.761  -5.177  1.00 22.81 ? 34  GLU A N   1 
ATOM   182  C  CA  . GLU A 1 48  ? -12.783 16.522  -5.778  1.00 29.63 ? 34  GLU A CA  1 
ATOM   183  C  C   . GLU A 1 48  ? -12.432 18.020  -5.846  1.00 24.08 ? 34  GLU A C   1 
ATOM   184  O  O   . GLU A 1 48  ? -12.787 18.695  -6.828  1.00 31.76 ? 34  GLU A O   1 
ATOM   185  C  CB  . GLU A 1 48  ? -14.088 16.319  -5.007  1.00 26.30 ? 34  GLU A CB  1 
ATOM   186  C  CG  . GLU A 1 48  ? -15.303 16.867  -5.721  1.00 42.04 ? 34  GLU A CG  1 
ATOM   187  C  CD  . GLU A 1 48  ? -16.609 16.605  -4.961  1.00 69.41 ? 34  GLU A CD  1 
ATOM   188  O  OE1 . GLU A 1 48  ? -16.798 15.475  -4.452  1.00 56.00 ? 34  GLU A OE1 1 
ATOM   189  O  OE2 . GLU A 1 48  ? -17.447 17.529  -4.880  1.00 40.42 ? 34  GLU A OE2 1 
ATOM   190  N  N   . ARG A 1 49  ? -11.728 18.528  -4.839  1.00 29.65 ? 35  ARG A N   1 
ATOM   191  C  CA  . ARG A 1 49  ? -11.397 19.962  -4.841  1.00 29.40 ? 35  ARG A CA  1 
ATOM   192  C  C   . ARG A 1 49  ? -10.165 20.276  -5.670  1.00 45.37 ? 35  ARG A C   1 
ATOM   193  O  O   . ARG A 1 49  ? -9.878  21.440  -5.919  1.00 48.30 ? 35  ARG A O   1 
ATOM   194  C  CB  . ARG A 1 49  ? -11.224 20.493  -3.434  1.00 34.48 ? 35  ARG A CB  1 
ATOM   195  C  CG  . ARG A 1 49  ? -11.962 19.687  -2.415  1.00 46.41 ? 35  ARG A CG  1 
ATOM   196  C  CD  . ARG A 1 49  ? -12.849 20.519  -1.502  1.00 47.68 ? 35  ARG A CD  1 
ATOM   197  N  NE  . ARG A 1 49  ? -12.508 20.321  -0.088  1.00 75.45 ? 35  ARG A NE  1 
ATOM   198  C  CZ  . ARG A 1 49  ? -12.581 19.158  0.566   1.00 78.83 ? 35  ARG A CZ  1 
ATOM   199  N  NH1 . ARG A 1 49  ? -12.983 18.052  -0.052  1.00 69.51 ? 35  ARG A NH1 1 
ATOM   200  N  NH2 . ARG A 1 49  ? -12.247 19.101  1.852   1.00 79.65 ? 35  ARG A NH2 1 
ATOM   201  N  N   . THR A 1 50  ? -9.441  19.249  -6.113  1.00 23.33 ? 36  THR A N   1 
ATOM   202  C  CA  . THR A 1 50  ? -8.289  19.480  -6.975  1.00 20.26 ? 36  THR A CA  1 
ATOM   203  C  C   . THR A 1 50  ? -8.721  19.645  -8.421  1.00 25.87 ? 36  THR A C   1 
ATOM   204  O  O   . THR A 1 50  ? -9.116  18.693  -9.101  1.00 28.40 ? 36  THR A O   1 
ATOM   205  C  CB  . THR A 1 50  ? -7.223  18.352  -6.857  1.00 18.61 ? 36  THR A CB  1 
ATOM   206  O  OG1 . THR A 1 50  ? -6.791  18.274  -5.502  1.00 20.99 ? 36  THR A OG1 1 
ATOM   207  C  CG2 . THR A 1 50  ? -6.049  18.680  -7.748  1.00 25.33 ? 36  THR A CG2 1 
ATOM   208  N  N   . THR A 1 51  ? -8.651  20.864  -8.939  1.00 31.79 ? 37  THR A N   1 
ATOM   209  C  CA  . THR A 1 51  ? -9.036  21.052  -10.322 1.00 32.18 ? 37  THR A CA  1 
ATOM   210  C  C   . THR A 1 51  ? -7.928  20.716  -11.295 1.00 29.16 ? 37  THR A C   1 
ATOM   211  O  O   . THR A 1 51  ? -6.738  20.578  -10.941 1.00 36.41 ? 37  THR A O   1 
ATOM   212  C  CB  . THR A 1 51  ? -9.527  22.490  -10.601 1.00 27.20 ? 37  THR A CB  1 
ATOM   213  O  OG1 . THR A 1 51  ? -8.378  23.354  -10.678 1.00 33.58 ? 37  THR A OG1 1 
ATOM   214  C  CG2 . THR A 1 51  ? -10.463 22.981  -9.495  1.00 34.74 ? 37  THR A CG2 1 
ATOM   215  N  N   . VAL A 1 52  ? -8.320  20.565  -12.546 1.00 32.91 ? 38  VAL A N   1 
ATOM   216  C  CA  . VAL A 1 52  ? -7.389  20.353  -13.623 1.00 30.34 ? 38  VAL A CA  1 
ATOM   217  C  C   . VAL A 1 52  ? -6.486  21.591  -13.718 1.00 37.41 ? 38  VAL A C   1 
ATOM   218  O  O   . VAL A 1 52  ? -5.308  21.496  -14.088 1.00 37.29 ? 38  VAL A O   1 
ATOM   219  C  CB  . VAL A 1 52  ? -8.149  20.094  -14.935 1.00 36.82 ? 38  VAL A CB  1 
ATOM   220  C  CG1 . VAL A 1 52  ? -7.247  20.253  -16.140 1.00 56.66 ? 38  VAL A CG1 1 
ATOM   221  C  CG2 . VAL A 1 52  ? -8.739  18.681  -14.905 1.00 35.97 ? 38  VAL A CG2 1 
ATOM   222  N  N   . ARG A 1 53  ? -7.024  22.741  -13.313 1.00 38.11 ? 39  ARG A N   1 
ATOM   223  C  CA  . ARG A 1 53  ? -6.230  23.962  -13.333 1.00 49.64 ? 39  ARG A CA  1 
ATOM   224  C  C   . ARG A 1 53  ? -5.121  23.868  -12.277 1.00 40.91 ? 39  ARG A C   1 
ATOM   225  O  O   . ARG A 1 53  ? -3.937  24.061  -12.598 1.00 47.10 ? 39  ARG A O   1 
ATOM   226  C  CB  . ARG A 1 53  ? -7.108  25.197  -13.112 1.00 55.38 ? 39  ARG A CB  1 
ATOM   227  C  CG  . ARG A 1 53  ? -6.302  26.486  -13.052 1.00 75.76 ? 39  ARG A CG  1 
ATOM   228  C  CD  . ARG A 1 53  ? -7.171  27.711  -13.275 1.00 71.76 ? 39  ARG A CD  1 
ATOM   229  N  NE  . ARG A 1 53  ? -6.375  28.932  -13.362 1.00 81.24 ? 39  ARG A NE  1 
ATOM   230  C  CZ  . ARG A 1 53  ? -5.966  29.476  -14.506 1.00 86.61 ? 39  ARG A CZ  1 
ATOM   231  N  NH1 . ARG A 1 53  ? -6.280  28.908  -15.665 1.00 66.27 ? 39  ARG A NH1 1 
ATOM   232  N  NH2 . ARG A 1 53  ? -5.247  30.590  -14.492 1.00 82.26 ? 39  ARG A NH2 1 
ATOM   233  N  N   . ASP A 1 54  ? -5.519  23.542  -11.040 1.00 34.06 ? 40  ASP A N   1 
ATOM   234  C  CA  . ASP A 1 54  ? -4.590  23.267  -9.938  1.00 38.36 ? 40  ASP A CA  1 
ATOM   235  C  C   . ASP A 1 54  ? -3.423  22.342  -10.324 1.00 32.71 ? 40  ASP A C   1 
ATOM   236  O  O   . ASP A 1 54  ? -2.269  22.659  -10.037 1.00 33.90 ? 40  ASP A O   1 
ATOM   237  C  CB  . ASP A 1 54  ? -5.359  22.692  -8.739  1.00 28.95 ? 40  ASP A CB  1 
ATOM   238  C  CG  . ASP A 1 54  ? -6.293  23.697  -8.113  1.00 51.86 ? 40  ASP A CG  1 
ATOM   239  O  OD1 . ASP A 1 54  ? -6.068  24.908  -8.319  1.00 39.00 ? 40  ASP A OD1 1 
ATOM   240  O  OD2 . ASP A 1 54  ? -7.233  23.281  -7.393  1.00 37.07 ? 40  ASP A OD2 1 
ATOM   241  N  N   . LEU A 1 55  ? -3.696  21.209  -10.970 1.00 24.63 ? 41  LEU A N   1 
ATOM   242  C  CA  . LEU A 1 55  ? -2.616  20.286  -11.305 1.00 30.42 ? 41  LEU A CA  1 
ATOM   243  C  C   . LEU A 1 55  ? -1.681  20.886  -12.345 1.00 51.50 ? 41  LEU A C   1 
ATOM   244  O  O   . LEU A 1 55  ? -0.476  20.671  -12.299 1.00 29.70 ? 41  LEU A O   1 
ATOM   245  C  CB  . LEU A 1 55  ? -3.160  18.930  -11.782 1.00 30.65 ? 41  LEU A CB  1 
ATOM   246  C  CG  . LEU A 1 55  ? -2.171  17.775  -11.921 1.00 35.79 ? 41  LEU A CG  1 
ATOM   247  C  CD1 . LEU A 1 55  ? -1.240  17.710  -10.725 1.00 36.01 ? 41  LEU A CD1 1 
ATOM   248  C  CD2 . LEU A 1 55  ? -2.939  16.482  -12.061 1.00 32.23 ? 41  LEU A CD2 1 
ATOM   249  N  N   . ALA A 1 56  ? -2.234  21.661  -13.272 1.00 29.52 ? 42  ALA A N   1 
ATOM   250  C  CA  . ALA A 1 56  ? -1.442  22.178  -14.363 1.00 37.54 ? 42  ALA A CA  1 
ATOM   251  C  C   . ALA A 1 56  ? -0.539  23.266  -13.808 1.00 20.08 ? 42  ALA A C   1 
ATOM   252  O  O   . ALA A 1 56  ? 0.642   23.335  -14.161 1.00 35.25 ? 42  ALA A O   1 
ATOM   253  C  CB  . ALA A 1 56  ? -2.350  22.714  -15.469 1.00 33.32 ? 42  ALA A CB  1 
ATOM   254  N  N   . SER A 1 57  ? -1.067  24.103  -12.924 1.00 27.51 ? 43  SER A N   1 
ATOM   255  C  CA  . SER A 1 57  ? -0.255  25.171  -12.340 1.00 34.94 ? 43  SER A CA  1 
ATOM   256  C  C   . SER A 1 57  ? 0.891   24.595  -11.475 1.00 55.24 ? 43  SER A C   1 
ATOM   257  O  O   . SER A 1 57  ? 2.039   25.024  -11.578 1.00 41.46 ? 43  SER A O   1 
ATOM   258  C  CB  . SER A 1 57  ? -1.119  26.097  -11.520 1.00 36.60 ? 43  SER A CB  1 
ATOM   259  O  OG  . SER A 1 57  ? -0.343  26.761  -10.536 1.00 65.79 ? 43  SER A OG  1 
ATOM   260  N  N   . ALA A 1 58  ? 0.572   23.627  -10.619 1.00 27.35 ? 44  ALA A N   1 
ATOM   261  C  CA  . ALA A 1 58  ? 1.591   22.887  -9.859  1.00 25.92 ? 44  ALA A CA  1 
ATOM   262  C  C   . ALA A 1 58  ? 2.729   22.206  -10.667 1.00 27.54 ? 44  ALA A C   1 
ATOM   263  O  O   . ALA A 1 58  ? 3.866   22.100  -10.155 1.00 26.20 ? 44  ALA A O   1 
ATOM   264  C  CB  . ALA A 1 58  ? 0.916   21.877  -8.964  1.00 26.63 ? 44  ALA A CB  1 
ATOM   265  N  N   . VAL A 1 59  ? 2.449   21.735  -11.892 1.00 24.62 ? 45  VAL A N   1 
ATOM   266  C  CA  . VAL A 1 59  ? 3.460   21.076  -12.695 1.00 27.14 ? 45  VAL A CA  1 
ATOM   267  C  C   . VAL A 1 59  ? 4.072   22.059  -13.712 1.00 24.07 ? 45  VAL A C   1 
ATOM   268  O  O   . VAL A 1 59  ? 5.007   21.706  -14.426 1.00 31.88 ? 45  VAL A O   1 
ATOM   269  C  CB  . VAL A 1 59  ? 2.898   19.807  -13.408 1.00 24.67 ? 45  VAL A CB  1 
ATOM   270  C  CG1 . VAL A 1 59  ? 3.981   19.028  -14.060 1.00 32.06 ? 45  VAL A CG1 1 
ATOM   271  C  CG2 . VAL A 1 59  ? 2.195   18.935  -12.367 1.00 37.42 ? 45  VAL A CG2 1 
ATOM   272  N  N   . GLY A 1 60  ? 3.545   23.269  -13.750 1.00 32.28 ? 46  GLY A N   1 
ATOM   273  C  CA  . GLY A 1 60  ? 4.028   24.276  -14.675 1.00 37.28 ? 46  GLY A CA  1 
ATOM   274  C  C   . GLY A 1 60  ? 3.639   23.895  -16.095 1.00 78.23 ? 46  GLY A C   1 
ATOM   275  O  O   . GLY A 1 60  ? 4.505   23.823  -16.978 1.00 62.24 ? 46  GLY A O   1 
ATOM   276  N  N   . ILE A 1 61  ? 2.347   23.619  -16.308 1.00 49.05 ? 47  ILE A N   1 
ATOM   277  C  CA  . ILE A 1 61  ? 1.804   23.393  -17.651 1.00 43.14 ? 47  ILE A CA  1 
ATOM   278  C  C   . ILE A 1 61  ? 0.421   23.998  -17.791 1.00 39.34 ? 47  ILE A C   1 
ATOM   279  O  O   . ILE A 1 61  ? -0.092  24.632  -16.849 1.00 47.29 ? 47  ILE A O   1 
ATOM   280  C  CB  . ILE A 1 61  ? 1.796   21.909  -18.064 1.00 38.39 ? 47  ILE A CB  1 
ATOM   281  C  CG1 . ILE A 1 61  ? 1.098   21.030  -17.013 1.00 28.81 ? 47  ILE A CG1 1 
ATOM   282  C  CG2 . ILE A 1 61  ? 3.218   21.396  -18.249 1.00 36.38 ? 47  ILE A CG2 1 
ATOM   283  C  CD1 . ILE A 1 61  ? 1.397   19.553  -17.150 1.00 32.14 ? 47  ILE A CD1 1 
ATOM   284  N  N   . GLN A 1 62  ? -0.162  23.845  -18.977 1.00 65.41 ? 48  GLN A N   1 
ATOM   285  C  CA  . GLN A 1 62  ? -1.513  24.329  -19.220 1.00 60.92 ? 48  GLN A CA  1 
ATOM   286  C  C   . GLN A 1 62  ? -2.473  23.160  -19.074 1.00 51.03 ? 48  GLN A C   1 
ATOM   287  O  O   . GLN A 1 62  ? -2.156  22.020  -19.507 1.00 32.33 ? 48  GLN A O   1 
ATOM   288  C  CB  . GLN A 1 62  ? -1.639  24.981  -20.610 1.00 65.28 ? 48  GLN A CB  1 
ATOM   289  C  CG  . GLN A 1 62  ? -2.357  26.344  -20.613 1.00 52.02 ? 48  GLN A CG  1 
ATOM   290  C  CD  . GLN A 1 62  ? -1.778  27.319  -19.584 1.00 67.73 ? 48  GLN A CD  1 
ATOM   291  O  OE1 . GLN A 1 62  ? -0.558  27.402  -19.401 1.00 73.57 ? 48  GLN A OE1 1 
ATOM   292  N  NE2 . GLN A 1 62  ? -2.655  28.047  -18.896 1.00 61.21 ? 48  GLN A NE2 1 
ATOM   293  N  N   . SER A 1 63  ? -3.626  23.482  -18.465 1.00 41.26 ? 49  SER A N   1 
ATOM   294  C  CA  . SER A 1 63  ? -4.718  22.572  -18.136 1.00 38.93 ? 49  SER A CA  1 
ATOM   295  C  C   . SER A 1 63  ? -4.897  21.512  -19.182 1.00 25.64 ? 49  SER A C   1 
ATOM   296  O  O   . SER A 1 63  ? -5.096  20.332  -18.865 1.00 34.22 ? 49  SER A O   1 
ATOM   297  C  CB  . SER A 1 63  ? -6.053  23.346  -18.012 1.00 50.49 ? 49  SER A CB  1 
ATOM   298  O  OG  . SER A 1 63  ? -6.362  23.745  -16.681 1.00 61.06 ? 49  SER A OG  1 
ATOM   299  N  N   . GLY A 1 64  ? -4.863  21.933  -20.442 1.00 24.66 ? 50  GLY A N   1 
ATOM   300  C  CA  . GLY A 1 64  ? -5.207  21.048  -21.553 1.00 41.89 ? 50  GLY A CA  1 
ATOM   301  C  C   . GLY A 1 64  ? -4.131  20.020  -21.876 1.00 34.03 ? 50  GLY A C   1 
ATOM   302  O  O   . GLY A 1 64  ? -4.381  18.999  -22.520 1.00 37.15 ? 50  GLY A O   1 
ATOM   303  N  N   . SER A 1 65  ? -2.921  20.276  -21.426 1.00 24.88 ? 51  SER A N   1 
ATOM   304  C  CA  . SER A 1 65  ? -1.809  19.348  -21.685 1.00 45.29 ? 51  SER A CA  1 
ATOM   305  C  C   . SER A 1 65  ? -1.820  18.176  -20.693 1.00 53.32 ? 51  SER A C   1 
ATOM   306  O  O   . SER A 1 65  ? -1.117  17.156  -20.858 1.00 33.30 ? 51  SER A O   1 
ATOM   307  C  CB  . SER A 1 65  ? -0.495  20.099  -21.550 1.00 47.45 ? 51  SER A CB  1 
ATOM   308  O  OG  . SER A 1 65  ? -0.406  20.596  -20.236 1.00 30.27 ? 51  SER A OG  1 
ATOM   309  N  N   . ILE A 1 66  ? -2.611  18.306  -19.635 1.00 30.69 ? 52  ILE A N   1 
ATOM   310  C  CA  . ILE A 1 66  ? -2.610  17.210  -18.652 1.00 30.50 ? 52  ILE A CA  1 
ATOM   311  C  C   . ILE A 1 66  ? -3.054  15.971  -19.398 1.00 35.95 ? 52  ILE A C   1 
ATOM   312  O  O   . ILE A 1 66  ? -2.483  14.870  -19.272 1.00 35.00 ? 52  ILE A O   1 
ATOM   313  C  CB  . ILE A 1 66  ? -3.543  17.521  -17.483 1.00 31.13 ? 52  ILE A CB  1 
ATOM   314  C  CG1 . ILE A 1 66  ? -2.859  18.497  -16.528 1.00 19.66 ? 52  ILE A CG1 1 
ATOM   315  C  CG2 . ILE A 1 66  ? -3.900  16.226  -16.759 1.00 53.41 ? 52  ILE A CG2 1 
ATOM   316  C  CD1 . ILE A 1 66  ? -3.860  19.366  -15.804 1.00 25.88 ? 52  ILE A CD1 1 
ATOM   317  N  N   . PHE A 1 67  ? -4.017  16.191  -20.290 1.00 27.94 ? 53  PHE A N   1 
ATOM   318  C  CA  . PHE A 1 67  ? -4.734  15.091  -20.899 1.00 43.95 ? 53  PHE A CA  1 
ATOM   319  C  C   . PHE A 1 67  ? -4.083  14.589  -22.142 1.00 45.28 ? 53  PHE A C   1 
ATOM   320  O  O   . PHE A 1 67  ? -4.727  13.986  -22.989 1.00 55.79 ? 53  PHE A O   1 
ATOM   321  C  CB  . PHE A 1 67  ? -6.157  15.520  -21.139 1.00 20.19 ? 53  PHE A CB  1 
ATOM   322  C  CG  . PHE A 1 67  ? -6.837  15.897  -19.869 1.00 31.70 ? 53  PHE A CG  1 
ATOM   323  C  CD1 . PHE A 1 67  ? -7.168  14.918  -18.949 1.00 26.00 ? 53  PHE A CD1 1 
ATOM   324  C  CD2 . PHE A 1 67  ? -7.017  17.214  -19.539 1.00 28.63 ? 53  PHE A CD2 1 
ATOM   325  C  CE1 . PHE A 1 67  ? -7.745  15.254  -17.758 1.00 30.19 ? 53  PHE A CE1 1 
ATOM   326  C  CE2 . PHE A 1 67  ? -7.615  17.564  -18.352 1.00 29.20 ? 53  PHE A CE2 1 
ATOM   327  C  CZ  . PHE A 1 67  ? -7.976  16.575  -17.458 1.00 36.97 ? 53  PHE A CZ  1 
ATOM   328  N  N   . HIS A 1 68  ? -2.789  14.846  -22.233 1.00 45.17 ? 54  HIS A N   1 
ATOM   329  C  CA  . HIS A 1 68  ? -1.956  14.123  -23.177 1.00 46.13 ? 54  HIS A CA  1 
ATOM   330  C  C   . HIS A 1 68  ? -1.382  12.839  -22.564 1.00 33.82 ? 54  HIS A C   1 
ATOM   331  O  O   . HIS A 1 68  ? -0.976  11.923  -23.289 1.00 46.57 ? 54  HIS A O   1 
ATOM   332  C  CB  . HIS A 1 68  ? -0.826  15.018  -23.682 1.00 80.52 ? 54  HIS A CB  1 
ATOM   333  C  CG  . HIS A 1 68  ? 0.298   14.255  -24.304 1.00 79.65 ? 54  HIS A CG  1 
ATOM   334  N  ND1 . HIS A 1 68  ? 1.394   13.837  -23.583 1.00 76.96 ? 54  HIS A ND1 1 
ATOM   335  C  CD2 . HIS A 1 68  ? 0.473   13.791  -25.564 1.00 74.91 ? 54  HIS A CD2 1 
ATOM   336  C  CE1 . HIS A 1 68  ? 2.209   13.168  -24.377 1.00 86.44 ? 54  HIS A CE1 1 
ATOM   337  N  NE2 . HIS A 1 68  ? 1.678   13.131  -25.585 1.00 89.31 ? 54  HIS A NE2 1 
ATOM   338  N  N   . HIS A 1 69  ? -1.348  12.757  -21.232 1.00 53.12 ? 55  HIS A N   1 
ATOM   339  C  CA  . HIS A 1 69  ? -0.748  11.604  -20.537 1.00 34.97 ? 55  HIS A CA  1 
ATOM   340  C  C   . HIS A 1 69  ? -1.719  10.604  -19.881 1.00 28.57 ? 55  HIS A C   1 
ATOM   341  O  O   . HIS A 1 69  ? -1.412  9.408   -19.722 1.00 36.69 ? 55  HIS A O   1 
ATOM   342  C  CB  . HIS A 1 69  ? 0.185   12.120  -19.445 1.00 44.50 ? 55  HIS A CB  1 
ATOM   343  C  CG  . HIS A 1 69  ? 1.599   12.205  -19.890 1.00 51.95 ? 55  HIS A CG  1 
ATOM   344  N  ND1 . HIS A 1 69  ? 2.390   11.086  -20.040 1.00 45.06 ? 55  HIS A ND1 1 
ATOM   345  C  CD2 . HIS A 1 69  ? 2.346   13.257  -20.293 1.00 43.22 ? 55  HIS A CD2 1 
ATOM   346  C  CE1 . HIS A 1 69  ? 3.575   11.445  -20.488 1.00 56.80 ? 55  HIS A CE1 1 
ATOM   347  N  NE2 . HIS A 1 69  ? 3.577   12.757  -20.646 1.00 64.19 ? 55  HIS A NE2 1 
ATOM   348  N  N   . PHE A 1 70  ? -2.887  11.118  -19.507 1.00 28.46 ? 56  PHE A N   1 
ATOM   349  C  CA  . PHE A 1 70  ? -3.902  10.309  -18.895 1.00 24.89 ? 56  PHE A CA  1 
ATOM   350  C  C   . PHE A 1 70  ? -5.168  10.630  -19.660 1.00 22.87 ? 56  PHE A C   1 
ATOM   351  O  O   . PHE A 1 70  ? -5.309  11.742  -20.187 1.00 29.96 ? 56  PHE A O   1 
ATOM   352  C  CB  . PHE A 1 70  ? -4.042  10.720  -17.426 1.00 34.18 ? 56  PHE A CB  1 
ATOM   353  C  CG  . PHE A 1 70  ? -2.799  10.477  -16.630 1.00 24.05 ? 56  PHE A CG  1 
ATOM   354  C  CD1 . PHE A 1 70  ? -2.565  9.250   -16.102 1.00 24.37 ? 56  PHE A CD1 1 
ATOM   355  C  CD2 . PHE A 1 70  ? -1.851  11.474  -16.485 1.00 32.55 ? 56  PHE A CD2 1 
ATOM   356  C  CE1 . PHE A 1 70  ? -1.420  8.997   -15.388 1.00 32.77 ? 56  PHE A CE1 1 
ATOM   357  C  CE2 . PHE A 1 70  ? -0.713  11.257  -15.751 1.00 28.07 ? 56  PHE A CE2 1 
ATOM   358  C  CZ  . PHE A 1 70  ? -0.481  10.007  -15.228 1.00 19.84 ? 56  PHE A CZ  1 
ATOM   359  N  N   . LYS A 1 71  ? -6.095  9.678   -19.731 1.00 24.12 ? 57  LYS A N   1 
ATOM   360  C  CA  . LYS A 1 71  ? -7.301  9.920   -20.520 1.00 24.50 ? 57  LYS A CA  1 
ATOM   361  C  C   . LYS A 1 71  ? -8.265  10.793  -19.788 1.00 29.96 ? 57  LYS A C   1 
ATOM   362  O  O   . LYS A 1 71  ? -9.206  11.313  -20.387 1.00 25.38 ? 57  LYS A O   1 
ATOM   363  C  CB  . LYS A 1 71  ? -8.054  8.617   -20.775 1.00 25.24 ? 57  LYS A CB  1 
ATOM   364  C  CG  . LYS A 1 71  ? -7.292  7.509   -21.410 1.00 45.36 ? 57  LYS A CG  1 
ATOM   365  C  CD  . LYS A 1 71  ? -8.230  6.326   -21.534 1.00 50.94 ? 57  LYS A CD  1 
ATOM   366  C  CE  . LYS A 1 71  ? -9.138  6.228   -20.316 1.00 51.18 ? 57  LYS A CE  1 
ATOM   367  N  NZ  . LYS A 1 71  ? -10.177 5.191   -20.519 1.00 59.55 ? 57  LYS A NZ  1 
ATOM   368  N  N   . SER A 1 72  ? -8.064  10.925  -18.475 1.00 21.13 ? 58  SER A N   1 
ATOM   369  C  CA  . SER A 1 72  ? -9.027  11.594  -17.608 1.00 19.05 ? 58  SER A CA  1 
ATOM   370  C  C   . SER A 1 72  ? -8.418  11.902  -16.257 1.00 20.47 ? 58  SER A C   1 
ATOM   371  O  O   . SER A 1 72  ? -7.344  11.379  -15.909 1.00 20.69 ? 58  SER A O   1 
ATOM   372  C  CB  . SER A 1 72  ? -10.242 10.674  -17.418 1.00 21.17 ? 58  SER A CB  1 
ATOM   373  O  OG  . SER A 1 72  ? -9.865  9.509   -16.692 1.00 19.61 ? 58  SER A OG  1 
ATOM   374  N  N   . LYS A 1 73  ? -9.068  12.767  -15.496 1.00 17.87 ? 59  LYS A N   1 
ATOM   375  C  CA  . LYS A 1 73  ? -8.651  13.044  -14.136 1.00 21.93 ? 59  LYS A CA  1 
ATOM   376  C  C   . LYS A 1 73  ? -8.810  11.755  -13.296 1.00 22.41 ? 59  LYS A C   1 
ATOM   377  O  O   . LYS A 1 73  ? -7.946  11.439  -12.476 1.00 16.77 ? 59  LYS A O   1 
ATOM   378  C  CB  . LYS A 1 73  ? -9.500  14.183  -13.556 1.00 21.34 ? 59  LYS A CB  1 
ATOM   379  C  CG  . LYS A 1 73  ? -9.026  14.729  -12.189 1.00 22.40 ? 59  LYS A CG  1 
ATOM   380  C  CD  . LYS A 1 73  ? -9.969  15.871  -11.701 1.00 23.12 ? 59  LYS A CD  1 
ATOM   381  C  CE  . LYS A 1 73  ? -9.865  16.014  -10.227 1.00 26.25 ? 59  LYS A CE  1 
ATOM   382  N  NZ  . LYS A 1 73  ? -10.971 16.792  -9.529  1.00 24.57 ? 59  LYS A NZ  1 
ATOM   383  N  N   . ASP A 1 74  ? -9.900  11.023  -13.511 1.00 17.10 ? 60  ASP A N   1 
ATOM   384  C  CA  A ASP A 1 74  ? -10.119 9.708   -12.875 0.61 16.58 ? 60  ASP A CA  1 
ATOM   385  C  CA  B ASP A 1 74  ? -10.115 9.758   -12.799 0.39 16.44 ? 60  ASP A CA  1 
ATOM   386  C  C   . ASP A 1 74  ? -8.944  8.799   -13.112 1.00 21.17 ? 60  ASP A C   1 
ATOM   387  O  O   . ASP A 1 74  ? -8.537  8.023   -12.252 1.00 16.29 ? 60  ASP A O   1 
ATOM   388  C  CB  A ASP A 1 74  ? -11.312 9.008   -13.518 0.61 18.22 ? 60  ASP A CB  1 
ATOM   389  C  CB  B ASP A 1 74  ? -11.495 9.132   -13.149 0.39 20.52 ? 60  ASP A CB  1 
ATOM   390  C  CG  A ASP A 1 74  ? -11.591 7.675   -12.894 0.61 21.16 ? 60  ASP A CG  1 
ATOM   391  C  CG  B ASP A 1 74  ? -12.708 9.992   -12.678 0.39 14.26 ? 60  ASP A CG  1 
ATOM   392  O  OD1 A ASP A 1 74  ? -12.026 7.711   -11.738 0.61 16.36 ? 60  ASP A OD1 1 
ATOM   393  O  OD1 B ASP A 1 74  ? -12.528 11.081  -12.107 0.39 20.34 ? 60  ASP A OD1 1 
ATOM   394  O  OD2 A ASP A 1 74  ? -11.437 6.607   -13.565 0.61 18.95 ? 60  ASP A OD2 1 
ATOM   395  O  OD2 B ASP A 1 74  ? -13.874 9.587   -12.897 0.39 17.85 ? 60  ASP A OD2 1 
ATOM   396  N  N   . GLU A 1 75  ? -8.392  8.849   -14.324 1.00 14.57 ? 61  GLU A N   1 
ATOM   397  C  CA  . GLU A 1 75  ? -7.224  8.006   -14.596 1.00 16.64 ? 61  GLU A CA  1 
ATOM   398  C  C   . GLU A 1 75  ? -5.950  8.454   -13.843 1.00 15.93 ? 61  GLU A C   1 
ATOM   399  O  O   . GLU A 1 75  ? -5.125  7.603   -13.522 1.00 17.11 ? 61  GLU A O   1 
ATOM   400  C  CB  . GLU A 1 75  ? -6.927  7.866   -16.089 1.00 16.99 ? 61  GLU A CB  1 
ATOM   401  C  CG  . GLU A 1 75  ? -5.893  6.801   -16.409 1.00 24.68 ? 61  GLU A CG  1 
ATOM   402  C  CD  . GLU A 1 75  ? -5.757  6.553   -17.892 1.00 41.22 ? 61  GLU A CD  1 
ATOM   403  O  OE1 . GLU A 1 75  ? -6.090  5.441   -18.335 1.00 39.74 ? 61  GLU A OE1 1 
ATOM   404  O  OE2 . GLU A 1 75  ? -5.316  7.472   -18.605 1.00 36.06 ? 61  GLU A OE2 1 
ATOM   405  N  N   . ILE A 1 76  ? -5.772  9.749   -13.595 1.00 13.50 ? 62  ILE A N   1 
ATOM   406  C  CA  . ILE A 1 76  ? -4.661  10.218  -12.760 1.00 14.85 ? 62  ILE A CA  1 
ATOM   407  C  C   . ILE A 1 76  ? -4.800  9.605   -11.365 1.00 17.04 ? 62  ILE A C   1 
ATOM   408  O  O   . ILE A 1 76  ? -3.799  9.151   -10.787 1.00 18.83 ? 62  ILE A O   1 
ATOM   409  C  CB  . ILE A 1 76  ? -4.630  11.742  -12.618 1.00 16.35 ? 62  ILE A CB  1 
ATOM   410  C  CG1 . ILE A 1 76  ? -4.473  12.363  -14.011 1.00 20.04 ? 62  ILE A CG1 1 
ATOM   411  C  CG2 . ILE A 1 76  ? -3.421  12.182  -11.797 1.00 18.21 ? 62  ILE A CG2 1 
ATOM   412  C  CD1 . ILE A 1 76  ? -4.563  13.868  -14.008 1.00 15.86 ? 62  ILE A CD1 1 
ATOM   413  N  N   . LEU A 1 77  ? -6.032  9.560   -10.837 1.00 13.57 ? 63  LEU A N   1 
ATOM   414  C  CA  . LEU A 1 77  ? -6.266  9.025   -9.480  1.00 11.90 ? 63  LEU A CA  1 
ATOM   415  C  C   . LEU A 1 77  ? -5.956  7.553   -9.453  1.00 16.73 ? 63  LEU A C   1 
ATOM   416  O  O   . LEU A 1 77  ? -5.259  7.076   -8.541  1.00 16.15 ? 63  LEU A O   1 
ATOM   417  C  CB  . LEU A 1 77  ? -7.705  9.263   -9.019  1.00 12.78 ? 63  LEU A CB  1 
ATOM   418  C  CG  . LEU A 1 77  ? -8.115  8.790   -7.613  1.00 12.54 ? 63  LEU A CG  1 
ATOM   419  C  CD1 . LEU A 1 77  ? -7.311  9.456   -6.542  1.00 16.43 ? 63  LEU A CD1 1 
ATOM   420  C  CD2 . LEU A 1 77  ? -9.657  9.006   -7.429  1.00 11.95 ? 63  LEU A CD2 1 
ATOM   421  N  N   . ARG A 1 78  ? -6.434  6.821   -10.460 1.00 13.10 ? 64  ARG A N   1 
ATOM   422  C  CA  . ARG A 1 78  ? -6.087  5.398   -10.611 1.00 14.85 ? 64  ARG A CA  1 
ATOM   423  C  C   . ARG A 1 78  ? -4.579  5.196   -10.588 1.00 16.29 ? 64  ARG A C   1 
ATOM   424  O  O   . ARG A 1 78  ? -4.082  4.297   -9.909  1.00 18.37 ? 64  ARG A O   1 
ATOM   425  C  CB  . ARG A 1 78  ? -6.612  4.877   -11.956 1.00 14.90 ? 64  ARG A CB  1 
ATOM   426  C  CG  . ARG A 1 78  ? -6.196  3.418   -12.224 1.00 16.19 ? 64  ARG A CG  1 
ATOM   427  C  CD  . ARG A 1 78  ? -6.481  3.111   -13.692 1.00 21.20 ? 64  ARG A CD  1 
ATOM   428  N  NE  . ARG A 1 78  ? -5.555  2.096   -14.165 1.00 30.04 ? 64  ARG A NE  1 
ATOM   429  C  CZ  . ARG A 1 78  ? -5.460  1.713   -15.433 1.00 55.38 ? 64  ARG A CZ  1 
ATOM   430  N  NH1 . ARG A 1 78  ? -6.252  2.271   -16.342 1.00 28.88 ? 64  ARG A NH1 1 
ATOM   431  N  NH2 . ARG A 1 78  ? -4.581  0.774   -15.787 1.00 43.40 ? 64  ARG A NH2 1 
ATOM   432  N  N   . ALA A 1 79  ? -3.836  6.024   -11.326 1.00 15.13 ? 65  ALA A N   1 
ATOM   433  C  CA  . ALA A 1 79  ? -2.382  5.811   -11.443 1.00 15.24 ? 65  ALA A CA  1 
ATOM   434  C  C   . ALA A 1 79  ? -1.690  6.155   -10.143 1.00 15.94 ? 65  ALA A C   1 
ATOM   435  O  O   . ALA A 1 79  ? -0.719  5.482   -9.788  1.00 20.51 ? 65  ALA A O   1 
ATOM   436  C  CB  . ALA A 1 79  ? -1.790  6.653   -12.590 1.00 19.10 ? 65  ALA A CB  1 
ATOM   437  N  N   . VAL A 1 80  ? -2.154  7.163   -9.423  1.00 16.61 ? 66  VAL A N   1 
ATOM   438  C  CA  . VAL A 1 80  ? -1.563  7.470   -8.086  1.00 14.87 ? 66  VAL A CA  1 
ATOM   439  C  C   . VAL A 1 80  ? -1.728  6.242   -7.209  1.00 22.11 ? 66  VAL A C   1 
ATOM   440  O  O   . VAL A 1 80  ? -0.796  5.802   -6.519  1.00 18.64 ? 66  VAL A O   1 
ATOM   441  C  CB  . VAL A 1 80  ? -2.265  8.672   -7.454  1.00 15.36 ? 66  VAL A CB  1 
ATOM   442  C  CG1 . VAL A 1 80  ? -1.948  8.846   -5.978  1.00 19.64 ? 66  VAL A CG1 1 
ATOM   443  C  CG2 . VAL A 1 80  ? -1.892  9.934   -8.250  1.00 16.48 ? 66  VAL A CG2 1 
ATOM   444  N  N   . MET A 1 81  ? -2.914  5.650   -7.232  1.00 18.45 ? 67  MET A N   1 
ATOM   445  C  CA  . MET A 1 81  ? -3.144  4.498   -6.370  1.00 15.20 ? 67  MET A CA  1 
ATOM   446  C  C   . MET A 1 81  ? -2.356  3.281   -6.849  1.00 25.85 ? 67  MET A C   1 
ATOM   447  O  O   . MET A 1 81  ? -1.810  2.519   -6.041  1.00 19.11 ? 67  MET A O   1 
ATOM   448  C  CB  . MET A 1 81  ? -4.627  4.198   -6.296  1.00 13.14 ? 67  MET A CB  1 
ATOM   449  C  CG  . MET A 1 81  ? -5.436  5.348   -5.672  1.00 14.16 ? 67  MET A CG  1 
ATOM   450  S  SD  . MET A 1 81  ? -7.082  4.673   -5.348  1.00 20.49 ? 67  MET A SD  1 
ATOM   451  C  CE  . MET A 1 81  ? -7.981  6.125   -4.855  1.00 16.09 ? 67  MET A CE  1 
ATOM   452  N  N   . GLU A 1 82  ? -2.281  3.083   -8.154  1.00 18.11 ? 68  GLU A N   1 
ATOM   453  C  CA  . GLU A 1 82  ? -1.498  1.960   -8.674  1.00 20.57 ? 68  GLU A CA  1 
ATOM   454  C  C   . GLU A 1 82  ? -0.027  2.100   -8.296  1.00 23.36 ? 68  GLU A C   1 
ATOM   455  O  O   . GLU A 1 82  ? 0.635   1.128   -7.884  1.00 18.65 ? 68  GLU A O   1 
ATOM   456  C  CB  . GLU A 1 82  ? -1.644  1.864   -10.194 1.00 17.62 ? 68  GLU A CB  1 
ATOM   457  C  CG  . GLU A 1 82  ? -2.984  1.298   -10.668 1.00 20.29 ? 68  GLU A CG  1 
ATOM   458  C  CD  . GLU A 1 82  ? -3.009  1.215   -12.197 1.00 33.44 ? 68  GLU A CD  1 
ATOM   459  O  OE1 . GLU A 1 82  ? -3.841  0.484   -12.748 1.00 28.93 ? 68  GLU A OE1 1 
ATOM   460  O  OE2 . GLU A 1 82  ? -2.191  1.896   -12.849 1.00 38.97 ? 68  GLU A OE2 1 
ATOM   461  N  N   . GLU A 1 83  ? 0.509   3.306   -8.455  1.00 18.34 ? 69  GLU A N   1 
ATOM   462  C  CA  . GLU A 1 83  ? 1.921   3.532   -8.092  1.00 23.65 ? 69  GLU A CA  1 
ATOM   463  C  C   . GLU A 1 83  ? 2.201   3.178   -6.654  1.00 30.12 ? 69  GLU A C   1 
ATOM   464  O  O   . GLU A 1 83  ? 3.247   2.594   -6.357  1.00 23.38 ? 69  GLU A O   1 
ATOM   465  C  CB  . GLU A 1 83  ? 2.308   5.013   -8.226  1.00 29.53 ? 69  GLU A CB  1 
ATOM   466  C  CG  . GLU A 1 83  ? 2.612   5.474   -9.610  1.00 53.41 ? 69  GLU A CG  1 
ATOM   467  C  CD  . GLU A 1 83  ? 3.684   4.635   -10.252 1.00 63.40 ? 69  GLU A CD  1 
ATOM   468  O  OE1 . GLU A 1 83  ? 4.859   4.712   -9.811  1.00 49.50 ? 69  GLU A OE1 1 
ATOM   469  O  OE2 . GLU A 1 83  ? 3.337   3.878   -11.184 1.00 50.00 ? 69  GLU A OE2 1 
ATOM   470  N  N   . THR A 1 84  ? 1.306   3.560   -5.749  1.00 21.80 ? 70  THR A N   1 
ATOM   471  C  CA  . THR A 1 84  ? 1.517   3.266   -4.326  1.00 18.88 ? 70  THR A CA  1 
ATOM   472  C  C   . THR A 1 84  ? 1.539   1.794   -4.052  1.00 20.63 ? 70  THR A C   1 
ATOM   473  O  O   . THR A 1 84  ? 2.360   1.315   -3.249  1.00 23.72 ? 70  THR A O   1 
ATOM   474  C  CB  . THR A 1 84  ? 0.404   3.865   -3.433  1.00 27.32 ? 70  THR A CB  1 
ATOM   475  O  OG1 . THR A 1 84  ? 0.226   5.235   -3.782  1.00 43.10 ? 70  THR A OG1 1 
ATOM   476  C  CG2 . THR A 1 84  ? 0.781   3.756   -1.937  1.00 29.93 ? 70  THR A CG2 1 
ATOM   477  N  N   . ILE A 1 85  ? 0.617   1.057   -4.671  1.00 20.93 ? 71  ILE A N   1 
ATOM   478  C  CA  . ILE A 1 85  ? 0.601   -0.357  -4.450  1.00 17.28 ? 71  ILE A CA  1 
ATOM   479  C  C   . ILE A 1 85  ? 1.782   -1.060  -5.094  1.00 19.77 ? 71  ILE A C   1 
ATOM   480  O  O   . ILE A 1 85  ? 2.340   -1.993  -4.484  1.00 18.23 ? 71  ILE A O   1 
ATOM   481  C  CB  . ILE A 1 85  ? -0.707  -1.011  -4.903  1.00 19.06 ? 71  ILE A CB  1 
ATOM   482  C  CG1 . ILE A 1 85  ? -1.882  -0.479  -4.065  1.00 18.79 ? 71  ILE A CG1 1 
ATOM   483  C  CG2 . ILE A 1 85  ? -0.665  -2.520  -4.614  1.00 17.31 ? 71  ILE A CG2 1 
ATOM   484  C  CD1 . ILE A 1 85  ? -3.217  -1.010  -4.568  1.00 26.12 ? 71  ILE A CD1 1 
ATOM   485  N  N   . HIS A 1 86  ? 2.175   -0.644  -6.303  1.00 16.50 ? 72  HIS A N   1 
ATOM   486  C  CA  . HIS A 1 86  ? 3.350   -1.188  -6.961  1.00 18.86 ? 72  HIS A CA  1 
ATOM   487  C  C   . HIS A 1 86  ? 4.541   -0.965  -6.082  1.00 23.15 ? 72  HIS A C   1 
ATOM   488  O  O   . HIS A 1 86  ? 5.362   -1.858  -5.902  1.00 21.88 ? 72  HIS A O   1 
ATOM   489  C  CB  . HIS A 1 86  ? 3.600   -0.486  -8.305  1.00 19.95 ? 72  HIS A CB  1 
ATOM   490  C  CG  . HIS A 1 86  ? 2.953   -1.179  -9.450  1.00 27.74 ? 72  HIS A CG  1 
ATOM   491  N  ND1 . HIS A 1 86  ? 2.217   -0.510  -10.407 1.00 40.92 ? 72  HIS A ND1 1 
ATOM   492  C  CD2 . HIS A 1 86  ? 2.929   -2.486  -9.801  1.00 33.99 ? 72  HIS A CD2 1 
ATOM   493  C  CE1 . HIS A 1 86  ? 1.760   -1.380  -11.291 1.00 32.92 ? 72  HIS A CE1 1 
ATOM   494  N  NE2 . HIS A 1 86  ? 2.179   -2.583  -10.950 1.00 37.81 ? 72  HIS A NE2 1 
ATOM   495  N  N   . TYR A 1 87  ? 4.630   0.230   -5.503  1.00 18.64 ? 73  TYR A N   1 
ATOM   496  C  CA  . TYR A 1 87  ? 5.774   0.522   -4.633  1.00 23.11 ? 73  TYR A CA  1 
ATOM   497  C  C   . TYR A 1 87  ? 5.754   -0.304  -3.368  1.00 19.47 ? 73  TYR A C   1 
ATOM   498  O  O   . TYR A 1 87  ? 6.799   -0.889  -3.008  1.00 25.67 ? 73  TYR A O   1 
ATOM   499  C  CB  . TYR A 1 87  ? 5.786   2.019   -4.306  1.00 28.50 ? 73  TYR A CB  1 
ATOM   500  C  CG  . TYR A 1 87  ? 6.725   2.430   -3.193  1.00 34.15 ? 73  TYR A CG  1 
ATOM   501  C  CD1 . TYR A 1 87  ? 8.032   2.798   -3.461  1.00 40.60 ? 73  TYR A CD1 1 
ATOM   502  C  CD2 . TYR A 1 87  ? 6.271   2.507   -1.877  1.00 30.76 ? 73  TYR A CD2 1 
ATOM   503  C  CE1 . TYR A 1 87  ? 8.892   3.191   -2.420  1.00 52.19 ? 73  TYR A CE1 1 
ATOM   504  C  CE2 . TYR A 1 87  ? 7.104   2.887   -0.842  1.00 48.51 ? 73  TYR A CE2 1 
ATOM   505  C  CZ  . TYR A 1 87  ? 8.409   3.230   -1.112  1.00 50.99 ? 73  TYR A CZ  1 
ATOM   506  O  OH  . TYR A 1 87  ? 9.209   3.614   -0.056  1.00 74.26 ? 73  TYR A OH  1 
ATOM   507  N  N   . ASN A 1 88  ? 4.614   -0.356  -2.670  1.00 19.87 ? 74  ASN A N   1 
ATOM   508  C  CA  . ASN A 1 88  ? 4.519   -1.208  -1.476  1.00 26.03 ? 74  ASN A CA  1 
ATOM   509  C  C   . ASN A 1 88  ? 4.889   -2.632  -1.820  1.00 30.45 ? 74  ASN A C   1 
ATOM   510  O  O   . ASN A 1 88  ? 5.655   -3.271  -1.100  1.00 22.74 ? 74  ASN A O   1 
ATOM   511  C  CB  . ASN A 1 88  ? 3.132   -1.135  -0.792  1.00 27.77 ? 74  ASN A CB  1 
ATOM   512  C  CG  . ASN A 1 88  ? 2.869   0.240   -0.140  1.00 28.37 ? 74  ASN A CG  1 
ATOM   513  O  OD1 . ASN A 1 88  ? 3.777   1.070   -0.040  1.00 36.67 ? 74  ASN A OD1 1 
ATOM   514  N  ND2 . ASN A 1 88  ? 1.635   0.480   0.289   1.00 39.13 ? 74  ASN A ND2 1 
ATOM   515  N  N   . THR A 1 89  ? 4.396   -3.140  -2.947  1.00 16.84 ? 75  THR A N   1 
ATOM   516  C  CA  . THR A 1 89  ? 4.675   -4.527  -3.247  1.00 18.63 ? 75  THR A CA  1 
ATOM   517  C  C   . THR A 1 89  ? 6.157   -4.765  -3.556  1.00 14.49 ? 75  THR A C   1 
ATOM   518  O  O   . THR A 1 89  ? 6.726   -5.816  -3.186  1.00 20.32 ? 75  THR A O   1 
ATOM   519  C  CB  . THR A 1 89  ? 3.783   -5.032  -4.429  1.00 18.77 ? 75  THR A CB  1 
ATOM   520  O  OG1 . THR A 1 89  ? 2.384   -4.782  -4.108  1.00 23.39 ? 75  THR A OG1 1 
ATOM   521  C  CG2 . THR A 1 89  ? 3.985   -6.445  -4.681  1.00 30.42 ? 75  THR A CG2 1 
ATOM   522  N  N   . ALA A 1 90  ? 6.772   -3.834  -4.283  1.00 15.73 ? 76  ALA A N   1 
ATOM   523  C  CA  . ALA A 1 90  ? 8.197   -3.963  -4.648  1.00 24.25 ? 76  ALA A CA  1 
ATOM   524  C  C   . ALA A 1 90  ? 9.043   -3.972  -3.395  1.00 20.47 ? 76  ALA A C   1 
ATOM   525  O  O   . ALA A 1 90  ? 10.004  -4.758  -3.281  1.00 18.77 ? 76  ALA A O   1 
ATOM   526  C  CB  . ALA A 1 90  ? 8.658   -2.838  -5.546  1.00 24.50 ? 76  ALA A CB  1 
ATOM   527  N  N   . MET A 1 91  ? 8.640   -3.136  -2.443  1.00 17.89 ? 77  MET A N   1 
ATOM   528  C  CA  . MET A 1 91  ? 9.306   -3.075  -1.136  1.00 22.62 ? 77  MET A CA  1 
ATOM   529  C  C   . MET A 1 91  ? 9.169   -4.378  -0.377  1.00 31.37 ? 77  MET A C   1 
ATOM   530  O  O   . MET A 1 91  ? 10.143  -4.859  0.244   1.00 18.92 ? 77  MET A O   1 
ATOM   531  C  CB  . MET A 1 91  ? 8.714   -1.966  -0.279  1.00 23.15 ? 77  MET A CB  1 
ATOM   532  C  CG  . MET A 1 91  ? 8.987   -0.622  -0.860  1.00 35.66 ? 77  MET A CG  1 
ATOM   533  S  SD  . MET A 1 91  ? 10.337  0.139   0.002   1.00 77.81 ? 77  MET A SD  1 
ATOM   534  C  CE  . MET A 1 91  ? 9.403   0.749   1.403   1.00 45.47 ? 77  MET A CE  1 
ATOM   535  N  N   A MET A 1 92  ? 7.945   -4.902  -0.354  0.69 21.05 ? 78  MET A N   1 
ATOM   536  N  N   B MET A 1 92  ? 7.993   -4.989  -0.422  0.31 21.67 ? 78  MET A N   1 
ATOM   537  C  CA  A MET A 1 92  ? 7.713   -6.223  0.212   0.69 19.89 ? 78  MET A CA  1 
ATOM   538  C  CA  B MET A 1 92  ? 7.817   -6.277  0.240   0.31 19.70 ? 78  MET A CA  1 
ATOM   539  C  C   A MET A 1 92  ? 8.596   -7.305  -0.362  0.69 21.99 ? 78  MET A C   1 
ATOM   540  C  C   B MET A 1 92  ? 8.665   -7.378  -0.354  0.31 22.36 ? 78  MET A C   1 
ATOM   541  O  O   A MET A 1 92  ? 9.182   -8.101  0.394   0.69 18.80 ? 78  MET A O   1 
ATOM   542  O  O   B MET A 1 92  ? 9.259   -8.183  0.377   0.31 18.18 ? 78  MET A O   1 
ATOM   543  C  CB  A MET A 1 92  ? 6.243   -6.648  0.095   0.69 22.64 ? 78  MET A CB  1 
ATOM   544  C  CB  B MET A 1 92  ? 6.366   -6.714  0.172   0.31 22.66 ? 78  MET A CB  1 
ATOM   545  C  CG  A MET A 1 92  ? 5.354   -6.040  1.154   0.69 29.58 ? 78  MET A CG  1 
ATOM   546  C  CG  B MET A 1 92  ? 5.415   -5.636  0.550   0.31 24.12 ? 78  MET A CG  1 
ATOM   547  S  SD  A MET A 1 92  ? 4.155   -7.201  1.817   0.69 27.00 ? 78  MET A SD  1 
ATOM   548  S  SD  B MET A 1 92  ? 3.786   -6.211  0.141   0.31 17.34 ? 78  MET A SD  1 
ATOM   549  C  CE  A MET A 1 92  ? 3.483   -7.980  0.305   0.69 9.55  ? 78  MET A CE  1 
ATOM   550  C  CE  B MET A 1 92  ? 3.498   -7.284  1.553   0.31 32.12 ? 78  MET A CE  1 
ATOM   551  N  N   A ARG A 1 93  ? 8.684   -7.388  -1.694  0.69 16.81 ? 79  ARG A N   1 
ATOM   552  N  N   B ARG A 1 93  ? 8.699   -7.448  -1.682  0.31 16.83 ? 79  ARG A N   1 
ATOM   553  C  CA  A ARG A 1 93  ? 9.433   -8.464  -2.305  0.69 15.50 ? 79  ARG A CA  1 
ATOM   554  C  CA  B ARG A 1 93  ? 9.457   -8.487  -2.344  0.31 15.97 ? 79  ARG A CA  1 
ATOM   555  C  C   A ARG A 1 93  ? 10.887  -8.319  -1.994  0.69 18.70 ? 79  ARG A C   1 
ATOM   556  C  C   B ARG A 1 93  ? 10.917  -8.327  -2.031  0.31 18.87 ? 79  ARG A C   1 
ATOM   557  O  O   A ARG A 1 93  ? 11.558  -9.327  -1.770  0.69 19.47 ? 79  ARG A O   1 
ATOM   558  O  O   B ARG A 1 93  ? 11.613  -9.317  -1.810  0.31 19.73 ? 79  ARG A O   1 
ATOM   559  C  CB  A ARG A 1 93  ? 9.272   -8.525  -3.839  0.69 25.82 ? 79  ARG A CB  1 
ATOM   560  C  CB  B ARG A 1 93  ? 9.242   -8.460  -3.862  0.31 25.68 ? 79  ARG A CB  1 
ATOM   561  C  CG  A ARG A 1 93  ? 7.863   -8.819  -4.340  0.69 29.33 ? 79  ARG A CG  1 
ATOM   562  C  CG  B ARG A 1 93  ? 7.851   -8.895  -4.282  0.31 29.00 ? 79  ARG A CG  1 
ATOM   563  C  CD  A ARG A 1 93  ? 7.858   -8.849  -5.872  0.69 25.71 ? 79  ARG A CD  1 
ATOM   564  C  CD  B ARG A 1 93  ? 7.727   -8.950  -5.794  0.31 25.63 ? 79  ARG A CD  1 
ATOM   565  N  NE  A ARG A 1 93  ? 6.531   -9.063  -6.449  0.69 23.01 ? 79  ARG A NE  1 
ATOM   566  N  NE  B ARG A 1 93  ? 6.655   -9.847  -6.212  0.31 26.92 ? 79  ARG A NE  1 
ATOM   567  C  CZ  A ARG A 1 93  ? 5.905   -10.241 -6.441  0.69 38.34 ? 79  ARG A CZ  1 
ATOM   568  C  CZ  B ARG A 1 93  ? 5.563   -9.465  -6.872  0.31 29.90 ? 79  ARG A CZ  1 
ATOM   569  N  NH1 A ARG A 1 93  ? 6.468   -11.285 -5.837  0.69 32.21 ? 79  ARG A NH1 1 
ATOM   570  N  NH1 B ARG A 1 93  ? 5.380   -8.192  -7.194  0.31 23.23 ? 79  ARG A NH1 1 
ATOM   571  N  NH2 A ARG A 1 93  ? 4.713   -10.376 -7.014  0.69 27.05 ? 79  ARG A NH2 1 
ATOM   572  N  NH2 B ARG A 1 93  ? 4.651   -10.366 -7.214  0.31 27.19 ? 79  ARG A NH2 1 
ATOM   573  N  N   . ALA A 1 94  ? 11.381  -7.082  -2.004  1.00 17.87 ? 80  ALA A N   1 
ATOM   574  C  CA  . ALA A 1 94  ? 12.793  -6.809  -1.695  1.00 16.14 ? 80  ALA A CA  1 
ATOM   575  C  C   . ALA A 1 94  ? 13.103  -7.244  -0.280  1.00 27.41 ? 80  ALA A C   1 
ATOM   576  O  O   . ALA A 1 94  ? 14.138  -7.873  -0.042  1.00 23.47 ? 80  ALA A O   1 
ATOM   577  C  CB  . ALA A 1 94  ? 13.124  -5.277  -1.850  1.00 24.67 ? 80  ALA A CB  1 
ATOM   578  N  N   A SER A 1 95  ? 12.232  -6.890  0.668   0.59 19.43 ? 81  SER A N   1 
ATOM   579  N  N   B SER A 1 95  ? 12.214  -6.902  0.653   0.41 19.39 ? 81  SER A N   1 
ATOM   580  C  CA  A SER A 1 95  ? 12.418  -7.341  2.067   0.59 18.60 ? 81  SER A CA  1 
ATOM   581  C  CA  B SER A 1 95  ? 12.378  -7.316  2.057   0.41 18.80 ? 81  SER A CA  1 
ATOM   582  C  C   A SER A 1 95  ? 12.413  -8.858  2.149   0.59 27.86 ? 81  SER A C   1 
ATOM   583  C  C   B SER A 1 95  ? 12.370  -8.838  2.186   0.41 27.58 ? 81  SER A C   1 
ATOM   584  O  O   A SER A 1 95  ? 13.283  -9.446  2.809   0.59 24.13 ? 81  SER A O   1 
ATOM   585  O  O   B SER A 1 95  ? 13.192  -9.404  2.917   0.41 24.19 ? 81  SER A O   1 
ATOM   586  C  CB  A SER A 1 95  ? 11.350  -6.775  3.004   0.59 17.78 ? 81  SER A CB  1 
ATOM   587  C  CB  B SER A 1 95  ? 11.286  -6.706  2.939   0.41 17.90 ? 81  SER A CB  1 
ATOM   588  O  OG  A SER A 1 95  ? 11.405  -5.367  3.017   0.59 24.45 ? 81  SER A OG  1 
ATOM   589  O  OG  B SER A 1 95  ? 11.745  -6.546  4.261   0.41 19.18 ? 81  SER A OG  1 
ATOM   590  N  N   . LEU A 1 96  ? 11.455  -9.504  1.477   1.00 19.48 ? 82  LEU A N   1 
ATOM   591  C  CA  . LEU A 1 96  ? 11.437  -10.977 1.452   1.00 26.40 ? 82  LEU A CA  1 
ATOM   592  C  C   . LEU A 1 96  ? 12.697  -11.596 0.932   1.00 31.80 ? 82  LEU A C   1 
ATOM   593  O  O   . LEU A 1 96  ? 13.105  -12.674 1.403   1.00 30.64 ? 82  LEU A O   1 
ATOM   594  C  CB  . LEU A 1 96  ? 10.280  -11.533 0.609   1.00 16.78 ? 82  LEU A CB  1 
ATOM   595  C  CG  . LEU A 1 96  ? 8.950   -11.523 1.287   1.00 26.13 ? 82  LEU A CG  1 
ATOM   596  C  CD1 . LEU A 1 96  ? 7.970   -12.087 0.259   1.00 22.64 ? 82  LEU A CD1 1 
ATOM   597  C  CD2 . LEU A 1 96  ? 8.961   -12.373 2.589   1.00 18.13 ? 82  LEU A CD2 1 
ATOM   598  N  N   . GLU A 1 97  ? 13.291  -10.977 -0.087  1.00 21.70 ? 83  GLU A N   1 
ATOM   599  C  CA  . GLU A 1 97  ? 14.507  -11.504 -0.690  1.00 30.62 ? 83  GLU A CA  1 
ATOM   600  C  C   . GLU A 1 97  ? 15.668  -11.514 0.313   1.00 25.12 ? 83  GLU A C   1 
ATOM   601  O  O   . GLU A 1 97  ? 16.541  -12.377 0.231   1.00 31.38 ? 83  GLU A O   1 
ATOM   602  C  CB  . GLU A 1 97  ? 14.889  -10.730 -1.968  1.00 28.36 ? 83  GLU A CB  1 
ATOM   603  C  CG  . GLU A 1 97  ? 13.978  -11.022 -3.123  1.00 50.04 ? 83  GLU A CG  1 
ATOM   604  C  CD  . GLU A 1 97  ? 14.315  -10.243 -4.392  1.00 70.54 ? 83  GLU A CD  1 
ATOM   605  O  OE1 . GLU A 1 97  ? 15.029  -9.210  -4.317  1.00 55.06 ? 83  GLU A OE1 1 
ATOM   606  O  OE2 . GLU A 1 97  ? 13.846  -10.671 -5.472  1.00 69.44 ? 83  GLU A OE2 1 
ATOM   607  N  N   . GLU A 1 98  ? 15.651  -10.584 1.270   1.00 25.41 ? 84  GLU A N   1 
ATOM   608  C  CA  . GLU A 1 98  ? 16.705  -10.467 2.274   1.00 25.39 ? 84  GLU A CA  1 
ATOM   609  C  C   . GLU A 1 98  ? 16.435  -11.354 3.487   1.00 30.52 ? 84  GLU A C   1 
ATOM   610  O  O   . GLU A 1 98  ? 17.208  -11.354 4.441   1.00 28.76 ? 84  GLU A O   1 
ATOM   611  C  CB  . GLU A 1 98  ? 16.845  -9.028  2.751   1.00 27.14 ? 84  GLU A CB  1 
ATOM   612  C  CG  . GLU A 1 98  ? 17.269  -8.084  1.636   1.00 58.75 ? 84  GLU A CG  1 
ATOM   613  C  CD  . GLU A 1 98  ? 17.110  -6.627  1.999   1.00 63.48 ? 84  GLU A CD  1 
ATOM   614  O  OE1 . GLU A 1 98  ? 16.748  -6.337  3.164   1.00 64.85 ? 84  GLU A OE1 1 
ATOM   615  O  OE2 . GLU A 1 98  ? 17.339  -5.777  1.105   1.00 55.35 ? 84  GLU A OE2 1 
ATOM   616  N  N   . ALA A 1 99  ? 15.334  -12.095 3.446   1.00 21.96 ? 85  ALA A N   1 
ATOM   617  C  CA  . ALA A 1 99  ? 14.924  -12.949 4.566   1.00 25.57 ? 85  ALA A CA  1 
ATOM   618  C  C   . ALA A 1 99  ? 15.024  -14.406 4.161   1.00 22.87 ? 85  ALA A C   1 
ATOM   619  O  O   . ALA A 1 99  ? 14.402  -14.828 3.178   1.00 33.30 ? 85  ALA A O   1 
ATOM   620  C  CB  . ALA A 1 99  ? 13.484  -12.613 4.972   1.00 24.56 ? 85  ALA A CB  1 
ATOM   621  N  N   . SER A 1 100 ? 15.774  -15.194 4.936   1.00 25.31 ? 86  SER A N   1 
ATOM   622  C  CA  . SER A 1 100 ? 16.089  -16.581 4.574   1.00 30.21 ? 86  SER A CA  1 
ATOM   623  C  C   . SER A 1 100 ? 15.355  -17.610 5.440   1.00 45.48 ? 86  SER A C   1 
ATOM   624  O  O   . SER A 1 100 ? 15.431  -18.806 5.179   1.00 41.12 ? 86  SER A O   1 
ATOM   625  C  CB  . SER A 1 100 ? 17.608  -16.821 4.700   1.00 51.72 ? 86  SER A CB  1 
ATOM   626  O  OG  . SER A 1 100 ? 18.084  -16.597 6.034   1.00 37.22 ? 86  SER A OG  1 
ATOM   627  N  N   . THR A 1 101 ? 14.664  -17.157 6.485   1.00 19.77 ? 87  THR A N   1 
ATOM   628  C  CA  . THR A 1 101 ? 13.965  -18.091 7.361   1.00 20.32 ? 87  THR A CA  1 
ATOM   629  C  C   . THR A 1 101 ? 12.492  -17.791 7.377   1.00 21.84 ? 87  THR A C   1 
ATOM   630  O  O   . THR A 1 101 ? 12.098  -16.660 7.069   1.00 21.34 ? 87  THR A O   1 
ATOM   631  C  CB  . THR A 1 101 ? 14.452  -17.990 8.810   1.00 17.59 ? 87  THR A CB  1 
ATOM   632  O  OG1 . THR A 1 101 ? 14.311  -16.637 9.267   1.00 19.69 ? 87  THR A OG1 1 
ATOM   633  C  CG2 . THR A 1 101 ? 15.925  -18.406 8.905   1.00 24.59 ? 87  THR A CG2 1 
ATOM   634  N  N   . VAL A 1 102 ? 11.680  -18.786 7.716   1.00 18.81 ? 88  VAL A N   1 
ATOM   635  C  CA  . VAL A 1 102 ? 10.222  -18.543 7.829   1.00 18.80 ? 88  VAL A CA  1 
ATOM   636  C  C   . VAL A 1 102 ? 9.887   -17.367 8.757   1.00 17.18 ? 88  VAL A C   1 
ATOM   637  O  O   . VAL A 1 102 ? 9.060   -16.496 8.425   1.00 16.34 ? 88  VAL A O   1 
ATOM   638  C  CB  . VAL A 1 102 ? 9.466   -19.810 8.344   1.00 26.27 ? 88  VAL A CB  1 
ATOM   639  C  CG1 . VAL A 1 102 ? 8.028   -19.459 8.848   1.00 29.54 ? 88  VAL A CG1 1 
ATOM   640  C  CG2 . VAL A 1 102 ? 9.451   -20.913 7.266   1.00 29.15 ? 88  VAL A CG2 1 
ATOM   641  N  N   . ARG A 1 103 ? 10.483  -17.335 9.951   1.00 16.40 ? 89  ARG A N   1 
ATOM   642  C  CA  . ARG A 1 103 ? 10.166  -16.287 10.864  1.00 15.53 ? 89  ARG A CA  1 
ATOM   643  C  C   . ARG A 1 103 ? 10.518  -14.906 10.316  1.00 19.79 ? 89  ARG A C   1 
ATOM   644  O  O   . ARG A 1 103 ? 9.754   -13.965 10.512  1.00 14.85 ? 89  ARG A O   1 
ATOM   645  C  CB  . ARG A 1 103 ? 10.739  -16.523 12.277  1.00 16.53 ? 89  ARG A CB  1 
ATOM   646  C  CG  . ARG A 1 103 ? 12.238  -16.338 12.407  1.00 18.17 ? 89  ARG A CG  1 
ATOM   647  C  CD  . ARG A 1 103 ? 12.511  -14.927 12.943  1.00 18.62 ? 89  ARG A CD  1 
ATOM   648  N  NE  . ARG A 1 103 ? 12.185  -14.778 14.352  1.00 18.37 ? 89  ARG A NE  1 
ATOM   649  C  CZ  . ARG A 1 103 ? 12.184  -13.614 14.986  1.00 23.18 ? 89  ARG A CZ  1 
ATOM   650  N  NH1 . ARG A 1 103 ? 11.849  -13.557 16.262  1.00 24.68 ? 89  ARG A NH1 1 
ATOM   651  N  NH2 . ARG A 1 103 ? 12.518  -12.499 14.341  1.00 24.59 ? 89  ARG A NH2 1 
ATOM   652  N  N   . GLU A 1 104 ? 11.647  -14.779 9.616   1.00 16.38 ? 90  GLU A N   1 
ATOM   653  C  CA  . GLU A 1 104 ? 12.002  -13.483 9.087   1.00 13.77 ? 90  GLU A CA  1 
ATOM   654  C  C   . GLU A 1 104 ? 11.121  -13.089 7.885   1.00 12.71 ? 90  GLU A C   1 
ATOM   655  O  O   . GLU A 1 104 ? 10.904  -11.888 7.668   1.00 16.04 ? 90  GLU A O   1 
ATOM   656  C  CB  . GLU A 1 104 ? 13.485  -13.406 8.780   1.00 26.32 ? 90  GLU A CB  1 
ATOM   657  C  CG  . GLU A 1 104 ? 14.296  -13.259 10.123  1.00 24.88 ? 90  GLU A CG  1 
ATOM   658  C  CD  . GLU A 1 104 ? 14.146  -11.850 10.753  1.00 29.98 ? 90  GLU A CD  1 
ATOM   659  O  OE1 . GLU A 1 104 ? 14.494  -10.861 10.086  1.00 35.18 ? 90  GLU A OE1 1 
ATOM   660  O  OE2 . GLU A 1 104 ? 13.687  -11.705 11.913  1.00 21.28 ? 90  GLU A OE2 1 
ATOM   661  N  N   . ARG A 1 105 ? 10.666  -14.076 7.123   1.00 15.30 ? 91  ARG A N   1 
ATOM   662  C  CA  . ARG A 1 105 ? 9.820   -13.756 5.955   1.00 14.85 ? 91  ARG A CA  1 
ATOM   663  C  C   . ARG A 1 105 ? 8.444   -13.310 6.432   1.00 16.81 ? 91  ARG A C   1 
ATOM   664  O  O   . ARG A 1 105 ? 7.911   -12.325 5.945   1.00 13.42 ? 91  ARG A O   1 
ATOM   665  C  CB  . ARG A 1 105 ? 9.720   -14.961 5.021   1.00 13.45 ? 91  ARG A CB  1 
ATOM   666  C  CG  . ARG A 1 105 ? 11.095  -15.253 4.368   1.00 22.78 ? 91  ARG A CG  1 
ATOM   667  C  CD  . ARG A 1 105 ? 11.187  -16.583 3.625   1.00 20.11 ? 91  ARG A CD  1 
ATOM   668  N  NE  . ARG A 1 105 ? 10.277  -16.680 2.502   1.00 22.42 ? 91  ARG A NE  1 
ATOM   669  C  CZ  . ARG A 1 105 ? 10.494  -16.133 1.304   1.00 36.11 ? 91  ARG A CZ  1 
ATOM   670  N  NH1 . ARG A 1 105 ? 11.604  -15.425 1.056   1.00 28.44 ? 91  ARG A NH1 1 
ATOM   671  N  NH2 . ARG A 1 105 ? 9.598   -16.303 0.352   1.00 28.36 ? 91  ARG A NH2 1 
ATOM   672  N  N   . VAL A 1 106 ? 7.840   -14.033 7.365   1.00 13.34 ? 92  VAL A N   1 
ATOM   673  C  CA  . VAL A 1 106 ? 6.563   -13.554 7.961   1.00 14.37 ? 92  VAL A CA  1 
ATOM   674  C  C   . VAL A 1 106 ? 6.741   -12.163 8.605   1.00 13.90 ? 92  VAL A C   1 
ATOM   675  O  O   . VAL A 1 106 ? 5.934   -11.280 8.410   1.00 12.76 ? 92  VAL A O   1 
ATOM   676  C  CB  . VAL A 1 106 ? 5.942   -14.582 8.970   1.00 15.23 ? 92  VAL A CB  1 
ATOM   677  C  CG1 . VAL A 1 106 ? 4.617   -14.096 9.513   1.00 12.36 ? 92  VAL A CG1 1 
ATOM   678  C  CG2 . VAL A 1 106 ? 5.725   -15.947 8.263   1.00 11.89 ? 92  VAL A CG2 1 
ATOM   679  N  N   . LEU A 1 107 ? 7.822   -11.962 9.375   1.00 13.54 ? 93  LEU A N   1 
ATOM   680  C  CA  . LEU A 1 107 ? 8.036   -10.683 9.997   1.00 13.74 ? 93  LEU A CA  1 
ATOM   681  C  C   . LEU A 1 107 ? 8.219   -9.594  8.977   1.00 12.05 ? 93  LEU A C   1 
ATOM   682  O  O   . LEU A 1 107 ? 7.740   -8.480  9.186   1.00 12.01 ? 93  LEU A O   1 
ATOM   683  C  CB  . LEU A 1 107 ? 9.259   -10.771 10.939  1.00 11.26 ? 93  LEU A CB  1 
ATOM   684  C  CG  . LEU A 1 107 ? 9.501   -9.465  11.685  1.00 15.19 ? 93  LEU A CG  1 
ATOM   685  C  CD1 . LEU A 1 107 ? 8.286   -9.060  12.559  1.00 12.71 ? 93  LEU A CD1 1 
ATOM   686  C  CD2 . LEU A 1 107 ? 10.793  -9.617  12.542  1.00 18.40 ? 93  LEU A CD2 1 
ATOM   687  N  N   . ALA A 1 108 ? 8.896   -9.905  7.863   1.00 15.96 ? 94  ALA A N   1 
ATOM   688  C  CA  . ALA A 1 108 ? 9.090   -8.882  6.840   1.00 16.33 ? 94  ALA A CA  1 
ATOM   689  C  C   . ALA A 1 108 ? 7.745   -8.392  6.313   1.00 13.61 ? 94  ALA A C   1 
ATOM   690  O  O   . ALA A 1 108 ? 7.576   -7.187  6.065   1.00 14.61 ? 94  ALA A O   1 
ATOM   691  C  CB  . ALA A 1 108 ? 9.912   -9.450  5.679   1.00 19.94 ? 94  ALA A CB  1 
ATOM   692  N  N   . LEU A 1 109 ? 6.819   -9.314  6.026   1.00 13.33 ? 95  LEU A N   1 
ATOM   693  C  CA  . LEU A 1 109 ? 5.526   -8.850  5.513   1.00 12.51 ? 95  LEU A CA  1 
ATOM   694  C  C   . LEU A 1 109 ? 4.757   -8.082  6.563   1.00 14.69 ? 95  LEU A C   1 
ATOM   695  O  O   . LEU A 1 109 ? 4.137   -7.092  6.256   1.00 13.10 ? 95  LEU A O   1 
ATOM   696  C  CB  . LEU A 1 109 ? 4.685   -10.020 5.052   1.00 16.75 ? 95  LEU A CB  1 
ATOM   697  C  CG  . LEU A 1 109 ? 5.336   -10.942 3.975   1.00 18.01 ? 95  LEU A CG  1 
ATOM   698  C  CD1 . LEU A 1 109 ? 4.213   -11.763 3.318   1.00 13.27 ? 95  LEU A CD1 1 
ATOM   699  C  CD2 . LEU A 1 109 ? 6.005   -10.108 2.930   1.00 20.81 ? 95  LEU A CD2 1 
ATOM   700  N  N   . ILE A 1 110 ? 4.780   -8.533  7.828   1.00 11.03 ? 96  ILE A N   1 
ATOM   701  C  CA  . ILE A 1 110 ? 4.095   -7.795  8.914   1.00 10.43 ? 96  ILE A CA  1 
ATOM   702  C  C   . ILE A 1 110 ? 4.657   -6.382  9.063   1.00 14.20 ? 96  ILE A C   1 
ATOM   703  O  O   . ILE A 1 110 ? 3.919   -5.393  9.153   1.00 14.46 ? 96  ILE A O   1 
ATOM   704  C  CB  . ILE A 1 110 ? 4.269   -8.567  10.223  1.00 9.59  ? 96  ILE A CB  1 
ATOM   705  C  CG1 . ILE A 1 110 ? 3.393   -9.817  10.192  1.00 10.06 ? 96  ILE A CG1 1 
ATOM   706  C  CG2 . ILE A 1 110 ? 3.843   -7.713  11.426  1.00 13.41 ? 96  ILE A CG2 1 
ATOM   707  C  CD1 . ILE A 1 110 ? 3.669   -10.788 11.369  1.00 17.68 ? 96  ILE A CD1 1 
ATOM   708  N  N   . ARG A 1 111 ? 5.977   -6.258  9.079   1.00 14.13 ? 97  ARG A N   1 
ATOM   709  C  CA  . ARG A 1 111 ? 6.584   -4.954  9.186   1.00 18.56 ? 97  ARG A CA  1 
ATOM   710  C  C   . ARG A 1 111 ? 6.248   -4.044  7.999   1.00 17.46 ? 97  ARG A C   1 
ATOM   711  O  O   . ARG A 1 111 ? 5.980   -2.886  8.182   1.00 15.27 ? 97  ARG A O   1 
ATOM   712  C  CB  . ARG A 1 111 ? 8.093   -5.114  9.257   1.00 16.12 ? 97  ARG A CB  1 
ATOM   713  C  CG  . ARG A 1 111 ? 8.839   -3.815  9.440   1.00 21.10 ? 97  ARG A CG  1 
ATOM   714  C  CD  . ARG A 1 111 ? 10.381  -4.026  9.280   1.00 23.93 ? 97  ARG A CD  1 
ATOM   715  N  NE  . ARG A 1 111 ? 10.939  -5.021  10.213  1.00 30.10 ? 97  ARG A NE  1 
ATOM   716  C  CZ  . ARG A 1 111 ? 11.400  -6.220  9.853   1.00 37.65 ? 97  ARG A CZ  1 
ATOM   717  N  NH1 . ARG A 1 111 ? 11.379  -6.589  8.580   1.00 27.79 ? 97  ARG A NH1 1 
ATOM   718  N  NH2 . ARG A 1 111 ? 11.904  -7.055  10.760  1.00 31.98 ? 97  ARG A NH2 1 
HETATM 719  N  N   . CME A 1 112 ? 6.300   -4.573  6.770   1.00 14.39 ? 98  CME A N   1 
HETATM 720  C  CA  . CME A 1 112 ? 5.978   -3.756  5.645   1.00 12.65 ? 98  CME A CA  1 
HETATM 721  C  CB  . CME A 1 112 ? 6.234   -4.595  4.412   1.00 15.85 ? 98  CME A CB  1 
HETATM 722  S  SG  . CME A 1 112 ? 7.925   -4.883  3.977   1.00 20.63 ? 98  CME A SG  1 
HETATM 723  S  SD  . CME A 1 112 ? 8.622   -3.077  3.467   1.00 29.64 ? 98  CME A SD  1 
HETATM 724  C  CE  . CME A 1 112 ? 9.498   -2.453  4.885   1.00 36.86 ? 98  CME A CE  1 
HETATM 725  C  CZ  . CME A 1 112 ? 10.929  -2.121  4.715   1.00 50.92 ? 98  CME A CZ  1 
HETATM 726  O  OH  . CME A 1 112 ? 11.473  -1.265  5.642   1.00 54.79 ? 98  CME A OH  1 
HETATM 727  C  C   . CME A 1 112 ? 4.557   -3.295  5.729   1.00 11.87 ? 98  CME A C   1 
HETATM 728  O  O   . CME A 1 112 ? 4.284   -2.096  5.473   1.00 15.75 ? 98  CME A O   1 
ATOM   729  N  N   . GLU A 1 113 ? 3.628   -4.200  6.047   1.00 9.69  ? 99  GLU A N   1 
ATOM   730  C  CA  . GLU A 1 113 ? 2.233   -3.780  6.107   1.00 13.25 ? 99  GLU A CA  1 
ATOM   731  C  C   . GLU A 1 113 ? 1.981   -2.719  7.184   1.00 16.12 ? 99  GLU A C   1 
ATOM   732  O  O   . GLU A 1 113 ? 1.253   -1.706  6.935   1.00 12.77 ? 99  GLU A O   1 
ATOM   733  C  CB  . GLU A 1 113 ? 1.286   -4.974  6.319   1.00 11.64 ? 99  GLU A CB  1 
ATOM   734  C  CG  . GLU A 1 113 ? -0.189  -4.569  6.220   1.00 13.64 ? 99  GLU A CG  1 
ATOM   735  C  CD  . GLU A 1 113 ? -0.990  -5.753  5.728   1.00 20.16 ? 99  GLU A CD  1 
ATOM   736  O  OE1 . GLU A 1 113 ? -1.690  -6.349  6.533   1.00 15.78 ? 99  GLU A OE1 1 
ATOM   737  O  OE2 . GLU A 1 113 ? -0.900  -6.083  4.512   1.00 16.68 ? 99  GLU A OE2 1 
ATOM   738  N  N   . LEU A 1 114 ? 2.565   -2.947  8.360   1.00 13.74 ? 100 LEU A N   1 
ATOM   739  C  CA  . LEU A 1 114 ? 2.407   -1.934  9.428   1.00 15.19 ? 100 LEU A CA  1 
ATOM   740  C  C   . LEU A 1 114 ? 2.963   -0.574  9.000   1.00 15.29 ? 100 LEU A C   1 
ATOM   741  O  O   . LEU A 1 114 ? 2.365   0.498   9.316   1.00 19.12 ? 100 LEU A O   1 
ATOM   742  C  CB  . LEU A 1 114 ? 3.095   -2.371  10.748  1.00 13.35 ? 100 LEU A CB  1 
ATOM   743  C  CG  . LEU A 1 114 ? 2.259   -3.388  11.536  1.00 13.65 ? 100 LEU A CG  1 
ATOM   744  C  CD1 . LEU A 1 114 ? 3.070   -4.013  12.714  1.00 14.94 ? 100 LEU A CD1 1 
ATOM   745  C  CD2 . LEU A 1 114 ? 0.956   -2.753  12.125  1.00 13.92 ? 100 LEU A CD2 1 
ATOM   746  N  N   . GLN A 1 115 ? 4.124   -0.597  8.341   1.00 14.84 ? 101 GLN A N   1 
ATOM   747  C  CA  . GLN A 1 115 ? 4.780   0.664   7.949   1.00 25.97 ? 101 GLN A CA  1 
ATOM   748  C  C   . GLN A 1 115 ? 3.872   1.388   6.982   1.00 24.50 ? 101 GLN A C   1 
ATOM   749  O  O   . GLN A 1 115 ? 3.657   2.599   7.084   1.00 25.09 ? 101 GLN A O   1 
ATOM   750  C  CB  . GLN A 1 115 ? 6.131   0.393   7.326   1.00 20.66 ? 101 GLN A CB  1 
ATOM   751  C  CG  . GLN A 1 115 ? 7.203   0.052   8.369   1.00 40.74 ? 101 GLN A CG  1 
ATOM   752  C  CD  . GLN A 1 115 ? 8.620   0.179   7.823   1.00 53.47 ? 101 GLN A CD  1 
ATOM   753  O  OE1 . GLN A 1 115 ? 8.823   0.542   6.660   1.00 63.31 ? 101 GLN A OE1 1 
ATOM   754  N  NE2 . GLN A 1 115 ? 9.607   -0.134  8.660   1.00 48.68 ? 101 GLN A NE2 1 
ATOM   755  N  N   . SER A 1 116 ? 3.274   0.640   6.058   1.00 18.84 ? 102 SER A N   1 
ATOM   756  C  CA  . SER A 1 116 ? 2.242   1.236   5.201   1.00 15.76 ? 102 SER A CA  1 
ATOM   757  C  C   . SER A 1 116 ? 1.013   1.758   5.950   1.00 25.98 ? 102 SER A C   1 
ATOM   758  O  O   . SER A 1 116 ? 0.535   2.853   5.665   1.00 38.08 ? 102 SER A O   1 
ATOM   759  C  CB  . SER A 1 116 ? 1.874   0.283   4.049   1.00 22.05 ? 102 SER A CB  1 
ATOM   760  O  OG  . SER A 1 116 ? 0.886   -0.616  4.470   1.00 32.76 ? 102 SER A OG  1 
ATOM   761  N  N   . ILE A 1 117 ? 0.499   0.984   6.902   1.00 24.06 ? 103 ILE A N   1 
ATOM   762  C  CA  . ILE A 1 117 ? -0.657  1.394   7.725   1.00 23.18 ? 103 ILE A CA  1 
ATOM   763  C  C   . ILE A 1 117 ? -0.347  2.713   8.494   1.00 21.96 ? 103 ILE A C   1 
ATOM   764  O  O   . ILE A 1 117 ? -1.220  3.591   8.699   1.00 25.01 ? 103 ILE A O   1 
ATOM   765  C  CB  . ILE A 1 117 ? -1.052  0.217   8.685   1.00 22.16 ? 103 ILE A CB  1 
ATOM   766  C  CG1 . ILE A 1 117 ? -1.859  -0.867  7.953   1.00 25.38 ? 103 ILE A CG1 1 
ATOM   767  C  CG2 . ILE A 1 117 ? -1.856  0.678   9.904   1.00 26.61 ? 103 ILE A CG2 1 
ATOM   768  C  CD1 . ILE A 1 117 ? -1.802  -2.265  8.667   1.00 20.88 ? 103 ILE A CD1 1 
ATOM   769  N  N   . MET A 1 118 ? 0.890   2.865   8.937   1.00 16.25 ? 104 MET A N   1 
ATOM   770  C  CA  . MET A 1 118 ? 1.198   4.033   9.802   1.00 25.75 ? 104 MET A CA  1 
ATOM   771  C  C   . MET A 1 118 ? 1.770   5.216   9.036   1.00 41.64 ? 104 MET A C   1 
ATOM   772  O  O   . MET A 1 118 ? 2.558   5.977   9.587   1.00 38.43 ? 104 MET A O   1 
ATOM   773  C  CB  . MET A 1 118 ? 2.213   3.661   10.879  1.00 26.59 ? 104 MET A CB  1 
ATOM   774  C  CG  . MET A 1 118 ? 1.720   2.647   11.844  1.00 41.91 ? 104 MET A CG  1 
ATOM   775  S  SD  . MET A 1 118 ? 0.333   3.235   12.842  1.00 34.71 ? 104 MET A SD  1 
ATOM   776  C  CE  . MET A 1 118 ? -0.133  1.641   13.460  1.00 29.18 ? 104 MET A CE  1 
ATOM   777  N  N   . GLY A 1 119 ? 1.410   5.374   7.770   1.00 50.97 ? 105 GLY A N   1 
ATOM   778  C  CA  . GLY A 1 119 ? 1.835   6.570   7.058   1.00 75.84 ? 105 GLY A CA  1 
ATOM   779  C  C   . GLY A 1 119 ? 3.177   6.500   6.350   1.00 57.76 ? 105 GLY A C   1 
ATOM   780  O  O   . GLY A 1 119 ? 3.637   7.489   5.770   1.00 74.03 ? 105 GLY A O   1 
ATOM   781  N  N   . GLY A 1 120 ? 3.819   5.338   6.393   1.00 44.47 ? 106 GLY A N   1 
ATOM   782  C  CA  . GLY A 1 120 ? 4.806   5.013   5.377   1.00 33.85 ? 106 GLY A CA  1 
ATOM   783  C  C   . GLY A 1 120 ? 3.996   4.881   4.083   1.00 31.03 ? 106 GLY A C   1 
ATOM   784  O  O   . GLY A 1 120 ? 2.746   4.945   4.101   1.00 61.74 ? 106 GLY A O   1 
ATOM   785  N  N   . SER A 1 121 ? 4.692   4.730   2.964   1.00 33.94 ? 107 SER A N   1 
ATOM   786  C  CA  . SER A 1 121 ? 4.068   4.865   1.642   1.00 55.19 ? 107 SER A CA  1 
ATOM   787  C  C   . SER A 1 121 ? 3.454   6.260   1.356   1.00 63.93 ? 107 SER A C   1 
ATOM   788  O  O   . SER A 1 121 ? 3.061   6.551   0.221   1.00 52.30 ? 107 SER A O   1 
ATOM   789  C  CB  . SER A 1 121 ? 3.060   3.738   1.420   1.00 45.79 ? 107 SER A CB  1 
ATOM   790  O  OG  . SER A 1 121 ? 3.652   2.496   1.790   1.00 48.12 ? 107 SER A OG  1 
ATOM   791  N  N   . GLY A 1 122 ? 3.368   7.107   2.388   0.91 50.18 ? 108 GLY A N   1 
ATOM   792  C  CA  . GLY A 1 122 ? 3.093   8.527   2.227   0.91 49.68 ? 108 GLY A CA  1 
ATOM   793  C  C   . GLY A 1 122 ? 1.757   9.014   1.676   0.91 45.43 ? 108 GLY A C   1 
ATOM   794  O  O   . GLY A 1 122 ? 0.681   8.448   1.957   0.91 30.96 ? 108 GLY A O   1 
ATOM   795  N  N   . GLU A 1 123 ? 1.829   10.106  0.905   1.00 41.85 ? 109 GLU A N   1 
ATOM   796  C  CA  . GLU A 1 123 ? 0.625   10.835  0.478   1.00 27.93 ? 109 GLU A CA  1 
ATOM   797  C  C   . GLU A 1 123 ? -0.223  10.001  -0.444  1.00 34.28 ? 109 GLU A C   1 
ATOM   798  O  O   . GLU A 1 123 ? -1.438  10.079  -0.397  1.00 33.97 ? 109 GLU A O   1 
ATOM   799  C  CB  . GLU A 1 123 ? 0.971   12.170  -0.208  1.00 30.59 ? 109 GLU A CB  1 
ATOM   800  C  CG  . GLU A 1 123 ? 1.752   13.122  0.678   1.00 51.96 ? 109 GLU A CG  1 
ATOM   801  C  CD  . GLU A 1 123 ? 3.201   12.684  0.821   1.00 44.96 ? 109 GLU A CD  1 
ATOM   802  O  OE1 . GLU A 1 123 ? 3.607   11.775  0.059   1.00 36.83 ? 109 GLU A OE1 1 
ATOM   803  O  OE2 . GLU A 1 123 ? 3.932   13.246  1.668   1.00 74.45 ? 109 GLU A OE2 1 
ATOM   804  N  N   . ALA A 1 124 ? 0.420   9.201   -1.290  1.00 35.48 ? 110 ALA A N   1 
ATOM   805  C  CA  . ALA A 1 124 ? -0.325  8.455   -2.302  1.00 28.57 ? 110 ALA A CA  1 
ATOM   806  C  C   . ALA A 1 124 ? -1.109  7.269   -1.678  1.00 36.16 ? 110 ALA A C   1 
ATOM   807  O  O   . ALA A 1 124 ? -2.130  6.820   -2.221  1.00 32.53 ? 110 ALA A O   1 
ATOM   808  C  CB  . ALA A 1 124 ? 0.582   8.019   -3.396  1.00 30.75 ? 110 ALA A CB  1 
ATOM   809  N  N   . MET A 1 125 ? -0.648  6.803   -0.520  1.00 36.85 ? 111 MET A N   1 
ATOM   810  C  CA  . MET A 1 125 ? -1.362  5.776   0.239   1.00 49.49 ? 111 MET A CA  1 
ATOM   811  C  C   . MET A 1 125 ? -2.544  6.371   0.961   1.00 42.93 ? 111 MET A C   1 
ATOM   812  O  O   . MET A 1 125 ? -3.608  5.746   1.095   1.00 37.12 ? 111 MET A O   1 
ATOM   813  C  CB  . MET A 1 125 ? -0.450  5.188   1.294   1.00 36.13 ? 111 MET A CB  1 
ATOM   814  C  CG  . MET A 1 125 ? -1.173  4.285   2.283   1.00 49.00 ? 111 MET A CG  1 
ATOM   815  S  SD  . MET A 1 125 ? -0.555  2.620   2.065   1.00 81.21 ? 111 MET A SD  1 
ATOM   816  C  CE  . MET A 1 125 ? -1.444  2.114   0.590   1.00 35.16 ? 111 MET A CE  1 
ATOM   817  N  N   . ALA A 1 126 ? -2.351  7.578   1.478   1.00 35.73 ? 112 ALA A N   1 
ATOM   818  C  CA  . ALA A 1 126 ? -3.446  8.263   2.133   1.00 26.86 ? 112 ALA A CA  1 
ATOM   819  C  C   . ALA A 1 126 ? -4.517  8.583   1.108   1.00 20.06 ? 112 ALA A C   1 
ATOM   820  O  O   . ALA A 1 126 ? -5.703  8.653   1.443   1.00 30.41 ? 112 ALA A O   1 
ATOM   821  C  CB  . ALA A 1 126 ? -2.941  9.557   2.814   1.00 27.41 ? 112 ALA A CB  1 
ATOM   822  N  N   . VAL A 1 127 ? -4.091  8.780   -0.140  1.00 27.05 ? 113 VAL A N   1 
ATOM   823  C  CA  . VAL A 1 127 ? -5.039  9.058   -1.203  1.00 21.33 ? 113 VAL A CA  1 
ATOM   824  C  C   . VAL A 1 127 ? -5.864  7.789   -1.455  1.00 22.12 ? 113 VAL A C   1 
ATOM   825  O  O   . VAL A 1 127 ? -7.078  7.844   -1.615  1.00 20.36 ? 113 VAL A O   1 
ATOM   826  C  CB  . VAL A 1 127 ? -4.337  9.578   -2.491  1.00 25.67 ? 113 VAL A CB  1 
ATOM   827  C  CG1 . VAL A 1 127 ? -5.279  9.520   -3.670  1.00 29.65 ? 113 VAL A CG1 1 
ATOM   828  C  CG2 . VAL A 1 127 ? -3.808  11.009  -2.310  1.00 26.45 ? 113 VAL A CG2 1 
ATOM   829  N  N   . LEU A 1 128 ? -5.195  6.640   -1.449  1.00 26.13 ? 114 LEU A N   1 
ATOM   830  C  CA  . LEU A 1 128 ? -5.846  5.354   -1.733  1.00 27.70 ? 114 LEU A CA  1 
ATOM   831  C  C   . LEU A 1 128 ? -6.963  5.102   -0.734  1.00 23.05 ? 114 LEU A C   1 
ATOM   832  O  O   . LEU A 1 128 ? -8.054  4.654   -1.079  1.00 29.69 ? 114 LEU A O   1 
ATOM   833  C  CB  . LEU A 1 128 ? -4.811  4.203   -1.740  1.00 27.96 ? 114 LEU A CB  1 
ATOM   834  C  CG  . LEU A 1 128 ? -5.406  2.834   -2.111  1.00 33.11 ? 114 LEU A CG  1 
ATOM   835  C  CD1 . LEU A 1 128 ? -4.379  1.982   -2.807  1.00 31.07 ? 114 LEU A CD1 1 
ATOM   836  C  CD2 . LEU A 1 128 ? -5.955  2.072   -0.890  1.00 29.90 ? 114 LEU A CD2 1 
ATOM   837  N  N   . VAL A 1 129 ? -6.701  5.431   0.514   1.00 26.37 ? 115 VAL A N   1 
ATOM   838  C  CA  . VAL A 1 129 ? -7.641  5.132   1.578   1.00 30.52 ? 115 VAL A CA  1 
ATOM   839  C  C   . VAL A 1 129 ? -8.818  6.092   1.558   1.00 29.17 ? 115 VAL A C   1 
ATOM   840  O  O   . VAL A 1 129 ? -9.978  5.671   1.599   1.00 39.32 ? 115 VAL A O   1 
ATOM   841  C  CB  . VAL A 1 129 ? -6.912  5.145   2.948   1.00 38.82 ? 115 VAL A CB  1 
ATOM   842  C  CG1 . VAL A 1 129 ? -7.912  4.989   4.072   1.00 34.22 ? 115 VAL A CG1 1 
ATOM   843  C  CG2 . VAL A 1 129 ? -5.785  4.022   2.992   1.00 27.92 ? 115 VAL A CG2 1 
ATOM   844  N  N   . TYR A 1 130 ? -8.551  7.392   1.449   1.00 28.46 ? 116 TYR A N   1 
ATOM   845  C  CA  . TYR A 1 130 ? -9.659  8.335   1.513   1.00 22.44 ? 116 TYR A CA  1 
ATOM   846  C  C   . TYR A 1 130 ? -10.345 8.708   0.234   1.00 32.17 ? 116 TYR A C   1 
ATOM   847  O  O   . TYR A 1 130 ? -11.475 9.213   0.303   1.00 25.72 ? 116 TYR A O   1 
ATOM   848  C  CB  . TYR A 1 130 ? -9.249  9.608   2.270   1.00 41.90 ? 116 TYR A CB  1 
ATOM   849  C  CG  . TYR A 1 130 ? -8.929  9.300   3.703   1.00 37.27 ? 116 TYR A CG  1 
ATOM   850  C  CD1 . TYR A 1 130 ? -9.902  8.794   4.557   1.00 54.40 ? 116 TYR A CD1 1 
ATOM   851  C  CD2 . TYR A 1 130 ? -7.643  9.478   4.202   1.00 49.69 ? 116 TYR A CD2 1 
ATOM   852  C  CE1 . TYR A 1 130 ? -9.608  8.489   5.871   1.00 52.69 ? 116 TYR A CE1 1 
ATOM   853  C  CE2 . TYR A 1 130 ? -7.347  9.184   5.523   1.00 48.54 ? 116 TYR A CE2 1 
ATOM   854  C  CZ  . TYR A 1 130 ? -8.328  8.687   6.347   1.00 69.30 ? 116 TYR A CZ  1 
ATOM   855  O  OH  . TYR A 1 130 ? -8.019  8.395   7.655   1.00 85.74 ? 116 TYR A OH  1 
ATOM   856  N  N   . GLU A 1 131 ? -9.699  8.460   -0.919  1.00 22.84 ? 117 GLU A N   1 
ATOM   857  C  CA  . GLU A 1 131 ? -10.291 8.868   -2.194  1.00 23.85 ? 117 GLU A CA  1 
ATOM   858  C  C   . GLU A 1 131 ? -10.789 7.672   -2.986  1.00 22.62 ? 117 GLU A C   1 
ATOM   859  O  O   . GLU A 1 131 ? -11.197 7.792   -4.151  1.00 20.48 ? 117 GLU A O   1 
ATOM   860  C  CB  . GLU A 1 131 ? -9.311  9.678   -3.048  1.00 23.04 ? 117 GLU A CB  1 
ATOM   861  C  CG  . GLU A 1 131 ? -8.839  10.985  -2.433  1.00 24.33 ? 117 GLU A CG  1 
ATOM   862  C  CD  . GLU A 1 131 ? -9.956  12.002  -2.303  1.00 24.26 ? 117 GLU A CD  1 
ATOM   863  O  OE1 . GLU A 1 131 ? -11.086 11.790  -2.828  1.00 30.80 ? 117 GLU A OE1 1 
ATOM   864  O  OE2 . GLU A 1 131 ? -9.720  13.015  -1.647  1.00 34.08 ? 117 GLU A OE2 1 
ATOM   865  N  N   . TRP A 1 132 ? -10.833 6.535   -2.316  1.00 19.44 ? 118 TRP A N   1 
ATOM   866  C  CA  . TRP A 1 132 ? -11.278 5.302   -2.944  1.00 14.89 ? 118 TRP A CA  1 
ATOM   867  C  C   . TRP A 1 132 ? -12.628 5.465   -3.667  1.00 20.03 ? 118 TRP A C   1 
ATOM   868  O  O   . TRP A 1 132 ? -12.800 5.042   -4.831  1.00 23.04 ? 118 TRP A O   1 
ATOM   869  C  CB  . TRP A 1 132 ? -11.353 4.203   -1.872  1.00 25.54 ? 118 TRP A CB  1 
ATOM   870  C  CG  . TRP A 1 132 ? -11.709 2.888   -2.476  1.00 25.14 ? 118 TRP A CG  1 
ATOM   871  C  CD1 . TRP A 1 132 ? -12.907 2.238   -2.395  1.00 35.88 ? 118 TRP A CD1 1 
ATOM   872  C  CD2 . TRP A 1 132 ? -10.864 2.081   -3.295  1.00 20.22 ? 118 TRP A CD2 1 
ATOM   873  N  NE1 . TRP A 1 132 ? -12.849 1.068   -3.103  1.00 35.58 ? 118 TRP A NE1 1 
ATOM   874  C  CE2 . TRP A 1 132 ? -11.616 0.964   -3.696  1.00 21.62 ? 118 TRP A CE2 1 
ATOM   875  C  CE3 . TRP A 1 132 ? -9.543  2.198   -3.719  1.00 24.53 ? 118 TRP A CE3 1 
ATOM   876  C  CZ2 . TRP A 1 132 ? -11.080 -0.064  -4.477  1.00 21.15 ? 118 TRP A CZ2 1 
ATOM   877  C  CZ3 . TRP A 1 132 ? -9.019  1.193   -4.540  1.00 51.53 ? 118 TRP A CZ3 1 
ATOM   878  C  CH2 . TRP A 1 132 ? -9.796  0.076   -4.902  1.00 24.11 ? 118 TRP A CH2 1 
ATOM   879  N  N   . ARG A 1 133 ? -13.565 6.129   -2.999  1.00 23.74 ? 119 ARG A N   1 
ATOM   880  C  CA  . ARG A 1 133 ? -14.907 6.266   -3.540  1.00 35.00 ? 119 ARG A CA  1 
ATOM   881  C  C   . ARG A 1 133 ? -14.959 7.249   -4.707  1.00 35.10 ? 119 ARG A C   1 
ATOM   882  O  O   . ARG A 1 133 ? -15.948 7.273   -5.426  1.00 31.51 ? 119 ARG A O   1 
ATOM   883  C  CB  . ARG A 1 133 ? -15.894 6.672   -2.427  1.00 49.22 ? 119 ARG A CB  1 
ATOM   884  C  CG  . ARG A 1 133 ? -16.194 5.557   -1.401  1.00 67.60 ? 119 ARG A CG  1 
ATOM   885  C  CD  . ARG A 1 133 ? -17.200 6.016   -0.340  1.00 65.08 ? 119 ARG A CD  1 
ATOM   886  N  NE  . ARG A 1 133 ? -18.499 6.384   -0.909  1.00 96.38 ? 119 ARG A NE  1 
ATOM   887  C  CZ  . ARG A 1 133 ? -19.424 7.104   -0.276  1.00 93.71 ? 119 ARG A CZ  1 
ATOM   888  N  NH1 . ARG A 1 133 ? -19.206 7.556   0.956   1.00 72.07 ? 119 ARG A NH1 1 
ATOM   889  N  NH2 . ARG A 1 133 ? -20.571 7.383   -0.879  1.00 50.77 ? 119 ARG A NH2 1 
ATOM   890  N  N   . SER A 1 134 ? -13.909 8.061   -4.899  1.00 30.48 ? 120 SER A N   1 
ATOM   891  C  CA  . SER A 1 134 ? -13.833 8.931   -6.095  1.00 31.40 ? 120 SER A CA  1 
ATOM   892  C  C   . SER A 1 134 ? -13.425 8.224   -7.400  1.00 40.05 ? 120 SER A C   1 
ATOM   893  O  O   . SER A 1 134 ? -13.557 8.773   -8.490  1.00 34.39 ? 120 SER A O   1 
ATOM   894  C  CB  . SER A 1 134 ? -12.873 10.109  -5.817  1.00 30.92 ? 120 SER A CB  1 
ATOM   895  O  OG  . SER A 1 134 ? -13.328 10.931  -4.760  1.00 40.20 ? 120 SER A OG  1 
ATOM   896  N  N   . LEU A 1 135 ? -12.925 6.993   -7.298  1.00 21.75 ? 121 LEU A N   1 
ATOM   897  C  CA  . LEU A 1 135 ? -12.368 6.291   -8.438  1.00 21.17 ? 121 LEU A CA  1 
ATOM   898  C  C   . LEU A 1 135 ? -13.446 5.523   -9.159  1.00 19.83 ? 121 LEU A C   1 
ATOM   899  O  O   . LEU A 1 135 ? -14.343 4.947   -8.512  1.00 26.65 ? 121 LEU A O   1 
ATOM   900  C  CB  . LEU A 1 135 ? -11.275 5.315   -7.940  1.00 35.12 ? 121 LEU A CB  1 
ATOM   901  C  CG  . LEU A 1 135 ? -10.273 4.744   -8.936  1.00 30.06 ? 121 LEU A CG  1 
ATOM   902  C  CD1 . LEU A 1 135 ? -9.572  5.847   -9.718  1.00 25.29 ? 121 LEU A CD1 1 
ATOM   903  C  CD2 . LEU A 1 135 ? -9.256  3.952   -8.228  1.00 23.34 ? 121 LEU A CD2 1 
ATOM   904  N  N   . SER A 1 136 ? -13.360 5.548   -10.490 1.00 21.71 ? 122 SER A N   1 
ATOM   905  C  CA  . SER A 1 136 ? -14.304 4.849   -11.395 1.00 25.24 ? 122 SER A CA  1 
ATOM   906  C  C   . SER A 1 136 ? -14.277 3.341   -11.126 1.00 31.02 ? 122 SER A C   1 
ATOM   907  O  O   . SER A 1 136 ? -13.276 2.829   -10.650 1.00 19.73 ? 122 SER A O   1 
ATOM   908  C  CB  . SER A 1 136 ? -13.966 5.104   -12.879 1.00 19.80 ? 122 SER A CB  1 
ATOM   909  O  OG  . SER A 1 136 ? -12.712 4.521   -13.322 1.00 23.64 ? 122 SER A OG  1 
ATOM   910  N  N   . ALA A 1 137 ? -15.361 2.638   -11.440 1.00 30.96 ? 123 ALA A N   1 
ATOM   911  C  CA  . ALA A 1 137 ? -15.322 1.170   -11.487 1.00 21.60 ? 123 ALA A CA  1 
ATOM   912  C  C   . ALA A 1 137 ? -14.111 0.629   -12.256 1.00 23.23 ? 123 ALA A C   1 
ATOM   913  O  O   . ALA A 1 137 ? -13.397 -0.268  -11.770 1.00 23.44 ? 123 ALA A O   1 
ATOM   914  C  CB  . ALA A 1 137 ? -16.647 0.617   -12.127 1.00 32.73 ? 123 ALA A CB  1 
ATOM   915  N  N   . GLU A 1 138 ? -13.872 1.101   -13.481 1.00 18.61 ? 124 GLU A N   1 
ATOM   916  C  CA  . GLU A 1 138 ? -12.725 0.621   -14.208 1.00 21.63 ? 124 GLU A CA  1 
ATOM   917  C  C   . GLU A 1 138 ? -11.397 0.914   -13.477 1.00 17.74 ? 124 GLU A C   1 
ATOM   918  O  O   . GLU A 1 138 ? -10.518 0.041   -13.459 1.00 19.27 ? 124 GLU A O   1 
ATOM   919  C  CB  . GLU A 1 138 ? -12.643 1.148   -15.651 1.00 30.94 ? 124 GLU A CB  1 
ATOM   920  C  CG  . GLU A 1 138 ? -11.191 1.284   -16.138 1.00 44.40 ? 124 GLU A CG  1 
ATOM   921  C  CD  . GLU A 1 138 ? -10.993 0.892   -17.589 1.00 69.73 ? 124 GLU A CD  1 
ATOM   922  O  OE1 . GLU A 1 138 ? -11.935 1.088   -18.378 1.00 59.92 ? 124 GLU A OE1 1 
ATOM   923  O  OE2 . GLU A 1 138 ? -9.900  0.380   -17.932 1.00 57.73 ? 124 GLU A OE2 1 
ATOM   924  N  N   . GLY A 1 139 ? -11.240 2.108   -12.907 1.00 19.31 ? 125 GLY A N   1 
ATOM   925  C  CA  . GLY A 1 139 ? -9.994  2.388   -12.167 1.00 22.66 ? 125 GLY A CA  1 
ATOM   926  C  C   . GLY A 1 139 ? -9.889  1.438   -10.976 1.00 20.68 ? 125 GLY A C   1 
ATOM   927  O  O   . GLY A 1 139 ? -8.805  0.845   -10.669 1.00 19.39 ? 125 GLY A O   1 
ATOM   928  N  N   A GLN A 1 140 ? -11.006 1.249   -10.299 0.55 19.94 ? 126 GLN A N   1 
ATOM   929  N  N   B GLN A 1 140 ? -10.997 1.271   -10.254 0.45 20.07 ? 126 GLN A N   1 
ATOM   930  C  CA  A GLN A 1 140 ? -10.995 0.398   -9.117  0.55 14.89 ? 126 GLN A CA  1 
ATOM   931  C  CA  B GLN A 1 140 ? -10.934 0.416   -9.059  0.45 14.56 ? 126 GLN A CA  1 
ATOM   932  C  C   A GLN A 1 140 ? -10.570 -1.034  -9.460  0.55 19.42 ? 126 GLN A C   1 
ATOM   933  C  C   B GLN A 1 140 ? -10.586 -1.046  -9.437  0.45 19.45 ? 126 GLN A C   1 
ATOM   934  O  O   A GLN A 1 140 ? -9.871  -1.693  -8.674  0.55 16.65 ? 126 GLN A O   1 
ATOM   935  O  O   B GLN A 1 140 ? -9.921  -1.732  -8.648  0.45 16.74 ? 126 GLN A O   1 
ATOM   936  C  CB  A GLN A 1 140 ? -12.394 0.362   -8.511  0.55 14.28 ? 126 GLN A CB  1 
ATOM   937  C  CB  B GLN A 1 140 ? -12.218 0.476   -8.173  0.45 14.52 ? 126 GLN A CB  1 
ATOM   938  C  CG  A GLN A 1 140 ? -12.602 -0.665  -7.458  0.55 11.99 ? 126 GLN A CG  1 
ATOM   939  C  CG  B GLN A 1 140 ? -12.509 1.847   -7.439  0.45 9.85  ? 126 GLN A CG  1 
ATOM   940  C  CD  A GLN A 1 140 ? -14.074 -0.754  -7.024  0.55 17.75 ? 126 GLN A CD  1 
ATOM   941  C  CD  B GLN A 1 140 ? -13.584 1.742   -6.330  0.45 10.93 ? 126 GLN A CD  1 
ATOM   942  O  OE1 A GLN A 1 140 ? -14.532 0.018   -6.183  0.55 28.48 ? 126 GLN A OE1 1 
ATOM   943  O  OE1 B GLN A 1 140 ? -14.023 0.649   -5.991  0.45 16.62 ? 126 GLN A OE1 1 
ATOM   944  N  NE2 A GLN A 1 140 ? -14.804 -1.692  -7.591  0.55 9.54  ? 126 GLN A NE2 1 
ATOM   945  N  NE2 B GLN A 1 140 ? -13.976 2.890   -5.734  0.45 13.85 ? 126 GLN A NE2 1 
ATOM   946  N  N   . ALA A 1 141 ? -11.000 -1.531  -10.616 1.00 15.96 ? 127 ALA A N   1 
ATOM   947  C  CA  . ALA A 1 141 ? -10.724 -2.948  -10.948 1.00 18.31 ? 127 ALA A CA  1 
ATOM   948  C  C   . ALA A 1 141 ? -9.241  -3.099  -11.191 1.00 17.73 ? 127 ALA A C   1 
ATOM   949  O  O   . ALA A 1 141 ? -8.647  -4.111  -10.824 1.00 21.68 ? 127 ALA A O   1 
ATOM   950  C  CB  . ALA A 1 141 ? -11.498 -3.366  -12.148 1.00 21.95 ? 127 ALA A CB  1 
ATOM   951  N  N   . HIS A 1 142 ? -8.630  -2.075  -11.805 1.00 20.19 ? 128 HIS A N   1 
ATOM   952  C  CA  . HIS A 1 142 ? -7.174  -2.066  -11.975 1.00 18.75 ? 128 HIS A CA  1 
ATOM   953  C  C   . HIS A 1 142 ? -6.448  -2.035  -10.632 1.00 16.70 ? 128 HIS A C   1 
ATOM   954  O  O   . HIS A 1 142 ? -5.500  -2.790  -10.439 1.00 18.59 ? 128 HIS A O   1 
ATOM   955  C  CB  . HIS A 1 142 ? -6.709  -0.875  -12.815 1.00 21.44 ? 128 HIS A CB  1 
ATOM   956  C  CG  . HIS A 1 142 ? -6.985  -1.047  -14.274 1.00 23.87 ? 128 HIS A CG  1 
ATOM   957  N  ND1 . HIS A 1 142 ? -6.228  -1.879  -15.069 1.00 30.27 ? 128 HIS A ND1 1 
ATOM   958  C  CD2 . HIS A 1 142 ? -7.959  -0.541  -15.071 1.00 29.70 ? 128 HIS A CD2 1 
ATOM   959  C  CE1 . HIS A 1 142 ? -6.704  -1.856  -16.303 1.00 34.21 ? 128 HIS A CE1 1 
ATOM   960  N  NE2 . HIS A 1 142 ? -7.763  -1.062  -16.328 1.00 36.71 ? 128 HIS A NE2 1 
ATOM   961  N  N   . VAL A 1 143 ? -6.910  -1.204  -9.703  1.00 16.62 ? 129 VAL A N   1 
ATOM   962  C  CA  . VAL A 1 143 ? -6.197  -1.117  -8.414  1.00 15.01 ? 129 VAL A CA  1 
ATOM   963  C  C   . VAL A 1 143 ? -6.413  -2.433  -7.670  1.00 19.77 ? 129 VAL A C   1 
ATOM   964  O  O   . VAL A 1 143 ? -5.502  -2.947  -7.017  1.00 18.05 ? 129 VAL A O   1 
ATOM   965  C  CB  . VAL A 1 143 ? -6.671  0.041   -7.560  1.00 13.33 ? 129 VAL A CB  1 
ATOM   966  C  CG1 . VAL A 1 143 ? -6.037  -0.045  -6.207  1.00 16.47 ? 129 VAL A CG1 1 
ATOM   967  C  CG2 . VAL A 1 143 ? -6.332  1.361   -8.276  1.00 18.19 ? 129 VAL A CG2 1 
ATOM   968  N  N   . LEU A 1 144 ? -7.601  -3.013  -7.772  1.00 14.09 ? 130 LEU A N   1 
ATOM   969  C  CA  . LEU A 1 144 ? -7.849  -4.287  -7.107  1.00 15.42 ? 130 LEU A CA  1 
ATOM   970  C  C   . LEU A 1 144 ? -7.046  -5.464  -7.670  1.00 22.45 ? 130 LEU A C   1 
ATOM   971  O  O   . LEU A 1 144 ? -6.685  -6.376  -6.930  1.00 16.20 ? 130 LEU A O   1 
ATOM   972  C  CB  . LEU A 1 144 ? -9.361  -4.617  -7.074  1.00 16.11 ? 130 LEU A CB  1 
ATOM   973  C  CG  . LEU A 1 144 ? -10.230 -3.734  -6.154  1.00 16.63 ? 130 LEU A CG  1 
ATOM   974  C  CD1 . LEU A 1 144 ? -11.750 -4.023  -6.370  1.00 20.56 ? 130 LEU A CD1 1 
ATOM   975  C  CD2 . LEU A 1 144 ? -9.873  -3.878  -4.666  1.00 24.09 ? 130 LEU A CD2 1 
ATOM   976  N  N   . ALA A 1 145 ? -6.790  -5.466  -8.965  1.00 17.13 ? 131 ALA A N   1 
ATOM   977  C  CA  . ALA A 1 145 ? -5.829  -6.400  -9.533  1.00 17.30 ? 131 ALA A CA  1 
ATOM   978  C  C   . ALA A 1 145 ? -4.453  -6.350  -8.892  1.00 21.12 ? 131 ALA A C   1 
ATOM   979  O  O   . ALA A 1 145 ? -3.847  -7.412  -8.679  1.00 19.28 ? 131 ALA A O   1 
ATOM   980  C  CB  . ALA A 1 145 ? -5.710  -6.227  -11.025 1.00 19.76 ? 131 ALA A CB  1 
ATOM   981  N  N   . LEU A 1 146 ? -3.939  -5.146  -8.596  1.00 14.23 ? 132 LEU A N   1 
ATOM   982  C  CA  . LEU A 1 146 ? -2.654  -5.028  -7.896  1.00 16.35 ? 132 LEU A CA  1 
ATOM   983  C  C   . LEU A 1 146 ? -2.767  -5.543  -6.471  1.00 19.42 ? 132 LEU A C   1 
ATOM   984  O  O   . LEU A 1 146 ? -1.809  -6.136  -5.938  1.00 17.86 ? 132 LEU A O   1 
ATOM   985  C  CB  . LEU A 1 146 ? -2.180  -3.578  -7.848  1.00 13.22 ? 132 LEU A CB  1 
ATOM   986  C  CG  . LEU A 1 146 ? -1.925  -3.043  -9.253  1.00 25.05 ? 132 LEU A CG  1 
ATOM   987  C  CD1 . LEU A 1 146 ? -1.383  -1.632  -9.171  1.00 19.24 ? 132 LEU A CD1 1 
ATOM   988  C  CD2 . LEU A 1 146 ? -0.902  -3.915  -9.962  1.00 26.16 ? 132 LEU A CD2 1 
ATOM   989  N  N   . ARG A 1 147 ? -3.886  -5.250  -5.818  1.00 15.35 ? 133 ARG A N   1 
ATOM   990  C  CA  . ARG A 1 147 ? -4.078  -5.752  -4.438  1.00 14.77 ? 133 ARG A CA  1 
ATOM   991  C  C   . ARG A 1 147 ? -4.060  -7.287  -4.461  1.00 23.84 ? 133 ARG A C   1 
ATOM   992  O  O   . ARG A 1 147 ? -3.562  -7.904  -3.534  1.00 18.65 ? 133 ARG A O   1 
ATOM   993  C  CB  . ARG A 1 147 ? -5.422  -5.292  -3.894  1.00 21.24 ? 133 ARG A CB  1 
ATOM   994  C  CG  . ARG A 1 147 ? -5.825  -5.999  -2.635  1.00 20.76 ? 133 ARG A CG  1 
ATOM   995  C  CD  . ARG A 1 147 ? -4.989  -5.532  -1.493  1.00 50.75 ? 133 ARG A CD  1 
ATOM   996  N  NE  . ARG A 1 147 ? -5.747  -5.654  -0.258  1.00 67.19 ? 133 ARG A NE  1 
ATOM   997  C  CZ  . ARG A 1 147 ? -5.193  -5.690  0.941   1.00 40.88 ? 133 ARG A CZ  1 
ATOM   998  N  NH1 . ARG A 1 147 ? -3.874  -5.617  1.052   1.00 57.68 ? 133 ARG A NH1 1 
ATOM   999  N  NH2 . ARG A 1 147 ? -5.953  -5.798  2.028   1.00 65.71 ? 133 ARG A NH2 1 
ATOM   1000 N  N   A ASP A 1 148 ? -4.588  -7.891  -5.525  0.61 15.91 ? 134 ASP A N   1 
ATOM   1001 N  N   B ASP A 1 148 ? -4.595  -7.913  -5.503  0.39 16.06 ? 134 ASP A N   1 
ATOM   1002 C  CA  A ASP A 1 148 ? -4.604  -9.358  -5.626  0.61 15.13 ? 134 ASP A CA  1 
ATOM   1003 C  CA  B ASP A 1 148 ? -4.577  -9.380  -5.522  0.39 14.82 ? 134 ASP A CA  1 
ATOM   1004 C  C   A ASP A 1 148 ? -3.190  -9.893  -5.572  0.61 15.47 ? 134 ASP A C   1 
ATOM   1005 C  C   B ASP A 1 148 ? -3.156  -9.910  -5.551  0.39 15.64 ? 134 ASP A C   1 
ATOM   1006 O  O   A ASP A 1 148 ? -2.928  -10.881 -4.853  0.61 18.75 ? 134 ASP A O   1 
ATOM   1007 O  O   B ASP A 1 148 ? -2.854  -10.905 -4.874  0.39 18.73 ? 134 ASP A O   1 
ATOM   1008 C  CB  A ASP A 1 148 ? -5.271  -9.817  -6.944  0.61 19.31 ? 134 ASP A CB  1 
ATOM   1009 C  CB  B ASP A 1 148 ? -5.359  -9.946  -6.709  0.39 19.25 ? 134 ASP A CB  1 
ATOM   1010 C  CG  A ASP A 1 148 ? -5.487  -11.313 -7.005  0.61 22.57 ? 134 ASP A CG  1 
ATOM   1011 C  CG  B ASP A 1 148 ? -6.847  -9.878  -6.503  0.39 18.06 ? 134 ASP A CG  1 
ATOM   1012 O  OD1 A ASP A 1 148 ? -5.723  -11.937 -5.954  0.61 32.08 ? 134 ASP A OD1 1 
ATOM   1013 O  OD1 B ASP A 1 148 ? -7.317  -9.979  -5.339  0.39 21.93 ? 134 ASP A OD1 1 
ATOM   1014 O  OD2 A ASP A 1 148 ? -5.465  -11.875 -8.125  0.61 26.27 ? 134 ASP A OD2 1 
ATOM   1015 O  OD2 B ASP A 1 148 ? -7.560  -9.743  -7.513  0.39 19.01 ? 134 ASP A OD2 1 
ATOM   1016 N  N   . VAL A 1 149 ? -2.287  -9.272  -6.328  1.00 13.47 ? 135 VAL A N   1 
ATOM   1017 C  CA  . VAL A 1 149 ? -0.867  -9.714  -6.383  1.00 14.14 ? 135 VAL A CA  1 
ATOM   1018 C  C   . VAL A 1 149 ? -0.214  -9.564  -5.009  1.00 13.61 ? 135 VAL A C   1 
ATOM   1019 O  O   . VAL A 1 149 ? 0.556   -10.453 -4.545  1.00 16.18 ? 135 VAL A O   1 
ATOM   1020 C  CB  . VAL A 1 149 ? -0.099  -8.918  -7.421  1.00 16.71 ? 135 VAL A CB  1 
ATOM   1021 C  CG1 . VAL A 1 149 ? 1.361   -9.195  -7.319  1.00 18.19 ? 135 VAL A CG1 1 
ATOM   1022 C  CG2 . VAL A 1 149 ? -0.649  -9.280  -8.838  1.00 16.71 ? 135 VAL A CG2 1 
ATOM   1023 N  N   . TYR A 1 150 ? -0.535  -8.451  -4.342  1.00 13.67 ? 136 TYR A N   1 
ATOM   1024 C  CA  . TYR A 1 150 ? -0.028  -8.192  -2.981  1.00 13.91 ? 136 TYR A CA  1 
ATOM   1025 C  C   . TYR A 1 150 ? -0.476  -9.298  -2.074  1.00 20.46 ? 136 TYR A C   1 
ATOM   1026 O  O   . TYR A 1 150 ? 0.308   -9.837  -1.303  1.00 14.51 ? 136 TYR A O   1 
ATOM   1027 C  CB  . TYR A 1 150 ? -0.608  -6.854  -2.514  1.00 14.88 ? 136 TYR A CB  1 
ATOM   1028 C  CG  . TYR A 1 150 ? -0.290  -6.444  -1.075  1.00 14.69 ? 136 TYR A CG  1 
ATOM   1029 C  CD1 . TYR A 1 150 ? -1.094  -6.850  -0.014  1.00 16.15 ? 136 TYR A CD1 1 
ATOM   1030 C  CD2 . TYR A 1 150 ? 0.754   -5.566  -0.830  1.00 22.72 ? 136 TYR A CD2 1 
ATOM   1031 C  CE1 . TYR A 1 150 ? -0.818  -6.395  1.321   1.00 15.05 ? 136 TYR A CE1 1 
ATOM   1032 C  CE2 . TYR A 1 150 ? 1.018   -5.111  0.465   1.00 25.94 ? 136 TYR A CE2 1 
ATOM   1033 C  CZ  . TYR A 1 150 ? 0.261   -5.561  1.513   1.00 18.32 ? 136 TYR A CZ  1 
ATOM   1034 O  OH  . TYR A 1 150 ? 0.606   -5.112  2.770   1.00 19.54 ? 136 TYR A OH  1 
ATOM   1035 N  N   . GLU A 1 151 ? -1.737  -9.684  -2.188  1.00 13.05 ? 137 GLU A N   1 
ATOM   1036 C  CA  . GLU A 1 151 ? -2.240  -10.731 -1.307  1.00 13.26 ? 137 GLU A CA  1 
ATOM   1037 C  C   . GLU A 1 151 ? -1.615  -12.062 -1.601  1.00 14.90 ? 137 GLU A C   1 
ATOM   1038 O  O   . GLU A 1 151 ? -1.475  -12.887 -0.703  1.00 15.00 ? 137 GLU A O   1 
ATOM   1039 C  CB  . GLU A 1 151 ? -3.767  -10.850 -1.297  1.00 17.65 ? 137 GLU A CB  1 
ATOM   1040 C  CG  . GLU A 1 151 ? -4.512  -9.646  -0.698  1.00 14.90 ? 137 GLU A CG  1 
ATOM   1041 C  CD  . GLU A 1 151 ? -4.254  -9.512  0.806   1.00 17.80 ? 137 GLU A CD  1 
ATOM   1042 O  OE1 . GLU A 1 151 ? -4.185  -10.570 1.483   1.00 17.11 ? 137 GLU A OE1 1 
ATOM   1043 O  OE2 . GLU A 1 151 ? -4.071  -8.342  1.238   1.00 17.08 ? 137 GLU A OE2 1 
ATOM   1044 N  N   . GLN A 1 152 ? -1.320  -12.334 -2.882  1.00 13.15 ? 138 GLN A N   1 
ATOM   1045 C  CA  . GLN A 1 152 ? -0.700  -13.600 -3.216  1.00 14.19 ? 138 GLN A CA  1 
ATOM   1046 C  C   . GLN A 1 152 ? 0.693   -13.727 -2.593  1.00 14.17 ? 138 GLN A C   1 
ATOM   1047 O  O   . GLN A 1 152 ? 1.100   -14.810 -2.227  1.00 15.76 ? 138 GLN A O   1 
ATOM   1048 C  CB  . GLN A 1 152 ? -0.650  -13.790 -4.766  1.00 13.92 ? 138 GLN A CB  1 
ATOM   1049 C  CG  . GLN A 1 152 ? -2.083  -13.892 -5.307  1.00 19.93 ? 138 GLN A CG  1 
ATOM   1050 C  CD  . GLN A 1 152 ? -2.114  -14.415 -6.732  1.00 40.43 ? 138 GLN A CD  1 
ATOM   1051 O  OE1 . GLN A 1 152 ? -1.131  -14.237 -7.455  1.00 20.80 ? 138 GLN A OE1 1 
ATOM   1052 N  NE2 . GLN A 1 152 ? -3.224  -15.084 -7.136  1.00 28.34 ? 138 GLN A NE2 1 
ATOM   1053 N  N   . ILE A 1 153 ? 1.396   -12.625 -2.403  1.00 13.11 ? 139 ILE A N   1 
ATOM   1054 C  CA  . ILE A 1 153 ? 2.708   -12.698 -1.702  1.00 14.51 ? 139 ILE A CA  1 
ATOM   1055 C  C   . ILE A 1 153 ? 2.500   -13.147 -0.236  1.00 17.44 ? 139 ILE A C   1 
ATOM   1056 O  O   . ILE A 1 153 ? 3.195   -14.064 0.267   1.00 14.13 ? 139 ILE A O   1 
ATOM   1057 C  CB  . ILE A 1 153 ? 3.402   -11.335 -1.703  1.00 13.92 ? 139 ILE A CB  1 
ATOM   1058 C  CG1 . ILE A 1 153 ? 3.879   -10.951 -3.115  1.00 15.42 ? 139 ILE A CG1 1 
ATOM   1059 C  CG2 . ILE A 1 153 ? 4.639   -11.375 -0.804  1.00 16.79 ? 139 ILE A CG2 1 
ATOM   1060 C  CD1 . ILE A 1 153 ? 4.392   -9.512  -3.057  1.00 20.73 ? 139 ILE A CD1 1 
ATOM   1061 N  N   . TRP A 1 154 ? 1.507   -12.556 0.421   1.00 13.78 ? 140 TRP A N   1 
ATOM   1062 C  CA  . TRP A 1 154 ? 1.126   -13.002 1.770   1.00 10.69 ? 140 TRP A CA  1 
ATOM   1063 C  C   . TRP A 1 154 ? 0.750   -14.463 1.814   1.00 13.02 ? 140 TRP A C   1 
ATOM   1064 O  O   . TRP A 1 154 ? 1.214   -15.242 2.704   1.00 14.63 ? 140 TRP A O   1 
ATOM   1065 C  CB  . TRP A 1 154 ? -0.039  -12.225 2.324   1.00 11.37 ? 140 TRP A CB  1 
ATOM   1066 C  CG  . TRP A 1 154 ? 0.301   -10.925 2.929   1.00 13.71 ? 140 TRP A CG  1 
ATOM   1067 C  CD1 . TRP A 1 154 ? 0.298   -9.674  2.356   1.00 11.66 ? 140 TRP A CD1 1 
ATOM   1068 C  CD2 . TRP A 1 154 ? 0.725   -10.755 4.279   1.00 16.02 ? 140 TRP A CD2 1 
ATOM   1069 N  NE1 . TRP A 1 154 ? 0.679   -8.713  3.287   1.00 13.99 ? 140 TRP A NE1 1 
ATOM   1070 C  CE2 . TRP A 1 154 ? 0.946   -9.364  4.486   1.00 11.96 ? 140 TRP A CE2 1 
ATOM   1071 C  CE3 . TRP A 1 154 ? 0.957   -11.659 5.329   1.00 16.67 ? 140 TRP A CE3 1 
ATOM   1072 C  CZ2 . TRP A 1 154 ? 1.367   -8.850  5.724   1.00 14.43 ? 140 TRP A CZ2 1 
ATOM   1073 C  CZ3 . TRP A 1 154 ? 1.346   -11.142 6.562   1.00 16.02 ? 140 TRP A CZ3 1 
ATOM   1074 C  CH2 . TRP A 1 154 ? 1.557   -9.745  6.734   1.00 15.42 ? 140 TRP A CH2 1 
ATOM   1075 N  N   . LEU A 1 155 ? -0.043  -14.891 0.834   1.00 12.57 ? 141 LEU A N   1 
ATOM   1076 C  CA  . LEU A 1 155 ? -0.459  -16.284 0.850   1.00 9.21  ? 141 LEU A CA  1 
ATOM   1077 C  C   . LEU A 1 155 ? 0.730   -17.214 0.584   1.00 16.52 ? 141 LEU A C   1 
ATOM   1078 O  O   . LEU A 1 155 ? 0.825   -18.269 1.168   1.00 16.44 ? 141 LEU A O   1 
ATOM   1079 C  CB  . LEU A 1 155 ? -1.591  -16.569 -0.164  1.00 10.44 ? 141 LEU A CB  1 
ATOM   1080 C  CG  . LEU A 1 155 ? -2.843  -15.741 0.125   1.00 12.29 ? 141 LEU A CG  1 
ATOM   1081 C  CD1 . LEU A 1 155 ? -3.897  -15.859 -1.038  1.00 23.11 ? 141 LEU A CD1 1 
ATOM   1082 C  CD2 . LEU A 1 155 ? -3.483  -16.145 1.477   1.00 24.27 ? 141 LEU A CD2 1 
ATOM   1083 N  N   . GLN A 1 156 ? 1.636   -16.845 -0.304  1.00 14.63 ? 142 GLN A N   1 
ATOM   1084 C  CA  . GLN A 1 156 ? 2.870   -17.653 -0.499  1.00 14.25 ? 142 GLN A CA  1 
ATOM   1085 C  C   . GLN A 1 156 ? 3.657   -17.842 0.797   1.00 16.24 ? 142 GLN A C   1 
ATOM   1086 O  O   . GLN A 1 156 ? 3.961   -18.969 1.180   1.00 19.98 ? 142 GLN A O   1 
ATOM   1087 C  CB  . GLN A 1 156 ? 3.755   -16.994 -1.557  1.00 15.86 ? 142 GLN A CB  1 
ATOM   1088 C  CG  . GLN A 1 156 ? 5.170   -17.580 -1.745  1.00 20.02 ? 142 GLN A CG  1 
ATOM   1089 C  CD  . GLN A 1 156 ? 5.132   -18.992 -2.320  1.00 26.06 ? 142 GLN A CD  1 
ATOM   1090 O  OE1 . GLN A 1 156 ? 4.189   -19.370 -3.063  1.00 31.34 ? 142 GLN A OE1 1 
ATOM   1091 N  NE2 . GLN A 1 156 ? 6.150   -19.801 -1.971  1.00 32.44 ? 142 GLN A NE2 1 
ATOM   1092 N  N   . VAL A 1 157 ? 3.938   -16.736 1.462   1.00 14.24 ? 143 VAL A N   1 
ATOM   1093 C  CA  . VAL A 1 157 ? 4.740   -16.737 2.686   1.00 14.09 ? 143 VAL A CA  1 
ATOM   1094 C  C   . VAL A 1 157 ? 4.029   -17.427 3.844   1.00 18.54 ? 143 VAL A C   1 
ATOM   1095 O  O   . VAL A 1 157 ? 4.657   -18.221 4.569   1.00 17.20 ? 143 VAL A O   1 
ATOM   1096 C  CB  . VAL A 1 157 ? 5.103   -15.313 3.029   1.00 8.36  ? 143 VAL A CB  1 
ATOM   1097 C  CG1 . VAL A 1 157 ? 5.727   -15.144 4.486   1.00 14.44 ? 143 VAL A CG1 1 
ATOM   1098 C  CG2 . VAL A 1 157 ? 6.067   -14.784 1.975   1.00 14.90 ? 143 VAL A CG2 1 
ATOM   1099 N  N   . LEU A 1 158 ? 2.734   -17.162 4.037   1.00 13.51 ? 144 LEU A N   1 
ATOM   1100 C  CA  . LEU A 1 158 ? 2.017   -17.883 5.073   1.00 10.21 ? 144 LEU A CA  1 
ATOM   1101 C  C   . LEU A 1 158 ? 1.892   -19.380 4.702   1.00 11.80 ? 144 LEU A C   1 
ATOM   1102 O  O   . LEU A 1 158 ? 1.954   -20.238 5.585   1.00 14.64 ? 144 LEU A O   1 
ATOM   1103 C  CB  . LEU A 1 158 ? 0.647   -17.281 5.342   1.00 12.54 ? 144 LEU A CB  1 
ATOM   1104 C  CG  . LEU A 1 158 ? 0.633   -15.849 5.845   1.00 13.57 ? 144 LEU A CG  1 
ATOM   1105 C  CD1 . LEU A 1 158 ? -0.802  -15.266 5.845   1.00 16.45 ? 144 LEU A CD1 1 
ATOM   1106 C  CD2 . LEU A 1 158 ? 1.187   -15.805 7.292   1.00 22.52 ? 144 LEU A CD2 1 
ATOM   1107 N  N   . GLY A 1 159 ? 1.762   -19.702 3.404   1.00 17.63 ? 145 GLY A N   1 
ATOM   1108 C  CA  . GLY A 1 159 ? 1.703   -21.090 2.982   1.00 18.51 ? 145 GLY A CA  1 
ATOM   1109 C  C   . GLY A 1 159 ? 3.009   -21.787 3.308   1.00 18.74 ? 145 GLY A C   1 
ATOM   1110 O  O   . GLY A 1 159 ? 2.996   -22.957 3.741   1.00 19.96 ? 145 GLY A O   1 
ATOM   1111 N  N   . GLU A 1 160 ? 4.132   -21.095 3.091   1.00 18.15 ? 146 GLU A N   1 
ATOM   1112 C  CA  . GLU A 1 160 ? 5.442   -21.647 3.529   1.00 18.42 ? 146 GLU A CA  1 
ATOM   1113 C  C   . GLU A 1 160 ? 5.481   -21.915 5.034   1.00 20.79 ? 146 GLU A C   1 
ATOM   1114 O  O   . GLU A 1 160 ? 5.973   -22.971 5.499   1.00 20.03 ? 146 GLU A O   1 
ATOM   1115 C  CB  . GLU A 1 160 ? 6.580   -20.655 3.242   1.00 19.13 ? 146 GLU A CB  1 
ATOM   1116 C  CG  . GLU A 1 160 ? 6.862   -20.434 1.807   1.00 22.44 ? 146 GLU A CG  1 
ATOM   1117 C  CD  . GLU A 1 160 ? 7.773   -19.199 1.578   1.00 28.05 ? 146 GLU A CD  1 
ATOM   1118 O  OE1 . GLU A 1 160 ? 7.852   -18.757 0.431   1.00 31.93 ? 146 GLU A OE1 1 
ATOM   1119 O  OE2 . GLU A 1 160 ? 8.409   -18.658 2.528   1.00 29.87 ? 146 GLU A OE2 1 
ATOM   1120 N  N   . ALA A 1 161 ? 4.994   -20.952 5.804   1.00 17.18 ? 147 ALA A N   1 
ATOM   1121 C  CA  . ALA A 1 161 ? 4.937   -21.083 7.275   1.00 15.91 ? 147 ALA A CA  1 
ATOM   1122 C  C   . ALA A 1 161 ? 4.120   -22.270 7.707   1.00 21.07 ? 147 ALA A C   1 
ATOM   1123 O  O   . ALA A 1 161 ? 4.540   -22.979 8.626   1.00 19.12 ? 147 ALA A O   1 
ATOM   1124 C  CB  . ALA A 1 161 ? 4.420   -19.815 7.970   1.00 19.38 ? 147 ALA A CB  1 
ATOM   1125 N  N   . LYS A 1 162 ? 2.959   -22.453 7.072   1.00 16.65 ? 148 LYS A N   1 
ATOM   1126 C  CA  . LYS A 1 162 ? 2.051   -23.551 7.372   1.00 16.58 ? 148 LYS A CA  1 
ATOM   1127 C  C   . LYS A 1 162 ? 2.787   -24.867 7.048   1.00 19.48 ? 148 LYS A C   1 
ATOM   1128 O  O   . LYS A 1 162 ? 2.743   -25.810 7.824   1.00 23.88 ? 148 LYS A O   1 
ATOM   1129 C  CB  . LYS A 1 162 ? 0.821   -23.430 6.462   1.00 21.01 ? 148 LYS A CB  1 
ATOM   1130 C  CG  . LYS A 1 162 ? -0.199  -24.571 6.570   1.00 35.19 ? 148 LYS A CG  1 
ATOM   1131 C  CD  . LYS A 1 162 ? -0.902  -24.562 7.912   1.00 25.18 ? 148 LYS A CD  1 
ATOM   1132 C  CE  . LYS A 1 162 ? -2.174  -25.473 7.950   1.00 29.49 ? 148 LYS A CE  1 
ATOM   1133 N  NZ  . LYS A 1 162 ? -2.674  -25.431 9.362   1.00 23.47 ? 148 LYS A NZ  1 
ATOM   1134 N  N   . ALA A 1 163 ? 3.408   -24.943 5.862   1.00 18.45 ? 149 ALA A N   1 
ATOM   1135 C  CA  . ALA A 1 163 ? 4.157   -26.148 5.482   1.00 21.31 ? 149 ALA A CA  1 
ATOM   1136 C  C   . ALA A 1 163 ? 5.278   -26.504 6.462   1.00 23.90 ? 149 ALA A C   1 
ATOM   1137 O  O   . ALA A 1 163 ? 5.489   -27.688 6.718   1.00 28.47 ? 149 ALA A O   1 
ATOM   1138 C  CB  . ALA A 1 163 ? 4.695   -26.047 4.023   1.00 18.36 ? 149 ALA A CB  1 
ATOM   1139 N  N   . ALA A 1 164 ? 6.018   -25.512 6.984   1.00 21.05 ? 150 ALA A N   1 
ATOM   1140 C  CA  . ALA A 1 164 ? 7.088   -25.749 7.980   1.00 26.83 ? 150 ALA A CA  1 
ATOM   1141 C  C   . ALA A 1 164 ? 6.574   -26.008 9.412   1.00 23.30 ? 150 ALA A C   1 
ATOM   1142 O  O   . ALA A 1 164 ? 7.375   -26.281 10.313  1.00 31.11 ? 150 ALA A O   1 
ATOM   1143 C  CB  . ALA A 1 164 ? 8.079   -24.570 7.998   1.00 23.50 ? 150 ALA A CB  1 
ATOM   1144 N  N   . GLY A 1 165 ? 5.264   -25.883 9.637   1.00 21.52 ? 151 GLY A N   1 
ATOM   1145 C  CA  . GLY A 1 165 ? 4.681   -26.173 10.954  1.00 27.47 ? 151 GLY A CA  1 
ATOM   1146 C  C   . GLY A 1 165 ? 4.523   -25.009 11.919  1.00 25.95 ? 151 GLY A C   1 
ATOM   1147 O  O   . GLY A 1 165 ? 4.331   -25.226 13.131  1.00 26.95 ? 151 GLY A O   1 
ATOM   1148 N  N   . TYR A 1 166 ? 4.634   -23.769 11.417  1.00 18.69 ? 152 TYR A N   1 
ATOM   1149 C  CA  . TYR A 1 166 ? 4.523   -22.551 12.222  1.00 19.50 ? 152 TYR A CA  1 
ATOM   1150 C  C   . TYR A 1 166 ? 3.115   -21.971 12.373  1.00 18.74 ? 152 TYR A C   1 
ATOM   1151 O  O   . TYR A 1 166 ? 2.923   -21.089 13.164  1.00 23.00 ? 152 TYR A O   1 
ATOM   1152 C  CB  . TYR A 1 166 ? 5.394   -21.432 11.616  1.00 21.84 ? 152 TYR A CB  1 
ATOM   1153 C  CG  . TYR A 1 166 ? 6.886   -21.657 11.747  1.00 20.82 ? 152 TYR A CG  1 
ATOM   1154 C  CD1 . TYR A 1 166 ? 7.561   -22.537 10.917  1.00 21.97 ? 152 TYR A CD1 1 
ATOM   1155 C  CD2 . TYR A 1 166 ? 7.620   -20.946 12.680  1.00 29.76 ? 152 TYR A CD2 1 
ATOM   1156 C  CE1 . TYR A 1 166 ? 8.928   -22.743 11.055  1.00 22.69 ? 152 TYR A CE1 1 
ATOM   1157 C  CE2 . TYR A 1 166 ? 8.986   -21.118 12.801  1.00 33.77 ? 152 TYR A CE2 1 
ATOM   1158 C  CZ  . TYR A 1 166 ? 9.623   -22.020 12.003  1.00 31.50 ? 152 TYR A CZ  1 
ATOM   1159 O  OH  . TYR A 1 166 ? 10.985  -22.170 12.153  1.00 32.42 ? 152 TYR A OH  1 
ATOM   1160 N  N   . ILE A 1 167 ? 2.143   -22.451 11.607  1.00 15.77 ? 153 ILE A N   1 
ATOM   1161 C  CA  . ILE A 1 167 ? 0.809   -21.855 11.658  1.00 15.81 ? 153 ILE A CA  1 
ATOM   1162 C  C   . ILE A 1 167 ? -0.170  -22.982 11.901  1.00 23.76 ? 153 ILE A C   1 
ATOM   1163 O  O   . ILE A 1 167 ? -0.115  -24.019 11.205  1.00 22.74 ? 153 ILE A O   1 
ATOM   1164 C  CB  . ILE A 1 167 ? 0.535   -21.187 10.301  1.00 22.59 ? 153 ILE A CB  1 
ATOM   1165 C  CG1 . ILE A 1 167 ? 1.340   -19.880 10.219  1.00 28.50 ? 153 ILE A CG1 1 
ATOM   1166 C  CG2 . ILE A 1 167 ? -0.957  -20.896 10.100  1.00 17.43 ? 153 ILE A CG2 1 
ATOM   1167 C  CD1 . ILE A 1 167 ? 1.060   -19.107 8.968   1.00 29.59 ? 153 ILE A CD1 1 
ATOM   1168 N  N   . ARG A 1 168 ? -1.042  -22.786 12.897  1.00 18.50 ? 154 ARG A N   1 
ATOM   1169 C  CA  . ARG A 1 168 ? -1.956  -23.826 13.368  1.00 24.99 ? 154 ARG A CA  1 
ATOM   1170 C  C   . ARG A 1 168 ? -3.199  -23.904 12.503  1.00 25.45 ? 154 ARG A C   1 
ATOM   1171 O  O   . ARG A 1 168 ? -3.707  -25.010 12.245  1.00 28.62 ? 154 ARG A O   1 
ATOM   1172 C  CB  . ARG A 1 168 ? -2.368  -23.558 14.833  1.00 19.89 ? 154 ARG A CB  1 
ATOM   1173 C  CG  . ARG A 1 168 ? -1.204  -23.262 15.769  1.00 36.69 ? 154 ARG A CG  1 
ATOM   1174 C  CD  . ARG A 1 168 ? -1.700  -23.227 17.220  1.00 55.80 ? 154 ARG A CD  1 
ATOM   1175 N  NE  . ARG A 1 168 ? -2.341  -24.496 17.501  1.00 36.89 ? 154 ARG A NE  1 
ATOM   1176 C  CZ  . ARG A 1 168 ? -3.426  -24.661 18.245  1.00 34.71 ? 154 ARG A CZ  1 
ATOM   1177 N  NH1 . ARG A 1 168 ? -3.997  -23.625 18.863  1.00 34.95 ? 154 ARG A NH1 1 
ATOM   1178 N  NH2 . ARG A 1 168 ? -3.926  -25.889 18.393  1.00 33.23 ? 154 ARG A NH2 1 
ATOM   1179 N  N   . GLY A 1 169 ? -3.686  -22.747 12.063  1.00 21.73 ? 155 GLY A N   1 
ATOM   1180 C  CA  . GLY A 1 169 ? -4.981  -22.673 11.380  1.00 25.80 ? 155 GLY A CA  1 
ATOM   1181 C  C   . GLY A 1 169 ? -4.945  -22.611 9.849   1.00 19.42 ? 155 GLY A C   1 
ATOM   1182 O  O   . GLY A 1 169 ? -3.918  -22.886 9.214   1.00 22.07 ? 155 GLY A O   1 
ATOM   1183 N  N   . ASP A 1 170 ? -6.085  -22.275 9.265   1.00 16.25 ? 156 ASP A N   1 
ATOM   1184 C  CA  . ASP A 1 170 ? -6.206  -22.168 7.807   1.00 15.23 ? 156 ASP A CA  1 
ATOM   1185 C  C   . ASP A 1 170 ? -5.464  -20.925 7.296   1.00 13.92 ? 156 ASP A C   1 
ATOM   1186 O  O   . ASP A 1 170 ? -5.492  -19.819 7.923   1.00 15.73 ? 156 ASP A O   1 
ATOM   1187 C  CB  . ASP A 1 170 ? -7.690  -22.096 7.479   1.00 17.05 ? 156 ASP A CB  1 
ATOM   1188 C  CG  . ASP A 1 170 ? -7.936  -21.950 6.029   1.00 29.41 ? 156 ASP A CG  1 
ATOM   1189 O  OD1 . ASP A 1 170 ? -7.948  -20.805 5.528   1.00 19.07 ? 156 ASP A OD1 1 
ATOM   1190 O  OD2 . ASP A 1 170 ? -8.133  -23.008 5.394   1.00 24.08 ? 156 ASP A OD2 1 
ATOM   1191 N  N   . VAL A 1 171 ? -4.699  -21.099 6.201   1.00 15.39 ? 157 VAL A N   1 
ATOM   1192 C  CA  . VAL A 1 171 ? -3.822  -20.023 5.761   1.00 15.07 ? 157 VAL A CA  1 
ATOM   1193 C  C   . VAL A 1 171 ? -4.627  -18.799 5.335   1.00 15.73 ? 157 VAL A C   1 
ATOM   1194 O  O   . VAL A 1 171 ? -4.230  -17.663 5.626   1.00 14.91 ? 157 VAL A O   1 
ATOM   1195 C  CB  . VAL A 1 171 ? -2.945  -20.470 4.594   1.00 19.34 ? 157 VAL A CB  1 
ATOM   1196 C  CG1 . VAL A 1 171 ? -2.282  -19.255 3.964   1.00 23.64 ? 157 VAL A CG1 1 
ATOM   1197 C  CG2 . VAL A 1 171 ? -1.869  -21.442 5.091   1.00 20.75 ? 157 VAL A CG2 1 
ATOM   1198 N  N   . PHE A 1 172 ? -5.744  -19.002 4.617   1.00 11.74 ? 158 PHE A N   1 
ATOM   1199 C  CA  . PHE A 1 172 ? -6.466  -17.867 4.112   1.00 12.06 ? 158 PHE A CA  1 
ATOM   1200 C  C   . PHE A 1 172 ? -7.127  -17.144 5.257   1.00 12.63 ? 158 PHE A C   1 
ATOM   1201 O  O   . PHE A 1 172 ? -7.176  -15.913 5.237   1.00 15.06 ? 158 PHE A O   1 
ATOM   1202 C  CB  . PHE A 1 172 ? -7.581  -18.322 3.187   1.00 13.26 ? 158 PHE A CB  1 
ATOM   1203 C  CG  . PHE A 1 172 ? -7.064  -19.132 2.020   1.00 16.87 ? 158 PHE A CG  1 
ATOM   1204 C  CD1 . PHE A 1 172 ? -6.560  -18.472 0.923   1.00 22.22 ? 158 PHE A CD1 1 
ATOM   1205 C  CD2 . PHE A 1 172 ? -7.037  -20.531 2.072   1.00 19.49 ? 158 PHE A CD2 1 
ATOM   1206 C  CE1 . PHE A 1 172 ? -6.054  -19.182 -0.166  1.00 18.51 ? 158 PHE A CE1 1 
ATOM   1207 C  CE2 . PHE A 1 172 ? -6.529  -21.261 0.981   1.00 18.28 ? 158 PHE A CE2 1 
ATOM   1208 C  CZ  . PHE A 1 172 ? -6.011  -20.584 -0.106  1.00 17.80 ? 158 PHE A CZ  1 
ATOM   1209 N  N   . ILE A 1 173 ? -7.624  -17.900 6.230   1.00 13.64 ? 159 ILE A N   1 
ATOM   1210 C  CA  . ILE A 1 173 ? -8.362  -17.282 7.359   1.00 16.40 ? 159 ILE A CA  1 
ATOM   1211 C  C   . ILE A 1 173 ? -7.324  -16.590 8.264   1.00 15.36 ? 159 ILE A C   1 
ATOM   1212 O  O   . ILE A 1 173 ? -7.570  -15.483 8.775   1.00 14.69 ? 159 ILE A O   1 
ATOM   1213 C  CB  . ILE A 1 173 ? -9.234  -18.294 8.145   1.00 13.82 ? 159 ILE A CB  1 
ATOM   1214 C  CG1 . ILE A 1 173 ? -10.368 -18.855 7.229   1.00 16.90 ? 159 ILE A CG1 1 
ATOM   1215 C  CG2 . ILE A 1 173 ? -9.832  -17.602 9.436   1.00 15.90 ? 159 ILE A CG2 1 
ATOM   1216 C  CD1 . ILE A 1 173 ? -10.883 -17.919 6.185   1.00 30.48 ? 159 ILE A CD1 1 
ATOM   1217 N  N   . THR A 1 174 ? -6.154  -17.203 8.406   1.00 13.36 ? 160 THR A N   1 
ATOM   1218 C  CA  . THR A 1 174 ? -5.071  -16.578 9.188   1.00 13.20 ? 160 THR A CA  1 
ATOM   1219 C  C   . THR A 1 174 ? -4.772  -15.213 8.563   1.00 14.77 ? 160 THR A C   1 
ATOM   1220 O  O   . THR A 1 174 ? -4.605  -14.190 9.269   1.00 14.73 ? 160 THR A O   1 
ATOM   1221 C  CB  . THR A 1 174 ? -3.812  -17.430 9.204   1.00 16.70 ? 160 THR A CB  1 
ATOM   1222 O  OG1 . THR A 1 174 ? -4.095  -18.634 9.915   1.00 17.25 ? 160 THR A OG1 1 
ATOM   1223 C  CG2 . THR A 1 174 ? -2.679  -16.705 9.929   1.00 19.84 ? 160 THR A CG2 1 
ATOM   1224 N  N   . ARG A 1 175 ? -4.740  -15.152 7.223   1.00 12.29 ? 161 ARG A N   1 
ATOM   1225 C  CA  . ARG A 1 175 ? -4.460  -13.841 6.614   1.00 11.73 ? 161 ARG A CA  1 
ATOM   1226 C  C   . ARG A 1 175 ? -5.599  -12.825 6.862   1.00 13.89 ? 161 ARG A C   1 
ATOM   1227 O  O   . ARG A 1 175 ? -5.329  -11.648 7.185   1.00 15.43 ? 161 ARG A O   1 
ATOM   1228 C  CB  . ARG A 1 175 ? -4.192  -14.008 5.106   1.00 11.82 ? 161 ARG A CB  1 
ATOM   1229 C  CG  . ARG A 1 175 ? -4.102  -12.680 4.311   1.00 10.39 ? 161 ARG A CG  1 
ATOM   1230 C  CD  . ARG A 1 175 ? -2.933  -11.775 4.861   1.00 10.35 ? 161 ARG A CD  1 
ATOM   1231 N  NE  . ARG A 1 175 ? -3.031  -10.478 4.125   1.00 15.57 ? 161 ARG A NE  1 
ATOM   1232 C  CZ  . ARG A 1 175 ? -2.569  -9.308  4.569   1.00 13.02 ? 161 ARG A CZ  1 
ATOM   1233 N  NH1 . ARG A 1 175 ? -1.994  -9.218  5.784   1.00 13.27 ? 161 ARG A NH1 1 
ATOM   1234 N  NH2 . ARG A 1 175 ? -2.794  -8.215  3.853   1.00 14.81 ? 161 ARG A NH2 1 
ATOM   1235 N  N   . ARG A 1 176 ? -6.866  -13.276 6.770   1.00 11.35 ? 162 ARG A N   1 
ATOM   1236 C  CA  . ARG A 1 176 ? -8.002  -12.387 7.049   1.00 11.81 ? 162 ARG A CA  1 
ATOM   1237 C  C   . ARG A 1 176 ? -7.919  -11.831 8.498   1.00 13.91 ? 162 ARG A C   1 
ATOM   1238 O  O   . ARG A 1 176 ? -8.202  -10.668 8.715   1.00 13.83 ? 162 ARG A O   1 
ATOM   1239 C  CB  . ARG A 1 176 ? -9.295  -13.143 6.947   1.00 14.81 ? 162 ARG A CB  1 
ATOM   1240 C  CG  . ARG A 1 176 ? -9.550  -13.829 5.588   1.00 14.71 ? 162 ARG A CG  1 
ATOM   1241 C  CD  . ARG A 1 176 ? -9.965  -12.814 4.625   1.00 20.96 ? 162 ARG A CD  1 
ATOM   1242 N  NE  . ARG A 1 176 ? -10.604 -13.464 3.464   1.00 32.44 ? 162 ARG A NE  1 
ATOM   1243 C  CZ  . ARG A 1 176 ? -11.228 -12.776 2.516   1.00 41.93 ? 162 ARG A CZ  1 
ATOM   1244 N  NH1 . ARG A 1 176 ? -11.792 -13.388 1.479   1.00 51.63 ? 162 ARG A NH1 1 
ATOM   1245 N  NH2 . ARG A 1 176 ? -11.282 -11.461 2.616   1.00 29.93 ? 162 ARG A NH2 1 
ATOM   1246 N  N   . PHE A 1 177 ? -7.542  -12.662 9.463   1.00 12.28 ? 163 PHE A N   1 
ATOM   1247 C  CA  . PHE A 1 177 ? -7.487  -12.188 10.878  1.00 13.23 ? 163 PHE A CA  1 
ATOM   1248 C  C   . PHE A 1 177 ? -6.322  -11.226 10.998  1.00 14.55 ? 163 PHE A C   1 
ATOM   1249 O  O   . PHE A 1 177 ? -6.413  -10.190 11.650  1.00 14.99 ? 163 PHE A O   1 
ATOM   1250 C  CB  . PHE A 1 177 ? -7.191  -13.388 11.816  1.00 10.82 ? 163 PHE A CB  1 
ATOM   1251 C  CG  . PHE A 1 177 ? -8.404  -14.300 12.125  1.00 14.46 ? 163 PHE A CG  1 
ATOM   1252 C  CD1 . PHE A 1 177 ? -9.697  -13.833 12.155  1.00 14.60 ? 163 PHE A CD1 1 
ATOM   1253 C  CD2 . PHE A 1 177 ? -8.182  -15.649 12.389  1.00 16.86 ? 163 PHE A CD2 1 
ATOM   1254 C  CE1 . PHE A 1 177 ? -10.814 -14.720 12.454  1.00 15.09 ? 163 PHE A CE1 1 
ATOM   1255 C  CE2 . PHE A 1 177 ? -9.225  -16.530 12.705  1.00 15.51 ? 163 PHE A CE2 1 
ATOM   1256 C  CZ  . PHE A 1 177 ? -10.538 -16.088 12.712  1.00 13.21 ? 163 PHE A CZ  1 
ATOM   1257 N  N   . LEU A 1 178 ? -5.182  -11.562 10.408  1.00 13.24 ? 164 LEU A N   1 
ATOM   1258 C  CA  . LEU A 1 178 ? -4.012  -10.677 10.486  1.00 12.68 ? 164 LEU A CA  1 
ATOM   1259 C  C   . LEU A 1 178 ? -4.238  -9.328  9.798   1.00 16.05 ? 164 LEU A C   1 
ATOM   1260 O  O   . LEU A 1 178 ? -3.828  -8.249  10.300  1.00 14.59 ? 164 LEU A O   1 
ATOM   1261 C  CB  . LEU A 1 178 ? -2.761  -11.413 9.911   1.00 12.69 ? 164 LEU A CB  1 
ATOM   1262 C  CG  . LEU A 1 178 ? -1.382  -10.839 10.183  1.00 36.68 ? 164 LEU A CG  1 
ATOM   1263 C  CD1 . LEU A 1 178 ? -1.078  -10.713 11.699  1.00 19.72 ? 164 LEU A CD1 1 
ATOM   1264 C  CD2 . LEU A 1 178 ? -0.338  -11.720 9.467   1.00 29.25 ? 164 LEU A CD2 1 
ATOM   1265 N  N   . THR A 1 179 ? -5.004  -9.355  8.703   1.00 12.26 ? 165 THR A N   1 
ATOM   1266 C  CA  . THR A 1 179 ? -5.377  -8.102  8.012   1.00 16.45 ? 165 THR A CA  1 
ATOM   1267 C  C   . THR A 1 179 ? -6.094  -7.183  9.001   1.00 15.55 ? 165 THR A C   1 
ATOM   1268 O  O   . THR A 1 179 ? -5.759  -5.999  9.115   1.00 17.61 ? 165 THR A O   1 
ATOM   1269 C  CB  . THR A 1 179 ? -6.258  -8.364  6.781   1.00 20.68 ? 165 THR A CB  1 
ATOM   1270 O  OG1 . THR A 1 179 ? -5.505  -9.162  5.848   1.00 16.56 ? 165 THR A OG1 1 
ATOM   1271 C  CG2 . THR A 1 179 ? -6.509  -7.059  6.104   1.00 17.05 ? 165 THR A CG2 1 
ATOM   1272 N  N   . GLY A 1 180 ? -7.071  -7.736  9.714   1.00 12.75 ? 166 GLY A N   1 
ATOM   1273 C  CA  . GLY A 1 180 ? -7.858  -6.945  10.661  1.00 13.27 ? 166 GLY A CA  1 
ATOM   1274 C  C   . GLY A 1 180 ? -7.035  -6.519  11.866  1.00 17.95 ? 166 GLY A C   1 
ATOM   1275 O  O   . GLY A 1 180 ? -7.189  -5.386  12.392  1.00 13.08 ? 166 GLY A O   1 
ATOM   1276 N  N   . ALA A 1 181 ? -6.182  -7.420  12.345  1.00 13.48 ? 167 ALA A N   1 
ATOM   1277 C  CA  . ALA A 1 181 ? -5.388  -7.097  13.550  1.00 12.43 ? 167 ALA A CA  1 
ATOM   1278 C  C   . ALA A 1 181 ? -4.419  -5.984  13.261  1.00 18.87 ? 167 ALA A C   1 
ATOM   1279 O  O   . ALA A 1 181 ? -4.214  -5.109  14.103  1.00 14.22 ? 167 ALA A O   1 
ATOM   1280 C  CB  . ALA A 1 181 ? -4.623  -8.374  14.045  1.00 11.31 ? 167 ALA A CB  1 
ATOM   1281 N  N   . LEU A 1 182 ? -3.785  -6.019  12.087  1.00 9.49  ? 168 LEU A N   1 
ATOM   1282 C  CA  . LEU A 1 182 ? -2.801  -4.960  11.738  1.00 10.92 ? 168 LEU A CA  1 
ATOM   1283 C  C   . LEU A 1 182 ? -3.486  -3.639  11.413  1.00 9.80  ? 168 LEU A C   1 
ATOM   1284 O  O   . LEU A 1 182 ? -3.019  -2.563  11.857  1.00 15.54 ? 168 LEU A O   1 
ATOM   1285 C  CB  . LEU A 1 182 ? -1.900  -5.401  10.538  1.00 13.21 ? 168 LEU A CB  1 
ATOM   1286 C  CG  . LEU A 1 182 ? -1.050  -6.648  10.841  1.00 9.80  ? 168 LEU A CG  1 
ATOM   1287 C  CD1 . LEU A 1 182 ? 0.000   -6.948  9.745   1.00 12.94 ? 168 LEU A CD1 1 
ATOM   1288 C  CD2 . LEU A 1 182 ? -0.224  -6.501  12.166  1.00 14.22 ? 168 LEU A CD2 1 
ATOM   1289 N  N   A SER A 1 183 ? -4.577  -3.663  10.648  0.40 15.30 ? 169 SER A N   1 
ATOM   1290 N  N   B SER A 1 183 ? -4.597  -3.704  10.676  0.60 15.04 ? 169 SER A N   1 
ATOM   1291 C  CA  A SER A 1 183 ? -5.225  -2.390  10.273  0.40 15.89 ? 169 SER A CA  1 
ATOM   1292 C  CA  B SER A 1 183 ? -5.296  -2.474  10.273  0.60 15.98 ? 169 SER A CA  1 
ATOM   1293 C  C   A SER A 1 183 ? -5.803  -1.666  11.499  0.40 19.98 ? 169 SER A C   1 
ATOM   1294 C  C   B SER A 1 183 ? -5.782  -1.691  11.500  0.60 20.16 ? 169 SER A C   1 
ATOM   1295 O  O   A SER A 1 183 ? -5.837  -0.433  11.557  0.40 17.25 ? 169 SER A O   1 
ATOM   1296 O  O   B SER A 1 183 ? -5.720  -0.457  11.558  0.60 17.65 ? 169 SER A O   1 
ATOM   1297 C  CB  A SER A 1 183 ? -6.318  -2.609  9.226   0.40 19.57 ? 169 SER A CB  1 
ATOM   1298 C  CB  B SER A 1 183 ? -6.485  -2.819  9.383   0.60 15.05 ? 169 SER A CB  1 
ATOM   1299 O  OG  A SER A 1 183 ? -7.366  -3.384  9.749   0.40 13.98 ? 169 SER A OG  1 
ATOM   1300 O  OG  B SER A 1 183 ? -7.114  -1.623  8.996   0.60 18.58 ? 169 SER A OG  1 
ATOM   1301 N  N   . TRP A 1 184 ? -6.239  -2.433  12.488  1.00 14.50 ? 170 TRP A N   1 
ATOM   1302 C  CA  . TRP A 1 184 ? -6.839  -1.839  13.692  1.00 18.11 ? 170 TRP A CA  1 
ATOM   1303 C  C   . TRP A 1 184 ? -5.830  -1.073  14.527  1.00 15.04 ? 170 TRP A C   1 
ATOM   1304 O  O   . TRP A 1 184 ? -6.247  -0.286  15.413  1.00 16.91 ? 170 TRP A O   1 
ATOM   1305 C  CB  . TRP A 1 184 ? -7.436  -2.966  14.549  1.00 14.87 ? 170 TRP A CB  1 
ATOM   1306 C  CG  . TRP A 1 184 ? -8.214  -2.565  15.748  1.00 20.89 ? 170 TRP A CG  1 
ATOM   1307 C  CD1 . TRP A 1 184 ? -7.814  -2.686  17.107  1.00 24.25 ? 170 TRP A CD1 1 
ATOM   1308 C  CD2 . TRP A 1 184 ? -9.509  -1.951  15.782  1.00 21.18 ? 170 TRP A CD2 1 
ATOM   1309 N  NE1 . TRP A 1 184 ? -8.814  -2.194  17.927  1.00 20.49 ? 170 TRP A NE1 1 
ATOM   1310 C  CE2 . TRP A 1 184 ? -9.856  -1.759  17.147  1.00 26.08 ? 170 TRP A CE2 1 
ATOM   1311 C  CE3 . TRP A 1 184 ? -10.443 -1.607  14.800  1.00 20.41 ? 170 TRP A CE3 1 
ATOM   1312 C  CZ2 . TRP A 1 184 ? -11.087 -1.214  17.529  1.00 32.82 ? 170 TRP A CZ2 1 
ATOM   1313 C  CZ3 . TRP A 1 184 ? -11.651 -1.034  15.186  1.00 37.45 ? 170 TRP A CZ3 1 
ATOM   1314 C  CH2 . TRP A 1 184 ? -11.960 -0.850  16.541  1.00 46.80 ? 170 TRP A CH2 1 
ATOM   1315 N  N   . THR A 1 185 ? -4.543  -1.291  14.270  1.00 12.35 ? 171 THR A N   1 
ATOM   1316 C  CA  . THR A 1 185 ? -3.480  -0.650  15.059  1.00 12.20 ? 171 THR A CA  1 
ATOM   1317 C  C   . THR A 1 185 ? -3.558  0.887   14.910  1.00 19.46 ? 171 THR A C   1 
ATOM   1318 O  O   . THR A 1 185 ? -3.065  1.596   15.785  1.00 18.59 ? 171 THR A O   1 
ATOM   1319 C  CB  . THR A 1 185 ? -2.044  -1.137  14.819  1.00 19.16 ? 171 THR A CB  1 
ATOM   1320 O  OG1 . THR A 1 185 ? -1.646  -0.884  13.493  1.00 15.99 ? 171 THR A OG1 1 
ATOM   1321 C  CG2 . THR A 1 185 ? -1.885  -2.631  15.063  1.00 13.25 ? 171 THR A CG2 1 
ATOM   1322 N  N   . THR A 1 186 ? -4.142  1.383   13.825  1.00 18.32 ? 172 THR A N   1 
ATOM   1323 C  CA  . THR A 1 186 ? -4.308  2.847   13.658  1.00 21.64 ? 172 THR A CA  1 
ATOM   1324 C  C   . THR A 1 186 ? -5.150  3.457   14.783  1.00 24.79 ? 172 THR A C   1 
ATOM   1325 O  O   . THR A 1 186 ? -5.031  4.668   15.057  1.00 27.52 ? 172 THR A O   1 
ATOM   1326 C  CB  . THR A 1 186 ? -4.999  3.229   12.330  1.00 23.19 ? 172 THR A CB  1 
ATOM   1327 O  OG1 . THR A 1 186 ? -6.336  2.708   12.318  1.00 28.55 ? 172 THR A OG1 1 
ATOM   1328 C  CG2 . THR A 1 186 ? -4.231  2.642   11.162  1.00 32.61 ? 172 THR A CG2 1 
ATOM   1329 N  N   . THR A 1 187 ? -5.998  2.644   15.418  1.00 20.28 ? 173 THR A N   1 
ATOM   1330 C  CA  . THR A 1 187 ? -6.934  3.179   16.414  1.00 25.44 ? 173 THR A CA  1 
ATOM   1331 C  C   . THR A 1 187 ? -6.279  3.308   17.796  1.00 28.89 ? 173 THR A C   1 
ATOM   1332 O  O   . THR A 1 187 ? -6.835  3.952   18.697  1.00 28.84 ? 173 THR A O   1 
ATOM   1333 C  CB  . THR A 1 187 ? -8.227  2.328   16.557  1.00 19.69 ? 173 THR A CB  1 
ATOM   1334 O  OG1 . THR A 1 187 ? -7.926  1.085   17.211  1.00 23.67 ? 173 THR A OG1 1 
ATOM   1335 C  CG2 . THR A 1 187 ? -8.835  2.025   15.184  1.00 27.24 ? 173 THR A CG2 1 
ATOM   1336 N  N   . TRP A 1 188 ? -5.109  2.700   17.979  1.00 21.85 ? 174 TRP A N   1 
ATOM   1337 C  CA  . TRP A 1 188 ? -4.534  2.654   19.308  1.00 18.28 ? 174 TRP A CA  1 
ATOM   1338 C  C   . TRP A 1 188 ? -3.028  2.829   19.415  1.00 23.15 ? 174 TRP A C   1 
ATOM   1339 O  O   . TRP A 1 188 ? -2.560  3.084   20.521  1.00 19.53 ? 174 TRP A O   1 
ATOM   1340 C  CB  . TRP A 1 188 ? -4.960  1.368   20.036  1.00 19.87 ? 174 TRP A CB  1 
ATOM   1341 C  CG  . TRP A 1 188 ? -4.423  0.083   19.410  1.00 21.70 ? 174 TRP A CG  1 
ATOM   1342 C  CD1 . TRP A 1 188 ? -5.065  -0.715  18.497  1.00 17.61 ? 174 TRP A CD1 1 
ATOM   1343 C  CD2 . TRP A 1 188 ? -3.173  -0.548  19.699  1.00 18.70 ? 174 TRP A CD2 1 
ATOM   1344 N  NE1 . TRP A 1 188 ? -4.250  -1.788  18.168  1.00 16.51 ? 174 TRP A NE1 1 
ATOM   1345 C  CE2 . TRP A 1 188 ? -3.106  -1.724  18.925  1.00 17.61 ? 174 TRP A CE2 1 
ATOM   1346 C  CE3 . TRP A 1 188 ? -2.110  -0.250  20.568  1.00 19.95 ? 174 TRP A CE3 1 
ATOM   1347 C  CZ2 . TRP A 1 188 ? -2.021  -2.615  18.993  1.00 18.11 ? 174 TRP A CZ2 1 
ATOM   1348 C  CZ3 . TRP A 1 188 ? -1.020  -1.116  20.612  1.00 19.68 ? 174 TRP A CZ3 1 
ATOM   1349 C  CH2 . TRP A 1 188 ? -0.983  -2.288  19.816  1.00 23.16 ? 174 TRP A CH2 1 
ATOM   1350 N  N   . PHE A 1 189 ? -2.257  2.686   18.320  1.00 16.98 ? 175 PHE A N   1 
ATOM   1351 C  CA  . PHE A 1 189 ? -0.783  2.605   18.455  1.00 17.45 ? 175 PHE A CA  1 
ATOM   1352 C  C   . PHE A 1 189 ? -0.207  3.916   18.964  1.00 20.84 ? 175 PHE A C   1 
ATOM   1353 O  O   . PHE A 1 189 ? 0.732   3.899   19.765  1.00 29.14 ? 175 PHE A O   1 
ATOM   1354 C  CB  . PHE A 1 189 ? -0.116  2.183   17.118  1.00 22.52 ? 175 PHE A CB  1 
ATOM   1355 C  CG  . PHE A 1 189 ? 1.411   2.114   17.157  1.00 21.26 ? 175 PHE A CG  1 
ATOM   1356 C  CD1 . PHE A 1 189 ? 2.058   1.149   17.885  1.00 22.59 ? 175 PHE A CD1 1 
ATOM   1357 C  CD2 . PHE A 1 189 ? 2.169   3.005   16.430  1.00 32.64 ? 175 PHE A CD2 1 
ATOM   1358 C  CE1 . PHE A 1 189 ? 3.432   1.063   17.893  1.00 26.89 ? 175 PHE A CE1 1 
ATOM   1359 C  CE2 . PHE A 1 189 ? 3.529   2.957   16.470  1.00 30.96 ? 175 PHE A CE2 1 
ATOM   1360 C  CZ  . PHE A 1 189 ? 4.170   1.966   17.192  1.00 25.41 ? 175 PHE A CZ  1 
ATOM   1361 N  N   . ARG A 1 190 ? -0.753  5.048   18.515  1.00 28.84 ? 176 ARG A N   1 
ATOM   1362 C  CA  . ARG A 1 190 ? -0.258  6.363   18.997  1.00 34.16 ? 176 ARG A CA  1 
ATOM   1363 C  C   . ARG A 1 190 ? -0.500  6.585   20.494  1.00 37.99 ? 176 ARG A C   1 
ATOM   1364 O  O   . ARG A 1 190 ? 0.375   7.117   21.176  1.00 44.42 ? 176 ARG A O   1 
ATOM   1365 C  CB  . ARG A 1 190 ? -0.842  7.541   18.187  1.00 37.82 ? 176 ARG A CB  1 
ATOM   1366 C  CG  . ARG A 1 190 ? -0.040  7.928   16.920  1.00 71.27 ? 176 ARG A CG  1 
ATOM   1367 C  CD  . ARG A 1 190 ? -0.219  9.422   16.587  1.00 87.49 ? 176 ARG A CD  1 
ATOM   1368 N  NE  . ARG A 1 190 ? 0.133   9.784   15.206  1.00 90.91 ? 176 ARG A NE  1 
ATOM   1369 C  CZ  . ARG A 1 190 ? -0.742  10.183  14.278  1.00 91.13 ? 176 ARG A CZ  1 
ATOM   1370 N  NH1 . ARG A 1 190 ? -2.039  10.275  14.562  1.00 67.97 ? 176 ARG A NH1 1 
ATOM   1371 N  NH2 . ARG A 1 190 ? -0.323  10.500  13.057  1.00 68.14 ? 176 ARG A NH2 1 
ATOM   1372 N  N   . ALA A 1 191 ? -1.678  6.178   20.993  1.00 28.18 ? 177 ALA A N   1 
ATOM   1373 C  CA  . ALA A 1 191 ? -2.018  6.260   22.419  1.00 28.08 ? 177 ALA A CA  1 
ATOM   1374 C  C   . ALA A 1 191 ? -1.064  5.494   23.360  1.00 27.62 ? 177 ALA A C   1 
ATOM   1375 O  O   . ALA A 1 191 ? -1.048  5.726   24.585  1.00 32.13 ? 177 ALA A O   1 
ATOM   1376 C  CB  . ALA A 1 191 ? -3.445  5.769   22.639  1.00 26.09 ? 177 ALA A CB  1 
ATOM   1377 N  N   . GLN A 1 192 ? -0.299  4.547   22.820  1.00 30.27 ? 178 GLN A N   1 
ATOM   1378 C  CA  . GLN A 1 192 ? 0.557   3.691   23.645  1.00 30.40 ? 178 GLN A CA  1 
ATOM   1379 C  C   . GLN A 1 192 ? 1.766   4.449   24.135  1.00 49.80 ? 178 GLN A C   1 
ATOM   1380 O  O   . GLN A 1 192 ? 2.204   4.253   25.270  1.00 54.34 ? 178 GLN A O   1 
ATOM   1381 C  CB  . GLN A 1 192 ? 1.055   2.496   22.848  1.00 40.39 ? 178 GLN A CB  1 
ATOM   1382 C  CG  . GLN A 1 192 ? 0.116   1.359   22.845  1.00 34.72 ? 178 GLN A CG  1 
ATOM   1383 C  CD  . GLN A 1 192 ? 0.006   0.656   24.191  1.00 30.61 ? 178 GLN A CD  1 
ATOM   1384 O  OE1 . GLN A 1 192 ? 1.008   0.342   24.841  1.00 39.01 ? 178 GLN A OE1 1 
ATOM   1385 N  NE2 . GLN A 1 192 ? -1.224  0.375   24.600  1.00 37.81 ? 178 GLN A NE2 1 
ATOM   1386 N  N   . GLY A 1 193 ? 2.334   5.276   23.262  1.00 44.40 ? 179 GLY A N   1 
ATOM   1387 C  CA  . GLY A 1 193 ? 3.414   6.170   23.666  1.00 39.28 ? 179 GLY A CA  1 
ATOM   1388 C  C   . GLY A 1 193 ? 4.849   5.683   23.485  1.00 37.00 ? 179 GLY A C   1 
ATOM   1389 O  O   . GLY A 1 193 ? 5.672   6.367   22.862  1.00 65.20 ? 179 GLY A O   1 
ATOM   1390 N  N   . SER A 1 194 ? 5.146   4.500   24.014  1.00 37.55 ? 180 SER A N   1 
ATOM   1391 C  CA  . SER A 1 194 ? 6.513   3.988   24.071  1.00 44.48 ? 180 SER A CA  1 
ATOM   1392 C  C   . SER A 1 194 ? 6.747   2.693   23.243  1.00 70.14 ? 180 SER A C   1 
ATOM   1393 O  O   . SER A 1 194 ? 7.861   2.145   23.221  1.00 50.46 ? 180 SER A O   1 
ATOM   1394 C  CB  . SER A 1 194 ? 6.845   3.703   25.523  1.00 44.30 ? 180 SER A CB  1 
ATOM   1395 O  OG  . SER A 1 194 ? 6.030   2.633   25.989  1.00 58.19 ? 180 SER A OG  1 
ATOM   1396 N  N   . LEU A 1 195 ? 5.705   2.195   22.577  1.00 37.90 ? 181 LEU A N   1 
ATOM   1397 C  CA  . LEU A 1 195 ? 5.833   0.992   21.754  1.00 24.57 ? 181 LEU A CA  1 
ATOM   1398 C  C   . LEU A 1 195 ? 6.297   1.412   20.361  1.00 21.93 ? 181 LEU A C   1 
ATOM   1399 O  O   . LEU A 1 195 ? 5.710   2.339   19.750  1.00 29.16 ? 181 LEU A O   1 
ATOM   1400 C  CB  . LEU A 1 195 ? 4.483   0.281   21.676  1.00 31.55 ? 181 LEU A CB  1 
ATOM   1401 C  CG  . LEU A 1 195 ? 4.372   -1.079  21.002  1.00 32.47 ? 181 LEU A CG  1 
ATOM   1402 C  CD1 . LEU A 1 195 ? 5.100   -2.151  21.791  1.00 30.73 ? 181 LEU A CD1 1 
ATOM   1403 C  CD2 . LEU A 1 195 ? 2.874   -1.402  20.859  1.00 27.69 ? 181 LEU A CD2 1 
ATOM   1404 N  N   . THR A 1 196 ? 7.363   0.781   19.867  1.00 24.74 ? 182 THR A N   1 
ATOM   1405 C  CA  . THR A 1 196 ? 7.846   1.141   18.537  1.00 21.67 ? 182 THR A CA  1 
ATOM   1406 C  C   . THR A 1 196 ? 7.200   0.223   17.512  1.00 21.34 ? 182 THR A C   1 
ATOM   1407 O  O   . THR A 1 196 ? 6.627   -0.804  17.881  1.00 20.00 ? 182 THR A O   1 
ATOM   1408 C  CB  . THR A 1 196 ? 9.330   0.958   18.403  1.00 22.14 ? 182 THR A CB  1 
ATOM   1409 O  OG1 . THR A 1 196 ? 9.607   -0.433  18.433  1.00 22.73 ? 182 THR A OG1 1 
ATOM   1410 C  CG2 . THR A 1 196 ? 10.067  1.635   19.589  1.00 28.49 ? 182 THR A CG2 1 
ATOM   1411 N  N   . LEU A 1 197 ? 7.311   0.579   16.237  1.00 26.86 ? 183 LEU A N   1 
ATOM   1412 C  CA  . LEU A 1 197 ? 6.650   -0.218  15.205  1.00 18.91 ? 183 LEU A CA  1 
ATOM   1413 C  C   . LEU A 1 197 ? 7.322   -1.568  15.091  1.00 17.50 ? 183 LEU A C   1 
ATOM   1414 O  O   . LEU A 1 197 ? 6.690   -2.605  14.819  1.00 18.35 ? 183 LEU A O   1 
ATOM   1415 C  CB  . LEU A 1 197 ? 6.716   0.516   13.860  1.00 27.91 ? 183 LEU A CB  1 
ATOM   1416 C  CG  . LEU A 1 197 ? 5.714   -0.151  12.929  1.00 61.85 ? 183 LEU A CG  1 
ATOM   1417 C  CD1 . LEU A 1 197 ? 4.757   0.897   12.350  1.00 34.97 ? 183 LEU A CD1 1 
ATOM   1418 C  CD2 . LEU A 1 197 ? 6.442   -0.973  11.852  1.00 41.08 ? 183 LEU A CD2 1 
ATOM   1419 N  N   . GLU A 1 198 ? 8.635   -1.595  15.271  1.00 20.56 ? 184 GLU A N   1 
ATOM   1420 C  CA  . GLU A 1 198 ? 9.304   -2.878  15.250  1.00 25.21 ? 184 GLU A CA  1 
ATOM   1421 C  C   . GLU A 1 198 ? 8.824   -3.799  16.392  1.00 21.38 ? 184 GLU A C   1 
ATOM   1422 O  O   . GLU A 1 198 ? 8.644   -5.009  16.212  1.00 18.37 ? 184 GLU A O   1 
ATOM   1423 C  CB  . GLU A 1 198 ? 10.825  -2.692  15.321  1.00 29.19 ? 184 GLU A CB  1 
ATOM   1424 C  CG  . GLU A 1 198 ? 11.595  -3.998  15.164  1.00 25.21 ? 184 GLU A CG  1 
ATOM   1425 C  CD  . GLU A 1 198 ? 11.510  -4.602  13.735  1.00 31.65 ? 184 GLU A CD  1 
ATOM   1426 O  OE1 . GLU A 1 198 ? 11.156  -3.855  12.789  1.00 37.08 ? 184 GLU A OE1 1 
ATOM   1427 O  OE2 . GLU A 1 198 ? 11.815  -5.812  13.561  1.00 33.85 ? 184 GLU A OE2 1 
ATOM   1428 N  N   . GLU A 1 199 ? 8.654   -3.252  17.579  1.00 19.86 ? 185 GLU A N   1 
ATOM   1429 C  CA  . GLU A 1 199 ? 8.127   -4.040  18.691  1.00 19.04 ? 185 GLU A CA  1 
ATOM   1430 C  C   . GLU A 1 199 ? 6.716   -4.523  18.404  1.00 14.17 ? 185 GLU A C   1 
ATOM   1431 O  O   . GLU A 1 199 ? 6.375   -5.668  18.704  1.00 17.82 ? 185 GLU A O   1 
ATOM   1432 C  CB  . GLU A 1 199 ? 8.168   -3.210  19.959  1.00 21.18 ? 185 GLU A CB  1 
ATOM   1433 C  CG  . GLU A 1 199 ? 9.620   -3.071  20.433  1.00 23.34 ? 185 GLU A CG  1 
ATOM   1434 C  CD  . GLU A 1 199 ? 9.776   -2.002  21.523  1.00 46.51 ? 185 GLU A CD  1 
ATOM   1435 O  OE1 . GLU A 1 199 ? 8.817   -1.246  21.773  1.00 27.74 ? 185 GLU A OE1 1 
ATOM   1436 O  OE2 . GLU A 1 199 ? 10.872  -1.907  22.115  1.00 39.34 ? 185 GLU A OE2 1 
ATOM   1437 N  N   . LEU A 1 200 ? 5.907   -3.640  17.805  1.00 17.95 ? 186 LEU A N   1 
ATOM   1438 C  CA  . LEU A 1 200 ? 4.534   -4.009  17.407  1.00 16.80 ? 186 LEU A CA  1 
ATOM   1439 C  C   . LEU A 1 200 ? 4.559   -5.179  16.406  1.00 17.43 ? 186 LEU A C   1 
ATOM   1440 O  O   . LEU A 1 200 ? 3.786   -6.150  16.521  1.00 16.62 ? 186 LEU A O   1 
ATOM   1441 C  CB  . LEU A 1 200 ? 3.824   -2.782  16.816  1.00 15.33 ? 186 LEU A CB  1 
ATOM   1442 C  CG  . LEU A 1 200 ? 2.345   -2.943  16.408  1.00 15.30 ? 186 LEU A CG  1 
ATOM   1443 C  CD1 . LEU A 1 200 ? 1.442   -3.245  17.641  1.00 22.83 ? 186 LEU A CD1 1 
ATOM   1444 C  CD2 . LEU A 1 200 ? 1.846   -1.725  15.647  1.00 19.96 ? 186 LEU A CD2 1 
ATOM   1445 N  N   . ALA A 1 201 ? 5.462   -5.102  15.429  1.00 15.76 ? 187 ALA A N   1 
ATOM   1446 C  CA  . ALA A 1 201 ? 5.572   -6.171  14.410  1.00 18.44 ? 187 ALA A CA  1 
ATOM   1447 C  C   . ALA A 1 201 ? 6.007   -7.486  15.069  1.00 15.93 ? 187 ALA A C   1 
ATOM   1448 O  O   . ALA A 1 201 ? 5.502   -8.544  14.750  1.00 14.84 ? 187 ALA A O   1 
ATOM   1449 C  CB  . ALA A 1 201 ? 6.584   -5.735  13.287  1.00 14.97 ? 187 ALA A CB  1 
ATOM   1450 N  N   . GLU A 1 202 ? 6.959   -7.415  15.997  1.00 17.06 ? 188 GLU A N   1 
ATOM   1451 C  CA  . GLU A 1 202 ? 7.378   -8.579  16.771  1.00 19.20 ? 188 GLU A CA  1 
ATOM   1452 C  C   . GLU A 1 202 ? 6.253   -9.203  17.572  1.00 14.51 ? 188 GLU A C   1 
ATOM   1453 O  O   . GLU A 1 202 ? 6.156   -10.428 17.625  1.00 14.87 ? 188 GLU A O   1 
ATOM   1454 C  CB  . GLU A 1 202 ? 8.551   -8.167  17.721  1.00 20.06 ? 188 GLU A CB  1 
ATOM   1455 C  CG  . GLU A 1 202 ? 9.825   -7.817  16.870  1.00 31.63 ? 188 GLU A CG  1 
ATOM   1456 C  CD  . GLU A 1 202 ? 11.072  -7.466  17.698  1.00 59.61 ? 188 GLU A CD  1 
ATOM   1457 O  OE1 . GLU A 1 202 ? 10.957  -7.217  18.917  1.00 49.86 ? 188 GLU A OE1 1 
ATOM   1458 O  OE2 . GLU A 1 202 ? 12.175  -7.436  17.113  1.00 74.59 ? 188 GLU A OE2 1 
ATOM   1459 N  N   . GLU A 1 203 ? 5.402   -8.381  18.164  1.00 13.63 ? 189 GLU A N   1 
ATOM   1460 C  CA  . GLU A 1 203 ? 4.263   -8.890  18.926  1.00 15.60 ? 189 GLU A CA  1 
ATOM   1461 C  C   . GLU A 1 203 ? 3.308   -9.544  17.953  1.00 20.80 ? 189 GLU A C   1 
ATOM   1462 O  O   . GLU A 1 203 ? 2.795   -10.606 18.261  1.00 13.19 ? 189 GLU A O   1 
ATOM   1463 C  CB  . GLU A 1 203 ? 3.537   -7.797  19.695  1.00 16.53 ? 189 GLU A CB  1 
ATOM   1464 C  CG  . GLU A 1 203 ? 4.225   -7.323  20.925  1.00 21.03 ? 189 GLU A CG  1 
ATOM   1465 C  CD  . GLU A 1 203 ? 4.223   -8.372  22.054  1.00 26.84 ? 189 GLU A CD  1 
ATOM   1466 O  OE1 . GLU A 1 203 ? 3.238   -9.169  22.193  1.00 20.76 ? 189 GLU A OE1 1 
ATOM   1467 O  OE2 . GLU A 1 203 ? 5.232   -8.360  22.803  1.00 27.08 ? 189 GLU A OE2 1 
ATOM   1468 N  N   . ALA A 1 204 ? 3.101   -8.957  16.766  1.00 17.33 ? 190 ALA A N   1 
ATOM   1469 C  CA  . ALA A 1 204 ? 2.239   -9.635  15.768  1.00 18.77 ? 190 ALA A CA  1 
ATOM   1470 C  C   . ALA A 1 204 ? 2.759   -10.990 15.333  1.00 16.61 ? 190 ALA A C   1 
ATOM   1471 O  O   . ALA A 1 204 ? 1.988   -11.920 15.145  1.00 16.87 ? 190 ALA A O   1 
ATOM   1472 C  CB  . ALA A 1 204 ? 1.954   -8.752  14.492  1.00 12.43 ? 190 ALA A CB  1 
ATOM   1473 N  N   . LEU A 1 205 ? 4.078   -11.108 15.237  1.00 15.33 ? 191 LEU A N   1 
ATOM   1474 C  CA  . LEU A 1 205 ? 4.697   -12.361 14.862  1.00 15.13 ? 191 LEU A CA  1 
ATOM   1475 C  C   . LEU A 1 205 ? 4.469   -13.403 15.943  1.00 18.49 ? 191 LEU A C   1 
ATOM   1476 O  O   . LEU A 1 205 ? 4.286   -14.555 15.626  1.00 18.64 ? 191 LEU A O   1 
ATOM   1477 C  CB  . LEU A 1 205 ? 6.219   -12.151 14.699  1.00 14.80 ? 191 LEU A CB  1 
ATOM   1478 C  CG  . LEU A 1 205 ? 6.963   -13.351 14.143  1.00 16.47 ? 191 LEU A CG  1 
ATOM   1479 C  CD1 . LEU A 1 205 ? 6.626   -13.508 12.643  1.00 21.25 ? 191 LEU A CD1 1 
ATOM   1480 C  CD2 . LEU A 1 205 ? 8.460   -13.088 14.303  1.00 22.00 ? 191 LEU A CD2 1 
ATOM   1481 N  N   . LEU A 1 206 ? 4.513   -12.973 17.205  1.00 19.24 ? 192 LEU A N   1 
ATOM   1482 C  CA  . LEU A 1 206 ? 4.309   -13.898 18.359  1.00 21.49 ? 192 LEU A CA  1 
ATOM   1483 C  C   . LEU A 1 206 ? 2.910   -14.416 18.334  1.00 28.66 ? 192 LEU A C   1 
ATOM   1484 O  O   . LEU A 1 206 ? 2.643   -15.579 18.639  1.00 24.06 ? 192 LEU A O   1 
ATOM   1485 C  CB  . LEU A 1 206 ? 4.549   -13.192 19.680  1.00 20.58 ? 192 LEU A CB  1 
ATOM   1486 C  CG  . LEU A 1 206 ? 5.976   -12.910 20.140  1.00 32.65 ? 192 LEU A CG  1 
ATOM   1487 C  CD1 . LEU A 1 206 ? 5.911   -12.005 21.319  1.00 37.40 ? 192 LEU A CD1 1 
ATOM   1488 C  CD2 . LEU A 1 206 ? 6.679   -14.173 20.536  1.00 40.02 ? 192 LEU A CD2 1 
ATOM   1489 N  N   . MET A 1 207 ? 1.983   -13.557 17.956  1.00 23.47 ? 193 MET A N   1 
ATOM   1490 C  CA  . MET A 1 207 ? 0.627   -14.070 17.835  1.00 39.01 ? 193 MET A CA  1 
ATOM   1491 C  C   . MET A 1 207 ? 0.451   -15.071 16.695  1.00 33.61 ? 193 MET A C   1 
ATOM   1492 O  O   . MET A 1 207 ? -0.122  -16.137 16.893  1.00 49.29 ? 193 MET A O   1 
ATOM   1493 C  CB  . MET A 1 207 ? -0.391  -12.951 17.684  1.00 39.55 ? 193 MET A CB  1 
ATOM   1494 C  CG  . MET A 1 207 ? -1.766  -13.523 17.513  1.00 37.11 ? 193 MET A CG  1 
ATOM   1495 S  SD  . MET A 1 207 ? -2.939  -12.191 17.403  1.00 35.30 ? 193 MET A SD  1 
ATOM   1496 C  CE  . MET A 1 207 ? -2.629  -11.621 15.717  1.00 30.77 ? 193 MET A CE  1 
ATOM   1497 N  N   . VAL A 1 208 ? 0.945   -14.755 15.503  1.00 25.33 ? 194 VAL A N   1 
ATOM   1498 C  CA  . VAL A 1 208 ? 0.596   -15.555 14.371  1.00 20.24 ? 194 VAL A CA  1 
ATOM   1499 C  C   . VAL A 1 208 ? 1.410   -16.864 14.201  1.00 28.54 ? 194 VAL A C   1 
ATOM   1500 O  O   . VAL A 1 208 ? 0.894   -17.847 13.687  1.00 24.50 ? 194 VAL A O   1 
ATOM   1501 C  CB  . VAL A 1 208 ? 0.477   -14.733 13.114  1.00 31.70 ? 194 VAL A CB  1 
ATOM   1502 C  CG1 . VAL A 1 208 ? 1.799   -14.343 12.634  1.00 19.40 ? 194 VAL A CG1 1 
ATOM   1503 C  CG2 . VAL A 1 208 ? -0.247  -15.521 12.055  1.00 47.78 ? 194 VAL A CG2 1 
ATOM   1504 N  N   . LEU A 1 209 ? 2.635   -16.903 14.709  1.00 19.67 ? 195 LEU A N   1 
ATOM   1505 C  CA  . LEU A 1 209 ? 3.477   -18.085 14.554  1.00 16.38 ? 195 LEU A CA  1 
ATOM   1506 C  C   . LEU A 1 209 ? 3.475   -18.886 15.868  1.00 20.65 ? 195 LEU A C   1 
ATOM   1507 O  O   . LEU A 1 209 ? 3.374   -18.297 16.972  1.00 23.34 ? 195 LEU A O   1 
ATOM   1508 C  CB  . LEU A 1 209 ? 4.921   -17.688 14.194  1.00 16.55 ? 195 LEU A CB  1 
ATOM   1509 C  CG  . LEU A 1 209 ? 5.087   -17.043 12.803  1.00 17.12 ? 195 LEU A CG  1 
ATOM   1510 C  CD1 . LEU A 1 209 ? 6.541   -17.056 12.355  1.00 23.02 ? 195 LEU A CD1 1 
ATOM   1511 C  CD2 . LEU A 1 209 ? 4.274   -17.808 11.790  1.00 20.08 ? 195 LEU A CD2 1 
ATOM   1512 N  N   . LYS A 1 210 ? 3.585   -20.214 15.738  1.00 18.33 ? 196 LYS A N   1 
ATOM   1513 C  CA  . LYS A 1 210 ? 3.609   -21.091 16.909  1.00 26.97 ? 196 LYS A CA  1 
ATOM   1514 C  C   . LYS A 1 210 ? 4.949   -20.969 17.590  1.00 24.57 ? 196 LYS A C   1 
ATOM   1515 O  O   . LYS A 1 210 ? 5.081   -21.223 18.791  1.00 25.65 ? 196 LYS A O   1 
ATOM   1516 C  CB  . LYS A 1 210 ? 3.468   -22.547 16.507  1.00 32.46 ? 196 LYS A CB  1 
ATOM   1517 C  CG  . LYS A 1 210 ? 2.224   -22.882 15.739  0.58 25.99 ? 196 LYS A CG  1 
ATOM   1518 C  CD  . LYS A 1 210 ? 2.206   -24.392 15.467  0.22 23.95 ? 196 LYS A CD  1 
ATOM   1519 C  CE  . LYS A 1 210 ? 2.853   -25.165 16.617  0.71 32.61 ? 196 LYS A CE  1 
ATOM   1520 N  NZ  . LYS A 1 210 ? 2.717   -26.651 16.507  0.70 50.77 ? 196 LYS A NZ  1 
ATOM   1521 N  N   . SER A 1 211 ? 5.948   -20.589 16.804  1.00 27.92 ? 197 SER A N   1 
ATOM   1522 C  CA  . SER A 1 211 ? 7.314   -20.432 17.300  1.00 25.88 ? 197 SER A CA  1 
ATOM   1523 C  C   . SER A 1 211 ? 7.974   -19.404 16.390  1.00 28.66 ? 197 SER A C   1 
ATOM   1524 O  O   . SER A 1 211 ? 7.563   -19.245 15.240  1.00 29.15 ? 197 SER A O   1 
ATOM   1525 C  CB  . SER A 1 211 ? 8.019   -21.784 17.190  1.00 32.41 ? 197 SER A CB  1 
ATOM   1526 O  OG  . SER A 1 211 ? 9.403   -21.659 17.453  1.00 46.36 ? 197 SER A OG  1 
ATOM   1527 N  N   . ASP A 1 212 ? 8.974   -18.688 16.887  1.00 27.15 ? 198 ASP A N   1 
ATOM   1528 C  CA  . ASP A 1 212 ? 9.778   -17.809 16.032  1.00 23.93 ? 198 ASP A CA  1 
ATOM   1529 C  C   . ASP A 1 212 ? 11.174  -17.719 16.598  1.00 42.44 ? 198 ASP A C   1 
ATOM   1530 O  O   . ASP A 1 212 ? 12.023  -16.986 16.061  1.00 22.89 ? 198 ASP A O   1 
ATOM   1531 C  CB  . ASP A 1 212 ? 9.211   -16.386 15.954  1.00 21.86 ? 198 ASP A CB  1 
ATOM   1532 C  CG  . ASP A 1 212 ? 9.182   -15.687 17.309  1.00 22.29 ? 198 ASP A CG  1 
ATOM   1533 O  OD1 . ASP A 1 212 ? 10.233  -15.174 17.811  1.00 28.01 ? 198 ASP A OD1 1 
ATOM   1534 O  OD2 . ASP A 1 212 ? 8.070   -15.591 17.861  1.00 42.37 ? 198 ASP A OD2 1 
ATOM   1535 O  OXT . ASP A 1 212 ? 11.424  -18.364 17.624  1.00 22.56 ? 198 ASP A OXT 1 
HETATM 1536 MG MG  . MG  B 2 .   ? 6.410   13.799  -3.100  0.50 9.39  ? 201 MG  A MG  1 
HETATM 1537 C  C1  . BME C 3 .   ? 2.349   -22.244 -1.530  1.00 32.75 ? 202 BME A C1  1 
HETATM 1538 C  C2  . BME C 3 .   ? 1.434   -21.128 -1.935  1.00 30.52 ? 202 BME A C2  1 
HETATM 1539 O  O1  . BME C 3 .   ? 3.340   -22.022 -0.577  1.00 43.49 ? 202 BME A O1  1 
HETATM 1540 S  S2  . BME C 3 .   ? -0.320  -21.373 -1.921  1.00 59.17 ? 202 BME A S2  1 
HETATM 1541 O  O   . HOH D 4 .   ? -3.520  -19.799 12.400  1.00 22.24 ? 301 HOH A O   1 
HETATM 1542 O  O   . HOH D 4 .   ? -11.652 10.966  -21.151 1.00 19.17 ? 302 HOH A O   1 
HETATM 1543 O  O   . HOH D 4 .   ? 0.863   -5.352  -6.150  1.00 23.76 ? 303 HOH A O   1 
HETATM 1544 O  O   . HOH D 4 .   ? 12.286  -9.750  8.610   1.00 27.78 ? 304 HOH A O   1 
HETATM 1545 O  O   . HOH D 4 .   ? 3.811   3.860   20.452  1.00 37.80 ? 305 HOH A O   1 
HETATM 1546 O  O   . HOH D 4 .   ? 16.299  -14.919 7.761   1.00 27.15 ? 306 HOH A O   1 
HETATM 1547 O  O   . HOH D 4 .   ? -3.780  -16.792 -9.480  1.00 22.58 ? 307 HOH A O   1 
HETATM 1548 O  O   . HOH D 4 .   ? 10.273  -5.758  6.212   1.00 23.53 ? 308 HOH A O   1 
HETATM 1549 O  O   . HOH D 4 .   ? -3.987  -4.661  7.298   1.00 22.63 ? 309 HOH A O   1 
HETATM 1550 O  O   . HOH D 4 .   ? 6.071   -9.451  25.081  1.00 32.30 ? 310 HOH A O   1 
HETATM 1551 O  O   . HOH D 4 .   ? -6.417  -9.410  3.297   1.00 27.98 ? 311 HOH A O   1 
HETATM 1552 O  O   . HOH D 4 .   ? -12.436 14.119  -2.514  1.00 30.23 ? 312 HOH A O   1 
HETATM 1553 O  O   . HOH D 4 .   ? 5.095   -2.590  1.965   1.00 30.97 ? 313 HOH A O   1 
HETATM 1554 O  O   . HOH D 4 .   ? -9.341  -1.533  10.952  1.00 37.24 ? 314 HOH A O   1 
HETATM 1555 O  O   . HOH D 4 .   ? 8.155   -24.306 4.024   1.00 32.80 ? 315 HOH A O   1 
HETATM 1556 O  O   . HOH D 4 .   ? -11.608 7.746   -17.545 1.00 41.46 ? 316 HOH A O   1 
HETATM 1557 O  O   . HOH D 4 .   ? 2.350   -3.089  2.523   1.00 28.66 ? 317 HOH A O   1 
HETATM 1558 O  O   . HOH D 4 .   ? -4.277  -23.744 5.188   1.00 27.63 ? 318 HOH A O   1 
HETATM 1559 O  O   . HOH D 4 .   ? 12.898  -21.254 8.556   1.00 29.59 ? 319 HOH A O   1 
HETATM 1560 O  O   . HOH D 4 .   ? 0.309   7.033   26.720  1.00 38.03 ? 320 HOH A O   1 
HETATM 1561 O  O   . HOH D 4 .   ? -13.393 15.393  -9.961  1.00 31.20 ? 321 HOH A O   1 
HETATM 1562 O  O   . HOH D 4 .   ? 1.825   -25.422 10.320  1.00 29.15 ? 322 HOH A O   1 
HETATM 1563 O  O   . HOH D 4 .   ? -9.367  17.286  2.950   1.00 39.24 ? 323 HOH A O   1 
HETATM 1564 O  O   . HOH D 4 .   ? -8.693  -1.677  20.785  1.00 31.02 ? 324 HOH A O   1 
HETATM 1565 O  O   . HOH D 4 .   ? -1.893  23.966  -7.624  1.00 36.55 ? 325 HOH A O   1 
HETATM 1566 O  O   . HOH D 4 .   ? -8.923  0.618   19.814  1.00 32.49 ? 326 HOH A O   1 
HETATM 1567 O  O   . HOH D 4 .   ? 16.938  -12.701 8.429   1.00 34.39 ? 327 HOH A O   1 
HETATM 1568 O  O   . HOH D 4 .   ? 10.302  -17.245 20.187  1.00 43.17 ? 328 HOH A O   1 
HETATM 1569 O  O   . HOH D 4 .   ? 5.789   -0.663  3.443   1.00 32.37 ? 329 HOH A O   1 
HETATM 1570 O  O   . HOH D 4 .   ? -8.222  15.185  2.917   1.00 46.64 ? 330 HOH A O   1 
HETATM 1571 O  O   . HOH D 4 .   ? 11.365  -5.547  -5.527  1.00 30.37 ? 331 HOH A O   1 
HETATM 1572 O  O   . HOH D 4 .   ? -17.909 4.128   -12.218 1.00 43.50 ? 332 HOH A O   1 
HETATM 1573 O  O   . HOH D 4 .   ? 4.490   -18.046 -5.524  1.00 33.02 ? 333 HOH A O   1 
HETATM 1574 O  O   . HOH D 4 .   ? -15.436 2.587   -15.283 1.00 31.77 ? 334 HOH A O   1 
HETATM 1575 O  O   . HOH D 4 .   ? -0.266  -26.791 10.832  1.00 45.79 ? 335 HOH A O   1 
HETATM 1576 O  O   . HOH D 4 .   ? -11.571 13.598  0.574   1.00 43.68 ? 336 HOH A O   1 
HETATM 1577 O  O   . HOH D 4 .   ? 1.276   -11.119 20.607  1.00 32.91 ? 337 HOH A O   1 
HETATM 1578 O  O   . HOH D 4 .   ? -9.727  -6.839  -10.494 1.00 38.52 ? 338 HOH A O   1 
HETATM 1579 O  O   . HOH D 4 .   ? 12.109  -23.555 8.998   1.00 53.58 ? 339 HOH A O   1 
HETATM 1580 O  O   . HOH D 4 .   ? 8.636   -11.783 18.017  1.00 30.83 ? 340 HOH A O   1 
HETATM 1581 O  O   . HOH D 4 .   ? -11.454 -6.998  -12.849 1.00 45.72 ? 341 HOH A O   1 
HETATM 1582 O  O   . HOH D 4 .   ? 11.894  19.555  -13.501 1.00 38.50 ? 342 HOH A O   1 
HETATM 1583 O  O   . HOH D 4 .   ? 16.778  -6.937  -1.475  1.00 38.04 ? 343 HOH A O   1 
HETATM 1584 O  O   . HOH D 4 .   ? -2.970  2.430   23.085  1.00 35.38 ? 344 HOH A O   1 
HETATM 1585 O  O   . HOH D 4 .   ? -10.943 -16.085 2.988   1.00 36.15 ? 345 HOH A O   1 
HETATM 1586 O  O   . HOH D 4 .   ? 13.986  -8.485  5.676   1.00 36.45 ? 346 HOH A O   1 
HETATM 1587 O  O   . HOH D 4 .   ? 10.989  -10.641 16.682  1.00 41.93 ? 347 HOH A O   1 
HETATM 1588 O  O   . HOH D 4 .   ? 0.585   1.942   -13.212 1.00 38.80 ? 348 HOH A O   1 
HETATM 1589 O  O   . HOH D 4 .   ? -9.346  21.100  0.601   1.00 41.34 ? 349 HOH A O   1 
HETATM 1590 O  O   . HOH D 4 .   ? 7.377   -18.164 5.254   1.00 28.77 ? 350 HOH A O   1 
HETATM 1591 O  O   . HOH D 4 .   ? 12.399  -7.838  -5.769  1.00 46.90 ? 351 HOH A O   1 
HETATM 1592 O  O   . HOH D 4 .   ? 10.408  0.736   15.013  1.00 33.62 ? 352 HOH A O   1 
HETATM 1593 O  O   . HOH D 4 .   ? -13.178 6.654   0.321   1.00 44.68 ? 353 HOH A O   1 
HETATM 1594 O  O   . HOH D 4 .   ? 11.587  -14.379 -1.814  1.00 38.28 ? 354 HOH A O   1 
HETATM 1595 O  O   . HOH D 4 .   ? 1.507   16.340  0.823   1.00 24.15 ? 355 HOH A O   1 
HETATM 1596 O  O   . HOH D 4 .   ? 6.394   9.692   -19.541 1.00 40.53 ? 356 HOH A O   1 
HETATM 1597 O  O   . HOH D 4 .   ? -10.050 -4.138  12.003  0.50 29.85 ? 357 HOH A O   1 
HETATM 1598 O  O   . HOH D 4 .   ? 6.330   -5.814  23.888  1.00 45.85 ? 358 HOH A O   1 
HETATM 1599 O  O   . HOH D 4 .   ? 12.585  -9.759  15.342  1.00 36.72 ? 359 HOH A O   1 
HETATM 1600 O  O   . HOH D 4 .   ? 11.085  -11.529 -3.135  1.00 35.57 ? 360 HOH A O   1 
HETATM 1601 O  O   . HOH D 4 .   ? -6.796  -13.926 -8.212  1.00 39.49 ? 361 HOH A O   1 
HETATM 1602 O  O   . HOH D 4 .   ? -17.092 18.864  -7.230  1.00 49.99 ? 362 HOH A O   1 
HETATM 1603 O  O   . HOH D 4 .   ? -13.950 -11.851 0.035   1.00 25.23 ? 363 HOH A O   1 
HETATM 1604 O  O   . HOH D 4 .   ? 1.065   4.070   -11.761 1.00 30.66 ? 364 HOH A O   1 
HETATM 1605 O  O   . HOH D 4 .   ? -5.339  -10.627 -10.413 1.00 29.26 ? 365 HOH A O   1 
HETATM 1606 O  O   . HOH D 4 .   ? 6.994   -6.102  -7.258  1.00 41.64 ? 366 HOH A O   1 
HETATM 1607 O  O   . HOH D 4 .   ? 8.246   3.402   15.929  1.00 40.38 ? 367 HOH A O   1 
HETATM 1608 O  O   . HOH D 4 .   ? -19.757 2.411   -13.309 1.00 41.92 ? 368 HOH A O   1 
HETATM 1609 O  O   . HOH D 4 .   ? 12.475  -9.812  19.727  1.00 38.10 ? 369 HOH A O   1 
HETATM 1610 O  O   . HOH D 4 .   ? 6.152   12.341  -19.900 1.00 42.95 ? 370 HOH A O   1 
HETATM 1611 O  O   . HOH D 4 .   ? -12.406 16.690  -2.023  1.00 52.08 ? 371 HOH A O   1 
HETATM 1612 O  O   . HOH D 4 .   ? -12.039 18.880  -11.636 1.00 34.11 ? 372 HOH A O   1 
HETATM 1613 O  O   . HOH D 4 .   ? 11.064  -1.659  11.867  1.00 53.90 ? 373 HOH A O   1 
HETATM 1614 O  O   . HOH D 4 .   ? -16.480 3.088   -4.045  1.00 39.72 ? 374 HOH A O   1 
HETATM 1615 O  O   . HOH D 4 .   ? -6.388  11.486  1.753   1.00 36.79 ? 375 HOH A O   1 
HETATM 1616 O  O   . HOH D 4 .   ? -1.917  14.528  -27.516 1.00 45.36 ? 376 HOH A O   1 
HETATM 1617 O  O   . HOH D 4 .   ? 19.775  -14.450 6.481   1.00 43.08 ? 377 HOH A O   1 
HETATM 1618 O  O   . HOH D 4 .   ? 7.837   13.732  -20.595 1.00 40.69 ? 378 HOH A O   1 
HETATM 1619 O  O   . HOH D 4 .   ? -5.236  12.349  8.449   1.00 48.02 ? 379 HOH A O   1 
HETATM 1620 O  O   . HOH D 4 .   ? 3.937   0.686   25.787  1.00 48.97 ? 380 HOH A O   1 
HETATM 1621 O  O   . HOH D 4 .   ? -4.823  -4.200  16.654  1.00 17.05 ? 381 HOH A O   1 
HETATM 1622 O  O   . HOH D 4 .   ? 0.914   -24.622 2.918   1.00 32.18 ? 382 HOH A O   1 
HETATM 1623 O  O   . HOH D 4 .   ? -1.873  3.436   -14.911 1.00 44.67 ? 383 HOH A O   1 
HETATM 1624 O  O   . HOH D 4 .   ? 0.496   -24.416 0.194   0.50 42.45 ? 384 HOH A O   1 
HETATM 1625 O  O   . HOH D 4 .   ? -9.714  24.163  -6.055  1.00 46.56 ? 385 HOH A O   1 
HETATM 1626 O  O   . HOH D 4 .   ? 1.196   -27.057 4.128   1.00 41.23 ? 386 HOH A O   1 
HETATM 1627 O  O   . HOH D 4 .   ? 8.694   12.474  -3.282  1.00 39.69 ? 387 HOH A O   1 
HETATM 1628 O  O   . HOH D 4 .   ? -0.150  -18.811 17.955  0.50 40.00 ? 388 HOH A O   1 
HETATM 1629 O  O   . HOH D 4 .   ? -8.303  -7.598  -4.793  1.00 33.36 ? 389 HOH A O   1 
HETATM 1630 O  O   . HOH D 4 .   ? 5.571   -4.028  -8.062  1.00 36.55 ? 390 HOH A O   1 
HETATM 1631 O  O   . HOH D 4 .   ? -2.879  5.511   16.413  1.00 41.16 ? 391 HOH A O   1 
HETATM 1632 O  O   . HOH D 4 .   ? -3.266  -2.477  -13.061 1.00 50.17 ? 392 HOH A O   1 
HETATM 1633 O  O   . HOH D 4 .   ? -3.757  -2.119  -0.507  1.00 44.84 ? 393 HOH A O   1 
HETATM 1634 O  O   . HOH D 4 .   ? -6.576  -2.016  -1.815  1.00 41.35 ? 394 HOH A O   1 
HETATM 1635 O  O   . HOH D 4 .   ? 9.633   -7.352  21.381  1.00 50.70 ? 395 HOH A O   1 
HETATM 1636 O  O   . HOH D 4 .   ? -15.993 0.331   -3.849  1.00 34.29 ? 396 HOH A O   1 
HETATM 1637 O  O   . HOH D 4 .   ? -4.827  -3.372  5.295   1.00 46.12 ? 397 HOH A O   1 
HETATM 1638 O  O   . HOH D 4 .   ? -1.535  -19.108 13.802  1.00 52.89 ? 398 HOH A O   1 
HETATM 1639 O  O   . HOH D 4 .   ? -4.381  10.954  -23.747 1.00 48.69 ? 399 HOH A O   1 
HETATM 1640 O  O   . HOH D 4 .   ? -0.220  7.166   4.279   1.00 36.99 ? 400 HOH A O   1 
HETATM 1641 O  O   . HOH D 4 .   ? 10.395  -20.663 3.544   1.00 43.51 ? 401 HOH A O   1 
HETATM 1642 O  O   . HOH D 4 .   ? 15.319  13.566  -8.827  1.00 42.87 ? 402 HOH A O   1 
HETATM 1643 O  O   . HOH D 4 .   ? -6.899  4.664   21.334  1.00 41.38 ? 403 HOH A O   1 
HETATM 1644 O  O   . HOH D 4 .   ? 5.656   8.810   4.819   1.00 45.89 ? 404 HOH A O   1 
HETATM 1645 O  O   . HOH D 4 .   ? 10.951  -25.601 10.617  1.00 56.93 ? 405 HOH A O   1 
HETATM 1646 O  O   . HOH D 4 .   ? -9.544  1.239   11.052  1.00 46.14 ? 406 HOH A O   1 
HETATM 1647 O  O   . HOH D 4 .   ? -5.930  -16.300 -10.011 1.00 36.06 ? 407 HOH A O   1 
HETATM 1648 O  O   . HOH D 4 .   ? 14.026  -18.592 2.261   1.00 55.83 ? 408 HOH A O   1 
HETATM 1649 O  O   . HOH D 4 .   ? -9.706  -8.592  -8.311  1.00 42.06 ? 409 HOH A O   1 
HETATM 1650 O  O   . HOH D 4 .   ? 0.372   -26.981 13.560  1.00 50.40 ? 410 HOH A O   1 
HETATM 1651 O  O   . HOH D 4 .   ? 8.203   15.634  -1.647  1.00 45.69 ? 411 HOH A O   1 
# 
